data_2FAL
# 
_entry.id   2FAL 
# 
_audit_conform.dict_name       mmcif_pdbx.dic 
_audit_conform.dict_version    5.398 
_audit_conform.dict_location   http://mmcif.pdb.org/dictionaries/ascii/mmcif_pdbx.dic 
# 
loop_
_database_2.database_id 
_database_2.database_code 
_database_2.pdbx_database_accession 
_database_2.pdbx_DOI 
PDB   2FAL         pdb_00002fal 10.2210/pdb2fal/pdb 
WWPDB D_1000178076 ?            ?                   
# 
loop_
_pdbx_audit_revision_history.ordinal 
_pdbx_audit_revision_history.data_content_type 
_pdbx_audit_revision_history.major_revision 
_pdbx_audit_revision_history.minor_revision 
_pdbx_audit_revision_history.revision_date 
1 'Structure model' 1 0 1993-10-31 
2 'Structure model' 1 1 2008-03-24 
3 'Structure model' 1 2 2011-07-13 
4 'Structure model' 1 3 2024-06-05 
5 'Structure model' 1 4 2024-10-30 
# 
_pdbx_audit_revision_details.ordinal             1 
_pdbx_audit_revision_details.revision_ordinal    1 
_pdbx_audit_revision_details.data_content_type   'Structure model' 
_pdbx_audit_revision_details.provider            repository 
_pdbx_audit_revision_details.type                'Initial release' 
_pdbx_audit_revision_details.description         ? 
_pdbx_audit_revision_details.details             ? 
# 
loop_
_pdbx_audit_revision_group.ordinal 
_pdbx_audit_revision_group.revision_ordinal 
_pdbx_audit_revision_group.data_content_type 
_pdbx_audit_revision_group.group 
1 2 'Structure model' 'Version format compliance' 
2 3 'Structure model' 'Version format compliance' 
3 4 'Structure model' 'Data collection'           
4 4 'Structure model' 'Database references'       
5 4 'Structure model' 'Derived calculations'      
6 4 'Structure model' Other                       
7 5 'Structure model' 'Structure summary'         
# 
loop_
_pdbx_audit_revision_category.ordinal 
_pdbx_audit_revision_category.revision_ordinal 
_pdbx_audit_revision_category.data_content_type 
_pdbx_audit_revision_category.category 
1  4 'Structure model' chem_comp_atom            
2  4 'Structure model' chem_comp_bond            
3  4 'Structure model' database_2                
4  4 'Structure model' pdbx_database_status      
5  4 'Structure model' pdbx_struct_conn_angle    
6  4 'Structure model' struct_conn               
7  4 'Structure model' struct_conn_type          
8  4 'Structure model' struct_ref_seq_dif        
9  4 'Structure model' struct_site               
10 5 'Structure model' pdbx_entry_details        
11 5 'Structure model' pdbx_modification_feature 
# 
loop_
_pdbx_audit_revision_item.ordinal 
_pdbx_audit_revision_item.revision_ordinal 
_pdbx_audit_revision_item.data_content_type 
_pdbx_audit_revision_item.item 
1  4 'Structure model' '_database_2.pdbx_DOI'                         
2  4 'Structure model' '_database_2.pdbx_database_accession'          
3  4 'Structure model' '_pdbx_database_status.process_site'           
4  4 'Structure model' '_pdbx_struct_conn_angle.ptnr1_auth_comp_id'   
5  4 'Structure model' '_pdbx_struct_conn_angle.ptnr1_auth_seq_id'    
6  4 'Structure model' '_pdbx_struct_conn_angle.ptnr1_label_asym_id'  
7  4 'Structure model' '_pdbx_struct_conn_angle.ptnr1_label_atom_id'  
8  4 'Structure model' '_pdbx_struct_conn_angle.ptnr1_label_comp_id'  
9  4 'Structure model' '_pdbx_struct_conn_angle.ptnr1_label_seq_id'   
10 4 'Structure model' '_pdbx_struct_conn_angle.ptnr3_auth_comp_id'   
11 4 'Structure model' '_pdbx_struct_conn_angle.ptnr3_auth_seq_id'    
12 4 'Structure model' '_pdbx_struct_conn_angle.ptnr3_label_asym_id'  
13 4 'Structure model' '_pdbx_struct_conn_angle.ptnr3_label_atom_id'  
14 4 'Structure model' '_pdbx_struct_conn_angle.ptnr3_label_comp_id'  
15 4 'Structure model' '_pdbx_struct_conn_angle.ptnr3_label_seq_id'   
16 4 'Structure model' '_pdbx_struct_conn_angle.value'                
17 4 'Structure model' '_struct_conn.conn_type_id'                    
18 4 'Structure model' '_struct_conn.id'                              
19 4 'Structure model' '_struct_conn.pdbx_dist_value'                 
20 4 'Structure model' '_struct_conn.pdbx_leaving_atom_flag'          
21 4 'Structure model' '_struct_conn.ptnr1_auth_comp_id'              
22 4 'Structure model' '_struct_conn.ptnr1_auth_seq_id'               
23 4 'Structure model' '_struct_conn.ptnr1_label_asym_id'             
24 4 'Structure model' '_struct_conn.ptnr1_label_atom_id'             
25 4 'Structure model' '_struct_conn.ptnr1_label_comp_id'             
26 4 'Structure model' '_struct_conn.ptnr1_label_seq_id'              
27 4 'Structure model' '_struct_conn.ptnr2_auth_comp_id'              
28 4 'Structure model' '_struct_conn.ptnr2_auth_seq_id'               
29 4 'Structure model' '_struct_conn.ptnr2_label_asym_id'             
30 4 'Structure model' '_struct_conn.ptnr2_label_atom_id'             
31 4 'Structure model' '_struct_conn.ptnr2_label_comp_id'             
32 4 'Structure model' '_struct_conn.ptnr2_label_seq_id'              
33 4 'Structure model' '_struct_conn_type.id'                         
34 4 'Structure model' '_struct_ref_seq_dif.details'                  
35 4 'Structure model' '_struct_site.pdbx_auth_asym_id'               
36 4 'Structure model' '_struct_site.pdbx_auth_comp_id'               
37 4 'Structure model' '_struct_site.pdbx_auth_seq_id'                
38 5 'Structure model' '_pdbx_entry_details.has_protein_modification' 
# 
_pdbx_database_status.status_code                     REL 
_pdbx_database_status.entry_id                        2FAL 
_pdbx_database_status.recvd_initial_deposition_date   1993-06-14 
_pdbx_database_status.deposit_site                    ? 
_pdbx_database_status.process_site                    BNL 
_pdbx_database_status.SG_entry                        . 
_pdbx_database_status.pdb_format_compatible           Y 
_pdbx_database_status.status_code_mr                  ? 
_pdbx_database_status.status_code_sf                  REL 
_pdbx_database_status.status_code_cs                  ? 
_pdbx_database_status.status_code_nmr_data            ? 
_pdbx_database_status.methods_development_category    ? 
# 
loop_
_audit_author.name 
_audit_author.pdbx_ordinal 
'Conti, E.'     1 
'Moser, C.'     2 
'Rizzi, M.'     3 
'Mattevi, A.'   4 
'Lionetti, C.'  5 
'Coda, A.'      6 
'Ascenzi, P.'   7 
'Brunori, M.'   8 
'Bolognesi, M.' 9 
# 
loop_
_citation.id 
_citation.title 
_citation.journal_abbrev 
_citation.journal_volume 
_citation.page_first 
_citation.page_last 
_citation.year 
_citation.journal_id_ASTM 
_citation.country 
_citation.journal_id_ISSN 
_citation.journal_id_CSD 
_citation.book_publisher 
_citation.pdbx_database_id_PubMed 
_citation.pdbx_database_id_DOI 
primary 'X-ray crystal structure of ferric Aplysia limacina myoglobin in different liganded states.' J.Mol.Biol. 233 498 508 1993 
JMOBAK UK 0022-2836     0070 ?                           8411158 10.1006/jmbi.1993.1527 
1       'X-Ray Crystal Structure of the Ferric Sperm Whale Myoglobin: Imidazole Complex at 2.0 Angstroms Resolution' J.Mol.Biol. 
217 409 ?   1991 JMOBAK UK 0022-2836     0070 ?                           ?       ?                      
2       'Aplysia Limacina Myoglobin: Molecular Bases for Ligand Binding' 'Structure and Function of Invertebrate Oxygen Carriers' 
?   161 ?   1991 ?      ?  0-387-97585-3 0793 'Springer Verlag, New York' ?       ?                      
3       'Binding Mode of Azide to Ferric Aplysia Limacina Myoglobin: Crystallographic Analysis at 1.9 Angstroms Resolution' 
J.Mol.Recog.                                             4   1   ?   1991 JMORE4 UK 0952-3499     0814 ?                           
?       ?                      
4       
;X-Ray Crystal Structure of the Fluoride Derivative of Aplysia Limacina Myoglobin at 2.0 Angstroms Resolution: Stabilization of the Fluoride by Hydrogen Bonding to Arg66 (E10)
;
J.Mol.Biol.                                              213 621 ?   1990 JMOBAK UK 0022-2836     0070 ?                           
?       ?                      
5       'Aplysia Limacina Myoglobin. Crystallographic Analysis at 1.6 Angstroms Resolution' J.Mol.Biol. 205 529 ?   1989 JMOBAK UK 
0022-2836     0070 ?                           ?       ?                      
6       'Reactivity of Ferric Aplysia and Sperm Whale Myoglobins Towards Imidazole. X-Ray and Binding Study' J.Mol.Biol. 158 305 ? 
1982 JMOBAK UK 0022-2836     0070 ?                           ?       ?                      
# 
loop_
_citation_author.citation_id 
_citation_author.name 
_citation_author.ordinal 
_citation_author.identifier_ORCID 
primary 'Conti, E.'        1  ? 
primary 'Moser, C.'        2  ? 
primary 'Rizzi, M.'        3  ? 
primary 'Mattevi, A.'      4  ? 
primary 'Lionetti, C.'     5  ? 
primary 'Coda, A.'         6  ? 
primary 'Ascenzi, P.'      7  ? 
primary 'Brunori, M.'      8  ? 
primary 'Bolognesi, M.'    9  ? 
1       'Lionetti, C.'     10 ? 
1       'Guanziroli, M.G.' 11 ? 
1       'Frigerio, F.'     12 ? 
1       'Ascenzi, P.'      13 ? 
1       'Bolognesi, M.'    14 ? 
2       'Bolognesi, M.'    15 ? 
2       'Frigerio, F.'     16 ? 
2       'Lionetti, C.'     17 ? 
2       'Rizzi, M.'        18 ? 
2       'Ascenzi, P.'      19 ? 
2       'Brunori, M.'      20 ? 
3       'Mattevi, A.'      21 ? 
3       'Gatti, G.'        22 ? 
3       'Coda, A.'         23 ? 
3       'Rizzi, M.'        24 ? 
3       'Ascenzi, P.'      25 ? 
3       'Brunori, M.'      26 ? 
3       'Bolognesi, M.'    27 ? 
4       'Bolognesi, M.'    28 ? 
4       'Coda, A.'         29 ? 
4       'Frigerio, F.'     30 ? 
4       'Gatti, G.'        31 ? 
4       'Ascenzi, P.'      32 ? 
4       'Brunori, M.'      33 ? 
5       'Bolognesi, M.'    34 ? 
5       'Onesti, S.'       35 ? 
5       'Gatti, G.'        36 ? 
5       'Coda, A.'         37 ? 
5       'Ascenzi, P.'      38 ? 
5       'Brunori, M.'      39 ? 
6       'Bolognesi, M.'    40 ? 
6       'Cannillo, E.'     41 ? 
6       'Ascenzi, P.'      42 ? 
6       'Giacometti, G.M.' 43 ? 
6       'Merli, A.'        44 ? 
6       'Brunori, M.'      45 ? 
# 
loop_
_citation_editor.citation_id 
_citation_editor.name 
_citation_editor.ordinal 
2 'Vinogradov, S.N.' 1 
2 'Kapp, O.H.'       2 
# 
loop_
_entity.id 
_entity.type 
_entity.src_method 
_entity.pdbx_description 
_entity.formula_weight 
_entity.pdbx_number_of_molecules 
_entity.pdbx_ec 
_entity.pdbx_mutation 
_entity.pdbx_fragment 
_entity.details 
1 polymer     man MYOGLOBIN                         15349.438 1  ? ? ? ? 
2 non-polymer syn 'CYANIDE ION'                     26.017    1  ? ? ? ? 
3 non-polymer syn 'PROTOPORPHYRIN IX CONTAINING FE' 616.487   1  ? ? ? ? 
4 water       nat water                             18.015    88 ? ? ? ? 
# 
_entity_poly.entity_id                      1 
_entity_poly.type                           'polypeptide(L)' 
_entity_poly.nstd_linkage                   no 
_entity_poly.nstd_monomer                   yes 
_entity_poly.pdbx_seq_one_letter_code       
;(ACE)SLSAAEADLAGKSWAPVFANKNANGLDFLVALFEKFPDSANFFADFKGKSVADIKASPKLRDVSSRIFTRLNEFV
NNAANAGKMSAMLSQFAKEHVGFGVGSAQFENVRSMFPGFVASVAAPPAGADAAWTKLFGLIIDALKAAGA
;
_entity_poly.pdbx_seq_one_letter_code_can   
;XSLSAAEADLAGKSWAPVFANKNANGLDFLVALFEKFPDSANFFADFKGKSVADIKASPKLRDVSSRIFTRLNEFVNNAA
NAGKMSAMLSQFAKEHVGFGVGSAQFENVRSMFPGFVASVAAPPAGADAAWTKLFGLIIDALKAAGA
;
_entity_poly.pdbx_strand_id                 A 
_entity_poly.pdbx_target_identifier         ? 
# 
loop_
_pdbx_entity_nonpoly.entity_id 
_pdbx_entity_nonpoly.name 
_pdbx_entity_nonpoly.comp_id 
2 'CYANIDE ION'                     CYN 
3 'PROTOPORPHYRIN IX CONTAINING FE' HEM 
4 water                             HOH 
# 
loop_
_entity_poly_seq.entity_id 
_entity_poly_seq.num 
_entity_poly_seq.mon_id 
_entity_poly_seq.hetero 
1 1   ACE n 
1 2   SER n 
1 3   LEU n 
1 4   SER n 
1 5   ALA n 
1 6   ALA n 
1 7   GLU n 
1 8   ALA n 
1 9   ASP n 
1 10  LEU n 
1 11  ALA n 
1 12  GLY n 
1 13  LYS n 
1 14  SER n 
1 15  TRP n 
1 16  ALA n 
1 17  PRO n 
1 18  VAL n 
1 19  PHE n 
1 20  ALA n 
1 21  ASN n 
1 22  LYS n 
1 23  ASN n 
1 24  ALA n 
1 25  ASN n 
1 26  GLY n 
1 27  LEU n 
1 28  ASP n 
1 29  PHE n 
1 30  LEU n 
1 31  VAL n 
1 32  ALA n 
1 33  LEU n 
1 34  PHE n 
1 35  GLU n 
1 36  LYS n 
1 37  PHE n 
1 38  PRO n 
1 39  ASP n 
1 40  SER n 
1 41  ALA n 
1 42  ASN n 
1 43  PHE n 
1 44  PHE n 
1 45  ALA n 
1 46  ASP n 
1 47  PHE n 
1 48  LYS n 
1 49  GLY n 
1 50  LYS n 
1 51  SER n 
1 52  VAL n 
1 53  ALA n 
1 54  ASP n 
1 55  ILE n 
1 56  LYS n 
1 57  ALA n 
1 58  SER n 
1 59  PRO n 
1 60  LYS n 
1 61  LEU n 
1 62  ARG n 
1 63  ASP n 
1 64  VAL n 
1 65  SER n 
1 66  SER n 
1 67  ARG n 
1 68  ILE n 
1 69  PHE n 
1 70  THR n 
1 71  ARG n 
1 72  LEU n 
1 73  ASN n 
1 74  GLU n 
1 75  PHE n 
1 76  VAL n 
1 77  ASN n 
1 78  ASN n 
1 79  ALA n 
1 80  ALA n 
1 81  ASN n 
1 82  ALA n 
1 83  GLY n 
1 84  LYS n 
1 85  MET n 
1 86  SER n 
1 87  ALA n 
1 88  MET n 
1 89  LEU n 
1 90  SER n 
1 91  GLN n 
1 92  PHE n 
1 93  ALA n 
1 94  LYS n 
1 95  GLU n 
1 96  HIS n 
1 97  VAL n 
1 98  GLY n 
1 99  PHE n 
1 100 GLY n 
1 101 VAL n 
1 102 GLY n 
1 103 SER n 
1 104 ALA n 
1 105 GLN n 
1 106 PHE n 
1 107 GLU n 
1 108 ASN n 
1 109 VAL n 
1 110 ARG n 
1 111 SER n 
1 112 MET n 
1 113 PHE n 
1 114 PRO n 
1 115 GLY n 
1 116 PHE n 
1 117 VAL n 
1 118 ALA n 
1 119 SER n 
1 120 VAL n 
1 121 ALA n 
1 122 ALA n 
1 123 PRO n 
1 124 PRO n 
1 125 ALA n 
1 126 GLY n 
1 127 ALA n 
1 128 ASP n 
1 129 ALA n 
1 130 ALA n 
1 131 TRP n 
1 132 THR n 
1 133 LYS n 
1 134 LEU n 
1 135 PHE n 
1 136 GLY n 
1 137 LEU n 
1 138 ILE n 
1 139 ILE n 
1 140 ASP n 
1 141 ALA n 
1 142 LEU n 
1 143 LYS n 
1 144 ALA n 
1 145 ALA n 
1 146 GLY n 
1 147 ALA n 
# 
_entity_src_gen.entity_id                          1 
_entity_src_gen.pdbx_src_id                        1 
_entity_src_gen.pdbx_alt_source_flag               sample 
_entity_src_gen.pdbx_seq_type                      ? 
_entity_src_gen.pdbx_beg_seq_num                   ? 
_entity_src_gen.pdbx_end_seq_num                   ? 
_entity_src_gen.gene_src_common_name               'slug sea hare' 
_entity_src_gen.gene_src_genus                     Aplysia 
_entity_src_gen.pdbx_gene_src_gene                 ? 
_entity_src_gen.gene_src_species                   ? 
_entity_src_gen.gene_src_strain                    ? 
_entity_src_gen.gene_src_tissue                    ? 
_entity_src_gen.gene_src_tissue_fraction           ? 
_entity_src_gen.gene_src_details                   ? 
_entity_src_gen.pdbx_gene_src_fragment             ? 
_entity_src_gen.pdbx_gene_src_scientific_name      'Aplysia limacina' 
_entity_src_gen.pdbx_gene_src_ncbi_taxonomy_id     6502 
_entity_src_gen.pdbx_gene_src_variant              ? 
_entity_src_gen.pdbx_gene_src_cell_line            ? 
_entity_src_gen.pdbx_gene_src_atcc                 ? 
_entity_src_gen.pdbx_gene_src_organ                ? 
_entity_src_gen.pdbx_gene_src_organelle            ? 
_entity_src_gen.pdbx_gene_src_cell                 ? 
_entity_src_gen.pdbx_gene_src_cellular_location    ? 
_entity_src_gen.host_org_common_name               ? 
_entity_src_gen.pdbx_host_org_scientific_name      ? 
_entity_src_gen.pdbx_host_org_ncbi_taxonomy_id     ? 
_entity_src_gen.host_org_genus                     ? 
_entity_src_gen.pdbx_host_org_gene                 ? 
_entity_src_gen.pdbx_host_org_organ                ? 
_entity_src_gen.host_org_species                   ? 
_entity_src_gen.pdbx_host_org_tissue               ? 
_entity_src_gen.pdbx_host_org_tissue_fraction      ? 
_entity_src_gen.pdbx_host_org_strain               ? 
_entity_src_gen.pdbx_host_org_variant              ? 
_entity_src_gen.pdbx_host_org_cell_line            ? 
_entity_src_gen.pdbx_host_org_atcc                 ? 
_entity_src_gen.pdbx_host_org_culture_collection   ? 
_entity_src_gen.pdbx_host_org_cell                 ? 
_entity_src_gen.pdbx_host_org_organelle            ? 
_entity_src_gen.pdbx_host_org_cellular_location    ? 
_entity_src_gen.pdbx_host_org_vector_type          ? 
_entity_src_gen.pdbx_host_org_vector               ? 
_entity_src_gen.host_org_details                   ? 
_entity_src_gen.expression_system_id               ? 
_entity_src_gen.plasmid_name                       ? 
_entity_src_gen.plasmid_details                    ? 
_entity_src_gen.pdbx_description                   ? 
# 
loop_
_chem_comp.id 
_chem_comp.type 
_chem_comp.mon_nstd_flag 
_chem_comp.name 
_chem_comp.pdbx_synonyms 
_chem_comp.formula 
_chem_comp.formula_weight 
ACE non-polymer         . 'ACETYL GROUP'                    ?    'C2 H4 O'          44.053  
ALA 'L-peptide linking' y ALANINE                           ?    'C3 H7 N O2'       89.093  
ARG 'L-peptide linking' y ARGININE                          ?    'C6 H15 N4 O2 1'   175.209 
ASN 'L-peptide linking' y ASPARAGINE                        ?    'C4 H8 N2 O3'      132.118 
ASP 'L-peptide linking' y 'ASPARTIC ACID'                   ?    'C4 H7 N O4'       133.103 
CYN non-polymer         . 'CYANIDE ION'                     ?    'C N -1'           26.017  
GLN 'L-peptide linking' y GLUTAMINE                         ?    'C5 H10 N2 O3'     146.144 
GLU 'L-peptide linking' y 'GLUTAMIC ACID'                   ?    'C5 H9 N O4'       147.129 
GLY 'peptide linking'   y GLYCINE                           ?    'C2 H5 N O2'       75.067  
HEM non-polymer         . 'PROTOPORPHYRIN IX CONTAINING FE' HEME 'C34 H32 Fe N4 O4' 616.487 
HIS 'L-peptide linking' y HISTIDINE                         ?    'C6 H10 N3 O2 1'   156.162 
HOH non-polymer         . WATER                             ?    'H2 O'             18.015  
ILE 'L-peptide linking' y ISOLEUCINE                        ?    'C6 H13 N O2'      131.173 
LEU 'L-peptide linking' y LEUCINE                           ?    'C6 H13 N O2'      131.173 
LYS 'L-peptide linking' y LYSINE                            ?    'C6 H15 N2 O2 1'   147.195 
MET 'L-peptide linking' y METHIONINE                        ?    'C5 H11 N O2 S'    149.211 
PHE 'L-peptide linking' y PHENYLALANINE                     ?    'C9 H11 N O2'      165.189 
PRO 'L-peptide linking' y PROLINE                           ?    'C5 H9 N O2'       115.130 
SER 'L-peptide linking' y SERINE                            ?    'C3 H7 N O3'       105.093 
THR 'L-peptide linking' y THREONINE                         ?    'C4 H9 N O3'       119.119 
TRP 'L-peptide linking' y TRYPTOPHAN                        ?    'C11 H12 N2 O2'    204.225 
VAL 'L-peptide linking' y VALINE                            ?    'C5 H11 N O2'      117.146 
# 
loop_
_pdbx_poly_seq_scheme.asym_id 
_pdbx_poly_seq_scheme.entity_id 
_pdbx_poly_seq_scheme.seq_id 
_pdbx_poly_seq_scheme.mon_id 
_pdbx_poly_seq_scheme.ndb_seq_num 
_pdbx_poly_seq_scheme.pdb_seq_num 
_pdbx_poly_seq_scheme.auth_seq_num 
_pdbx_poly_seq_scheme.pdb_mon_id 
_pdbx_poly_seq_scheme.auth_mon_id 
_pdbx_poly_seq_scheme.pdb_strand_id 
_pdbx_poly_seq_scheme.pdb_ins_code 
_pdbx_poly_seq_scheme.hetero 
A 1 1   ACE 1   0   0   ACE ACE A . n 
A 1 2   SER 2   1   1   SER SER A . n 
A 1 3   LEU 3   2   2   LEU LEU A . n 
A 1 4   SER 4   3   3   SER SER A . n 
A 1 5   ALA 5   4   4   ALA ALA A . n 
A 1 6   ALA 6   5   5   ALA ALA A . n 
A 1 7   GLU 7   6   6   GLU GLU A . n 
A 1 8   ALA 8   7   7   ALA ALA A . n 
A 1 9   ASP 9   8   8   ASP ASP A . n 
A 1 10  LEU 10  9   9   LEU LEU A . n 
A 1 11  ALA 11  10  10  ALA ALA A . n 
A 1 12  GLY 12  11  11  GLY GLY A . n 
A 1 13  LYS 13  12  12  LYS LYS A . n 
A 1 14  SER 14  13  13  SER SER A . n 
A 1 15  TRP 15  14  14  TRP TRP A . n 
A 1 16  ALA 16  15  15  ALA ALA A . n 
A 1 17  PRO 17  16  16  PRO PRO A . n 
A 1 18  VAL 18  17  17  VAL VAL A . n 
A 1 19  PHE 19  18  18  PHE PHE A . n 
A 1 20  ALA 20  19  19  ALA ALA A . n 
A 1 21  ASN 21  20  20  ASN ASN A . n 
A 1 22  LYS 22  21  21  LYS LYS A . n 
A 1 23  ASN 23  22  22  ASN ASN A . n 
A 1 24  ALA 24  23  23  ALA ALA A . n 
A 1 25  ASN 25  24  24  ASN ASN A . n 
A 1 26  GLY 26  25  25  GLY GLY A . n 
A 1 27  LEU 27  26  26  LEU LEU A . n 
A 1 28  ASP 28  27  27  ASP ASP A . n 
A 1 29  PHE 29  28  28  PHE PHE A . n 
A 1 30  LEU 30  29  29  LEU LEU A . n 
A 1 31  VAL 31  30  30  VAL VAL A . n 
A 1 32  ALA 32  31  31  ALA ALA A . n 
A 1 33  LEU 33  32  32  LEU LEU A . n 
A 1 34  PHE 34  33  33  PHE PHE A . n 
A 1 35  GLU 35  34  34  GLU GLU A . n 
A 1 36  LYS 36  35  35  LYS LYS A . n 
A 1 37  PHE 37  36  36  PHE PHE A . n 
A 1 38  PRO 38  37  37  PRO PRO A . n 
A 1 39  ASP 39  38  38  ASP ASP A . n 
A 1 40  SER 40  39  39  SER SER A . n 
A 1 41  ALA 41  40  40  ALA ALA A . n 
A 1 42  ASN 42  41  41  ASN ASN A . n 
A 1 43  PHE 43  42  42  PHE PHE A . n 
A 1 44  PHE 44  43  43  PHE PHE A . n 
A 1 45  ALA 45  44  44  ALA ALA A . n 
A 1 46  ASP 46  45  45  ASP ASP A . n 
A 1 47  PHE 47  46  46  PHE PHE A . n 
A 1 48  LYS 48  47  47  LYS LYS A . n 
A 1 49  GLY 49  48  48  GLY GLY A . n 
A 1 50  LYS 50  49  49  LYS LYS A . n 
A 1 51  SER 51  50  50  SER SER A . n 
A 1 52  VAL 52  51  51  VAL VAL A . n 
A 1 53  ALA 53  52  52  ALA ALA A . n 
A 1 54  ASP 54  53  53  ASP ASP A . n 
A 1 55  ILE 55  54  54  ILE ILE A . n 
A 1 56  LYS 56  55  55  LYS LYS A . n 
A 1 57  ALA 57  56  56  ALA ALA A . n 
A 1 58  SER 58  57  57  SER SER A . n 
A 1 59  PRO 59  58  58  PRO PRO A . n 
A 1 60  LYS 60  59  59  LYS LYS A . n 
A 1 61  LEU 61  60  60  LEU LEU A . n 
A 1 62  ARG 62  61  61  ARG ARG A . n 
A 1 63  ASP 63  62  62  ASP ASP A . n 
A 1 64  VAL 64  63  63  VAL VAL A . n 
A 1 65  SER 65  64  64  SER SER A . n 
A 1 66  SER 66  65  65  SER SER A . n 
A 1 67  ARG 67  66  66  ARG ARG A . n 
A 1 68  ILE 68  67  67  ILE ILE A . n 
A 1 69  PHE 69  68  68  PHE PHE A . n 
A 1 70  THR 70  69  69  THR THR A . n 
A 1 71  ARG 71  70  70  ARG ARG A . n 
A 1 72  LEU 72  71  71  LEU LEU A . n 
A 1 73  ASN 73  72  72  ASN ASN A . n 
A 1 74  GLU 74  73  73  GLU GLU A . n 
A 1 75  PHE 75  74  74  PHE PHE A . n 
A 1 76  VAL 76  75  75  VAL VAL A . n 
A 1 77  ASN 77  76  76  ASN ASN A . n 
A 1 78  ASN 78  77  77  ASN ASN A . n 
A 1 79  ALA 79  78  78  ALA ALA A . n 
A 1 80  ALA 80  79  79  ALA ALA A . n 
A 1 81  ASN 81  80  80  ASN ASN A . n 
A 1 82  ALA 82  81  81  ALA ALA A . n 
A 1 83  GLY 83  82  82  GLY GLY A . n 
A 1 84  LYS 84  83  83  LYS LYS A . n 
A 1 85  MET 85  84  84  MET MET A . n 
A 1 86  SER 86  85  85  SER SER A . n 
A 1 87  ALA 87  86  86  ALA ALA A . n 
A 1 88  MET 88  87  87  MET MET A . n 
A 1 89  LEU 89  88  88  LEU LEU A . n 
A 1 90  SER 90  89  89  SER SER A . n 
A 1 91  GLN 91  90  90  GLN GLN A . n 
A 1 92  PHE 92  91  91  PHE PHE A . n 
A 1 93  ALA 93  92  92  ALA ALA A . n 
A 1 94  LYS 94  93  93  LYS LYS A . n 
A 1 95  GLU 95  94  94  GLU GLU A . n 
A 1 96  HIS 96  95  95  HIS HIS A . n 
A 1 97  VAL 97  96  96  VAL VAL A . n 
A 1 98  GLY 98  97  97  GLY GLY A . n 
A 1 99  PHE 99  98  98  PHE PHE A . n 
A 1 100 GLY 100 99  99  GLY GLY A . n 
A 1 101 VAL 101 100 100 VAL VAL A . n 
A 1 102 GLY 102 101 101 GLY GLY A . n 
A 1 103 SER 103 102 102 SER SER A . n 
A 1 104 ALA 104 103 103 ALA ALA A . n 
A 1 105 GLN 105 104 104 GLN GLN A . n 
A 1 106 PHE 106 105 105 PHE PHE A . n 
A 1 107 GLU 107 106 106 GLU GLU A . n 
A 1 108 ASN 108 107 107 ASN ASN A . n 
A 1 109 VAL 109 108 108 VAL VAL A . n 
A 1 110 ARG 110 109 109 ARG ARG A . n 
A 1 111 SER 111 110 110 SER SER A . n 
A 1 112 MET 112 111 111 MET MET A . n 
A 1 113 PHE 113 112 112 PHE PHE A . n 
A 1 114 PRO 114 113 113 PRO PRO A . n 
A 1 115 GLY 115 114 114 GLY GLY A . n 
A 1 116 PHE 116 115 115 PHE PHE A . n 
A 1 117 VAL 117 116 116 VAL VAL A . n 
A 1 118 ALA 118 117 117 ALA ALA A . n 
A 1 119 SER 119 118 118 SER SER A . n 
A 1 120 VAL 120 119 119 VAL VAL A . n 
A 1 121 ALA 121 120 120 ALA ALA A . n 
A 1 122 ALA 122 121 121 ALA ALA A . n 
A 1 123 PRO 123 122 122 PRO PRO A . n 
A 1 124 PRO 124 123 123 PRO PRO A . n 
A 1 125 ALA 125 124 124 ALA ALA A . n 
A 1 126 GLY 126 125 125 GLY GLY A . n 
A 1 127 ALA 127 126 126 ALA ALA A . n 
A 1 128 ASP 128 127 127 ASP ASP A . n 
A 1 129 ALA 129 128 128 ALA ALA A . n 
A 1 130 ALA 130 129 129 ALA ALA A . n 
A 1 131 TRP 131 130 130 TRP TRP A . n 
A 1 132 THR 132 131 131 THR THR A . n 
A 1 133 LYS 133 132 132 LYS LYS A . n 
A 1 134 LEU 134 133 133 LEU LEU A . n 
A 1 135 PHE 135 134 134 PHE PHE A . n 
A 1 136 GLY 136 135 135 GLY GLY A . n 
A 1 137 LEU 137 136 136 LEU LEU A . n 
A 1 138 ILE 138 137 137 ILE ILE A . n 
A 1 139 ILE 139 138 138 ILE ILE A . n 
A 1 140 ASP 140 139 139 ASP ASP A . n 
A 1 141 ALA 141 140 140 ALA ALA A . n 
A 1 142 LEU 142 141 141 LEU LEU A . n 
A 1 143 LYS 143 142 142 LYS LYS A . n 
A 1 144 ALA 144 143 143 ALA ALA A . n 
A 1 145 ALA 145 144 144 ALA ALA A . n 
A 1 146 GLY 146 145 145 GLY GLY A . n 
A 1 147 ALA 147 146 146 ALA ALA A . n 
# 
loop_
_pdbx_nonpoly_scheme.asym_id 
_pdbx_nonpoly_scheme.entity_id 
_pdbx_nonpoly_scheme.mon_id 
_pdbx_nonpoly_scheme.ndb_seq_num 
_pdbx_nonpoly_scheme.pdb_seq_num 
_pdbx_nonpoly_scheme.auth_seq_num 
_pdbx_nonpoly_scheme.pdb_mon_id 
_pdbx_nonpoly_scheme.auth_mon_id 
_pdbx_nonpoly_scheme.pdb_strand_id 
_pdbx_nonpoly_scheme.pdb_ins_code 
B 2 CYN 1  147 147 CYN HEM A . 
C 3 HEM 1  148 148 HEM HEM A . 
D 4 HOH 1  150 150 HOH HOH A . 
D 4 HOH 2  151 151 HOH HOH A . 
D 4 HOH 3  152 152 HOH HOH A . 
D 4 HOH 4  153 153 HOH HOH A . 
D 4 HOH 5  154 154 HOH HOH A . 
D 4 HOH 6  155 155 HOH HOH A . 
D 4 HOH 7  156 156 HOH HOH A . 
D 4 HOH 8  157 157 HOH HOH A . 
D 4 HOH 9  158 158 HOH HOH A . 
D 4 HOH 10 159 159 HOH HOH A . 
D 4 HOH 11 160 160 HOH HOH A . 
D 4 HOH 12 161 161 HOH HOH A . 
D 4 HOH 13 162 162 HOH HOH A . 
D 4 HOH 14 163 163 HOH HOH A . 
D 4 HOH 15 164 164 HOH HOH A . 
D 4 HOH 16 165 165 HOH HOH A . 
D 4 HOH 17 166 166 HOH HOH A . 
D 4 HOH 18 167 167 HOH HOH A . 
D 4 HOH 19 168 168 HOH HOH A . 
D 4 HOH 20 169 169 HOH HOH A . 
D 4 HOH 21 170 170 HOH HOH A . 
D 4 HOH 22 171 171 HOH HOH A . 
D 4 HOH 23 172 172 HOH HOH A . 
D 4 HOH 24 173 173 HOH HOH A . 
D 4 HOH 25 174 174 HOH HOH A . 
D 4 HOH 26 175 175 HOH HOH A . 
D 4 HOH 27 176 176 HOH HOH A . 
D 4 HOH 28 177 177 HOH HOH A . 
D 4 HOH 29 178 178 HOH HOH A . 
D 4 HOH 30 179 179 HOH HOH A . 
D 4 HOH 31 180 180 HOH HOH A . 
D 4 HOH 32 181 181 HOH HOH A . 
D 4 HOH 33 182 182 HOH HOH A . 
D 4 HOH 34 183 183 HOH HOH A . 
D 4 HOH 35 184 184 HOH HOH A . 
D 4 HOH 36 185 185 HOH HOH A . 
D 4 HOH 37 186 186 HOH HOH A . 
D 4 HOH 38 187 187 HOH HOH A . 
D 4 HOH 39 188 188 HOH HOH A . 
D 4 HOH 40 189 189 HOH HOH A . 
D 4 HOH 41 190 190 HOH HOH A . 
D 4 HOH 42 191 191 HOH HOH A . 
D 4 HOH 43 192 192 HOH HOH A . 
D 4 HOH 44 193 193 HOH HOH A . 
D 4 HOH 45 194 194 HOH HOH A . 
D 4 HOH 46 195 195 HOH HOH A . 
D 4 HOH 47 196 196 HOH HOH A . 
D 4 HOH 48 197 197 HOH HOH A . 
D 4 HOH 49 198 198 HOH HOH A . 
D 4 HOH 50 199 199 HOH HOH A . 
D 4 HOH 51 200 200 HOH HOH A . 
D 4 HOH 52 201 201 HOH HOH A . 
D 4 HOH 53 202 202 HOH HOH A . 
D 4 HOH 54 203 203 HOH HOH A . 
D 4 HOH 55 204 204 HOH HOH A . 
D 4 HOH 56 205 205 HOH HOH A . 
D 4 HOH 57 206 206 HOH HOH A . 
D 4 HOH 58 207 207 HOH HOH A . 
D 4 HOH 59 208 208 HOH HOH A . 
D 4 HOH 60 209 209 HOH HOH A . 
D 4 HOH 61 210 210 HOH HOH A . 
D 4 HOH 62 211 211 HOH HOH A . 
D 4 HOH 63 212 212 HOH HOH A . 
D 4 HOH 64 300 300 HOH HOH A . 
D 4 HOH 65 301 301 HOH HOH A . 
D 4 HOH 66 302 302 HOH HOH A . 
D 4 HOH 67 303 303 HOH HOH A . 
D 4 HOH 68 304 304 HOH HOH A . 
D 4 HOH 69 305 305 HOH HOH A . 
D 4 HOH 70 306 306 HOH HOH A . 
D 4 HOH 71 307 307 HOH HOH A . 
D 4 HOH 72 308 308 HOH HOH A . 
D 4 HOH 73 309 309 HOH HOH A . 
D 4 HOH 74 310 310 HOH HOH A . 
D 4 HOH 75 311 311 HOH HOH A . 
D 4 HOH 76 312 312 HOH HOH A . 
D 4 HOH 77 313 313 HOH HOH A . 
D 4 HOH 78 314 314 HOH HOH A . 
D 4 HOH 79 315 315 HOH HOH A . 
D 4 HOH 80 316 316 HOH HOH A . 
D 4 HOH 81 317 317 HOH HOH A . 
D 4 HOH 82 318 318 HOH HOH A . 
D 4 HOH 83 319 319 HOH HOH A . 
D 4 HOH 84 320 320 HOH HOH A . 
D 4 HOH 85 321 321 HOH HOH A . 
D 4 HOH 86 322 322 HOH HOH A . 
D 4 HOH 87 323 323 HOH HOH A . 
D 4 HOH 88 324 324 HOH HOH A . 
# 
loop_
_pdbx_unobs_or_zero_occ_atoms.id 
_pdbx_unobs_or_zero_occ_atoms.PDB_model_num 
_pdbx_unobs_or_zero_occ_atoms.polymer_flag 
_pdbx_unobs_or_zero_occ_atoms.occupancy_flag 
_pdbx_unobs_or_zero_occ_atoms.auth_asym_id 
_pdbx_unobs_or_zero_occ_atoms.auth_comp_id 
_pdbx_unobs_or_zero_occ_atoms.auth_seq_id 
_pdbx_unobs_or_zero_occ_atoms.PDB_ins_code 
_pdbx_unobs_or_zero_occ_atoms.auth_atom_id 
_pdbx_unobs_or_zero_occ_atoms.label_alt_id 
_pdbx_unobs_or_zero_occ_atoms.label_asym_id 
_pdbx_unobs_or_zero_occ_atoms.label_comp_id 
_pdbx_unobs_or_zero_occ_atoms.label_seq_id 
_pdbx_unobs_or_zero_occ_atoms.label_atom_id 
1  1 Y 0 A ASP 8   ? CG  ? A ASP 9   CG  
2  1 Y 0 A ASP 8   ? OD1 ? A ASP 9   OD1 
3  1 Y 0 A ASP 8   ? OD2 ? A ASP 9   OD2 
4  1 Y 0 A LYS 12  ? CE  ? A LYS 13  CE  
5  1 Y 0 A LYS 12  ? NZ  ? A LYS 13  NZ  
6  1 Y 0 A LYS 21  ? CD  ? A LYS 22  CD  
7  1 Y 0 A LYS 21  ? NZ  ? A LYS 22  NZ  
8  1 Y 0 A ASP 27  ? CG  ? A ASP 28  CG  
9  1 Y 0 A ASP 27  ? OD1 ? A ASP 28  OD1 
10 1 Y 0 A ASP 27  ? OD2 ? A ASP 28  OD2 
11 1 Y 0 A LYS 35  ? NZ  ? A LYS 36  NZ  
12 1 Y 0 A LYS 47  ? CG  ? A LYS 48  CG  
13 1 Y 0 A LYS 47  ? CD  ? A LYS 48  CD  
14 1 Y 0 A LYS 47  ? CE  ? A LYS 48  CE  
15 1 Y 0 A LYS 47  ? NZ  ? A LYS 48  NZ  
16 1 Y 0 A LYS 49  ? CE  ? A LYS 50  CE  
17 1 Y 0 A LYS 49  ? NZ  ? A LYS 50  NZ  
18 1 Y 0 A LYS 55  ? CE  ? A LYS 56  CE  
19 1 Y 0 A ASN 76  ? ND2 ? A ASN 77  ND2 
20 1 Y 0 A LYS 83  ? NZ  ? A LYS 84  NZ  
21 1 Y 0 A GLU 94  ? OE2 ? A GLU 95  OE2 
22 1 Y 0 A GLU 106 ? OE1 ? A GLU 107 OE1 
23 1 Y 0 A GLU 106 ? OE2 ? A GLU 107 OE2 
24 1 Y 0 A SER 110 ? OG  ? A SER 111 OG  
25 1 Y 0 A LYS 142 ? CE  ? A LYS 143 CE  
26 1 Y 0 A LYS 142 ? NZ  ? A LYS 143 NZ  
27 1 Y 0 A GLY 145 ? CA  ? A GLY 146 CA  
28 1 Y 0 A GLY 145 ? C   ? A GLY 146 C   
29 1 Y 0 A GLY 145 ? O   ? A GLY 146 O   
30 1 Y 0 A ALA 146 ? OXT ? A ALA 147 OXT 
31 1 N 0 A HEM 148 ? CGA ? C HEM ?   CGA 
32 1 N 0 A HEM 148 ? O1A ? C HEM ?   O1A 
33 1 N 0 A HEM 148 ? O2A ? C HEM ?   O2A 
# 
_software.name             TNT 
_software.classification   refinement 
_software.version          . 
_software.citation_id      ? 
_software.pdbx_ordinal     1 
# 
_cell.entry_id           2FAL 
_cell.length_a           52.980 
_cell.length_b           70.700 
_cell.length_c           32.500 
_cell.angle_alpha        90.00 
_cell.angle_beta         90.00 
_cell.angle_gamma        90.00 
_cell.Z_PDB              4 
_cell.pdbx_unique_axis   ? 
# 
_symmetry.entry_id                         2FAL 
_symmetry.space_group_name_H-M             'P 21 21 21' 
_symmetry.pdbx_full_space_group_name_H-M   ? 
_symmetry.cell_setting                     ? 
_symmetry.Int_Tables_number                19 
# 
_exptl.entry_id          2FAL 
_exptl.method            'X-RAY DIFFRACTION' 
_exptl.crystals_number   ? 
# 
_exptl_crystal.id                    1 
_exptl_crystal.density_meas          ? 
_exptl_crystal.density_Matthews      1.98 
_exptl_crystal.density_percent_sol   37.94 
_exptl_crystal.description           ? 
# 
_refine.entry_id                                 2FAL 
_refine.ls_number_reflns_obs                     ? 
_refine.ls_number_reflns_all                     ? 
_refine.pdbx_ls_sigma_I                          ? 
_refine.pdbx_ls_sigma_F                          ? 
_refine.pdbx_data_cutoff_high_absF               ? 
_refine.pdbx_data_cutoff_low_absF                ? 
_refine.pdbx_data_cutoff_high_rms_absF           ? 
_refine.ls_d_res_low                             ? 
_refine.ls_d_res_high                            1.8 
_refine.ls_percent_reflns_obs                    ? 
_refine.ls_R_factor_obs                          0.151 
_refine.ls_R_factor_all                          ? 
_refine.ls_R_factor_R_work                       ? 
_refine.ls_R_factor_R_free                       ? 
_refine.ls_R_factor_R_free_error                 ? 
_refine.ls_R_factor_R_free_error_details         ? 
_refine.ls_percent_reflns_R_free                 ? 
_refine.ls_number_reflns_R_free                  ? 
_refine.ls_number_parameters                     ? 
_refine.ls_number_restraints                     ? 
_refine.occupancy_min                            ? 
_refine.occupancy_max                            ? 
_refine.B_iso_mean                               ? 
_refine.aniso_B[1][1]                            ? 
_refine.aniso_B[2][2]                            ? 
_refine.aniso_B[3][3]                            ? 
_refine.aniso_B[1][2]                            ? 
_refine.aniso_B[1][3]                            ? 
_refine.aniso_B[2][3]                            ? 
_refine.solvent_model_details                    ? 
_refine.solvent_model_param_ksol                 ? 
_refine.solvent_model_param_bsol                 ? 
_refine.pdbx_ls_cross_valid_method               ? 
_refine.details                                  ? 
_refine.pdbx_starting_model                      ? 
_refine.pdbx_method_to_determine_struct          ? 
_refine.pdbx_isotropic_thermal_model             ? 
_refine.pdbx_stereochemistry_target_values       ? 
_refine.pdbx_stereochem_target_val_spec_case     ? 
_refine.pdbx_R_Free_selection_details            ? 
_refine.pdbx_overall_ESU_R                       ? 
_refine.pdbx_overall_ESU_R_Free                  ? 
_refine.overall_SU_ML                            ? 
_refine.overall_SU_B                             ? 
_refine.pdbx_refine_id                           'X-RAY DIFFRACTION' 
_refine.pdbx_diffrn_id                           1 
_refine.pdbx_TLS_residual_ADP_flag               ? 
_refine.correlation_coeff_Fo_to_Fc               ? 
_refine.correlation_coeff_Fo_to_Fc_free          ? 
_refine.pdbx_solvent_vdw_probe_radii             ? 
_refine.pdbx_solvent_ion_probe_radii             ? 
_refine.pdbx_solvent_shrinkage_radii             ? 
_refine.pdbx_overall_phase_error                 ? 
_refine.overall_SU_R_Cruickshank_DPI             ? 
_refine.pdbx_overall_SU_R_free_Cruickshank_DPI   ? 
_refine.pdbx_overall_SU_R_Blow_DPI               ? 
_refine.pdbx_overall_SU_R_free_Blow_DPI          ? 
# 
_refine_hist.pdbx_refine_id                   'X-RAY DIFFRACTION' 
_refine_hist.cycle_id                         LAST 
_refine_hist.pdbx_number_atoms_protein        1086 
_refine_hist.pdbx_number_atoms_nucleic_acid   0 
_refine_hist.pdbx_number_atoms_ligand         45 
_refine_hist.number_atoms_solvent             88 
_refine_hist.number_atoms_total               1219 
_refine_hist.d_res_high                       1.8 
_refine_hist.d_res_low                        . 
# 
loop_
_refine_ls_restr.type 
_refine_ls_restr.dev_ideal 
_refine_ls_restr.dev_ideal_target 
_refine_ls_restr.weight 
_refine_ls_restr.number 
_refine_ls_restr.pdbx_refine_id 
_refine_ls_restr.pdbx_restraint_function 
t_bond_d           0.019 ? ? ? 'X-RAY DIFFRACTION' ? 
t_angle_deg        2.94  ? ? ? 'X-RAY DIFFRACTION' ? 
t_dihedral_angle_d ?     ? ? ? 'X-RAY DIFFRACTION' ? 
t_incorr_chiral_ct ?     ? ? ? 'X-RAY DIFFRACTION' ? 
t_pseud_angle      ?     ? ? ? 'X-RAY DIFFRACTION' ? 
t_trig_c_planes    ?     ? ? ? 'X-RAY DIFFRACTION' ? 
t_gen_planes       ?     ? ? ? 'X-RAY DIFFRACTION' ? 
t_it               ?     ? ? ? 'X-RAY DIFFRACTION' ? 
t_nbd              ?     ? ? ? 'X-RAY DIFFRACTION' ? 
# 
_struct.entry_id                  2FAL 
_struct.title                     'X-RAY CRYSTAL STRUCTURE OF FERRIC APLYSIA LIMACINA MYOGLOBIN IN DIFFERENT LIGANDED STATES' 
_struct.pdbx_model_details        ? 
_struct.pdbx_CASP_flag            ? 
_struct.pdbx_model_type_details   ? 
# 
_struct_keywords.entry_id        2FAL 
_struct_keywords.pdbx_keywords   'OXYGEN STORAGE' 
_struct_keywords.text            'OXYGEN STORAGE' 
# 
loop_
_struct_asym.id 
_struct_asym.pdbx_blank_PDB_chainid_flag 
_struct_asym.pdbx_modified 
_struct_asym.entity_id 
_struct_asym.details 
A N N 1 ? 
B N N 2 ? 
C N N 3 ? 
D N N 4 ? 
# 
_struct_ref.id                         1 
_struct_ref.db_name                    UNP 
_struct_ref.db_code                    GLB_APLLI 
_struct_ref.entity_id                  1 
_struct_ref.pdbx_db_accession          P02210 
_struct_ref.pdbx_align_begin           1 
_struct_ref.pdbx_seq_one_letter_code   
;SLSAAEADLAGKSWAPVFANKDANGDAFLVALFEKFPDSANFFADFKGKSVADIKASPKLRDVSSRIFTRLNEFVNNAAD
AGKMSAMLSQFAKEHVGFGVGSAQFENVRSMFPGFVASVAAPPAGADAAWTKLFGLIIDALKAAGK
;
_struct_ref.pdbx_db_isoform            ? 
# 
_struct_ref_seq.align_id                      1 
_struct_ref_seq.ref_id                        1 
_struct_ref_seq.pdbx_PDB_id_code              2FAL 
_struct_ref_seq.pdbx_strand_id                A 
_struct_ref_seq.seq_align_beg                 2 
_struct_ref_seq.pdbx_seq_align_beg_ins_code   ? 
_struct_ref_seq.seq_align_end                 146 
_struct_ref_seq.pdbx_seq_align_end_ins_code   ? 
_struct_ref_seq.pdbx_db_accession             P02210 
_struct_ref_seq.db_align_beg                  1 
_struct_ref_seq.pdbx_db_align_beg_ins_code    ? 
_struct_ref_seq.db_align_end                  145 
_struct_ref_seq.pdbx_db_align_end_ins_code    ? 
_struct_ref_seq.pdbx_auth_seq_align_beg       1 
_struct_ref_seq.pdbx_auth_seq_align_end       145 
# 
loop_
_struct_ref_seq_dif.align_id 
_struct_ref_seq_dif.pdbx_pdb_id_code 
_struct_ref_seq_dif.mon_id 
_struct_ref_seq_dif.pdbx_pdb_strand_id 
_struct_ref_seq_dif.seq_num 
_struct_ref_seq_dif.pdbx_pdb_ins_code 
_struct_ref_seq_dif.pdbx_seq_db_name 
_struct_ref_seq_dif.pdbx_seq_db_accession_code 
_struct_ref_seq_dif.db_mon_id 
_struct_ref_seq_dif.pdbx_seq_db_seq_num 
_struct_ref_seq_dif.details 
_struct_ref_seq_dif.pdbx_auth_seq_num 
_struct_ref_seq_dif.pdbx_ordinal 
1 2FAL ASN A 23 ? UNP P02210 ASP 22 conflict 22 1 
1 2FAL LEU A 27 ? UNP P02210 ASP 26 conflict 26 2 
1 2FAL ASP A 28 ? UNP P02210 ALA 27 conflict 27 3 
1 2FAL ASN A 81 ? UNP P02210 ASP 80 conflict 80 4 
# 
_pdbx_struct_assembly.id                   1 
_pdbx_struct_assembly.details              author_defined_assembly 
_pdbx_struct_assembly.method_details       ? 
_pdbx_struct_assembly.oligomeric_details   monomeric 
_pdbx_struct_assembly.oligomeric_count     1 
# 
_pdbx_struct_assembly_gen.assembly_id       1 
_pdbx_struct_assembly_gen.oper_expression   1 
_pdbx_struct_assembly_gen.asym_id_list      A,B,C,D 
# 
_pdbx_struct_oper_list.id                   1 
_pdbx_struct_oper_list.type                 'identity operation' 
_pdbx_struct_oper_list.name                 1_555 
_pdbx_struct_oper_list.symmetry_operation   x,y,z 
_pdbx_struct_oper_list.matrix[1][1]         1.0000000000 
_pdbx_struct_oper_list.matrix[1][2]         0.0000000000 
_pdbx_struct_oper_list.matrix[1][3]         0.0000000000 
_pdbx_struct_oper_list.vector[1]            0.0000000000 
_pdbx_struct_oper_list.matrix[2][1]         0.0000000000 
_pdbx_struct_oper_list.matrix[2][2]         1.0000000000 
_pdbx_struct_oper_list.matrix[2][3]         0.0000000000 
_pdbx_struct_oper_list.vector[2]            0.0000000000 
_pdbx_struct_oper_list.matrix[3][1]         0.0000000000 
_pdbx_struct_oper_list.matrix[3][2]         0.0000000000 
_pdbx_struct_oper_list.matrix[3][3]         1.0000000000 
_pdbx_struct_oper_list.vector[3]            0.0000000000 
# 
_struct_biol.id   1 
# 
loop_
_struct_conf.conf_type_id 
_struct_conf.id 
_struct_conf.pdbx_PDB_helix_id 
_struct_conf.beg_label_comp_id 
_struct_conf.beg_label_asym_id 
_struct_conf.beg_label_seq_id 
_struct_conf.pdbx_beg_PDB_ins_code 
_struct_conf.end_label_comp_id 
_struct_conf.end_label_asym_id 
_struct_conf.end_label_seq_id 
_struct_conf.pdbx_end_PDB_ins_code 
_struct_conf.beg_auth_comp_id 
_struct_conf.beg_auth_asym_id 
_struct_conf.beg_auth_seq_id 
_struct_conf.end_auth_comp_id 
_struct_conf.end_auth_asym_id 
_struct_conf.end_auth_seq_id 
_struct_conf.pdbx_PDB_helix_class 
_struct_conf.details 
_struct_conf.pdbx_PDB_helix_length 
HELX_P HELX_P1 A ALA A 5   ? ALA A 20  ? ALA A 4   ALA A 19  1 ? 16 
HELX_P HELX_P2 B LYS A 22  ? LYS A 36  ? LYS A 21  LYS A 35  1 ? 15 
HELX_P HELX_P3 C PRO A 38  ? PHE A 43  ? PRO A 37  PHE A 42  5 ? 6  
HELX_P HELX_P4 D VAL A 52  ? LYS A 56  ? VAL A 51  LYS A 55  1 ? 5  
HELX_P HELX_P5 E LYS A 60  ? ASN A 77  ? LYS A 59  ASN A 76  1 ? 18 
HELX_P HELX_P6 F ALA A 82  ? GLY A 98  ? ALA A 81  GLY A 97  1 ? 17 
HELX_P HELX_P7 G SER A 103 ? SER A 119 ? SER A 102 SER A 118 1 ? 17 
HELX_P HELX_P8 H ALA A 127 ? ALA A 144 ? ALA A 126 ALA A 143 1 ? 18 
# 
_struct_conf_type.id          HELX_P 
_struct_conf_type.criteria    ? 
_struct_conf_type.reference   ? 
# 
loop_
_struct_conn.id 
_struct_conn.conn_type_id 
_struct_conn.pdbx_leaving_atom_flag 
_struct_conn.pdbx_PDB_id 
_struct_conn.ptnr1_label_asym_id 
_struct_conn.ptnr1_label_comp_id 
_struct_conn.ptnr1_label_seq_id 
_struct_conn.ptnr1_label_atom_id 
_struct_conn.pdbx_ptnr1_label_alt_id 
_struct_conn.pdbx_ptnr1_PDB_ins_code 
_struct_conn.pdbx_ptnr1_standard_comp_id 
_struct_conn.ptnr1_symmetry 
_struct_conn.ptnr2_label_asym_id 
_struct_conn.ptnr2_label_comp_id 
_struct_conn.ptnr2_label_seq_id 
_struct_conn.ptnr2_label_atom_id 
_struct_conn.pdbx_ptnr2_label_alt_id 
_struct_conn.pdbx_ptnr2_PDB_ins_code 
_struct_conn.ptnr1_auth_asym_id 
_struct_conn.ptnr1_auth_comp_id 
_struct_conn.ptnr1_auth_seq_id 
_struct_conn.ptnr2_auth_asym_id 
_struct_conn.ptnr2_auth_comp_id 
_struct_conn.ptnr2_auth_seq_id 
_struct_conn.ptnr2_symmetry 
_struct_conn.pdbx_ptnr3_label_atom_id 
_struct_conn.pdbx_ptnr3_label_seq_id 
_struct_conn.pdbx_ptnr3_label_comp_id 
_struct_conn.pdbx_ptnr3_label_asym_id 
_struct_conn.pdbx_ptnr3_label_alt_id 
_struct_conn.pdbx_ptnr3_PDB_ins_code 
_struct_conn.details 
_struct_conn.pdbx_dist_value 
_struct_conn.pdbx_value_order 
_struct_conn.pdbx_role 
covale1 covale both ? A ACE 1  C   ? ? ? 1_555 A SER 2 N  ? ? A ACE 0   A SER 1   1_555 ? ? ? ? ? ? ? 1.325 ? ? 
metalc1 metalc ?    ? A HIS 96 NE2 ? ? ? 1_555 C HEM . FE ? ? A HIS 95  A HEM 148 1_555 ? ? ? ? ? ? ? 2.117 ? ? 
metalc2 metalc ?    ? B CYN .  C   ? ? ? 1_555 C HEM . FE ? ? A CYN 147 A HEM 148 1_555 ? ? ? ? ? ? ? 2.154 ? ? 
metalc3 metalc ?    ? B CYN .  N   ? ? ? 1_555 C HEM . FE ? ? A CYN 147 A HEM 148 1_555 ? ? ? ? ? ? ? 2.850 ? ? 
# 
loop_
_struct_conn_type.id 
_struct_conn_type.criteria 
_struct_conn_type.reference 
covale ? ? 
metalc ? ? 
# 
loop_
_pdbx_struct_conn_angle.id 
_pdbx_struct_conn_angle.ptnr1_label_atom_id 
_pdbx_struct_conn_angle.ptnr1_label_alt_id 
_pdbx_struct_conn_angle.ptnr1_label_asym_id 
_pdbx_struct_conn_angle.ptnr1_label_comp_id 
_pdbx_struct_conn_angle.ptnr1_label_seq_id 
_pdbx_struct_conn_angle.ptnr1_auth_atom_id 
_pdbx_struct_conn_angle.ptnr1_auth_asym_id 
_pdbx_struct_conn_angle.ptnr1_auth_comp_id 
_pdbx_struct_conn_angle.ptnr1_auth_seq_id 
_pdbx_struct_conn_angle.ptnr1_PDB_ins_code 
_pdbx_struct_conn_angle.ptnr1_symmetry 
_pdbx_struct_conn_angle.ptnr2_label_atom_id 
_pdbx_struct_conn_angle.ptnr2_label_alt_id 
_pdbx_struct_conn_angle.ptnr2_label_asym_id 
_pdbx_struct_conn_angle.ptnr2_label_comp_id 
_pdbx_struct_conn_angle.ptnr2_label_seq_id 
_pdbx_struct_conn_angle.ptnr2_auth_atom_id 
_pdbx_struct_conn_angle.ptnr2_auth_asym_id 
_pdbx_struct_conn_angle.ptnr2_auth_comp_id 
_pdbx_struct_conn_angle.ptnr2_auth_seq_id 
_pdbx_struct_conn_angle.ptnr2_PDB_ins_code 
_pdbx_struct_conn_angle.ptnr2_symmetry 
_pdbx_struct_conn_angle.ptnr3_label_atom_id 
_pdbx_struct_conn_angle.ptnr3_label_alt_id 
_pdbx_struct_conn_angle.ptnr3_label_asym_id 
_pdbx_struct_conn_angle.ptnr3_label_comp_id 
_pdbx_struct_conn_angle.ptnr3_label_seq_id 
_pdbx_struct_conn_angle.ptnr3_auth_atom_id 
_pdbx_struct_conn_angle.ptnr3_auth_asym_id 
_pdbx_struct_conn_angle.ptnr3_auth_comp_id 
_pdbx_struct_conn_angle.ptnr3_auth_seq_id 
_pdbx_struct_conn_angle.ptnr3_PDB_ins_code 
_pdbx_struct_conn_angle.ptnr3_symmetry 
_pdbx_struct_conn_angle.value 
_pdbx_struct_conn_angle.value_esd 
1  NE2 ? A HIS 96 ? A HIS 95  ? 1_555 FE ? C HEM . ? A HEM 148 ? 1_555 NA ? C HEM . ? A HEM 148 ? 1_555 88.6  ? 
2  NE2 ? A HIS 96 ? A HIS 95  ? 1_555 FE ? C HEM . ? A HEM 148 ? 1_555 NB ? C HEM . ? A HEM 148 ? 1_555 95.4  ? 
3  NA  ? C HEM .  ? A HEM 148 ? 1_555 FE ? C HEM . ? A HEM 148 ? 1_555 NB ? C HEM . ? A HEM 148 ? 1_555 90.6  ? 
4  NE2 ? A HIS 96 ? A HIS 95  ? 1_555 FE ? C HEM . ? A HEM 148 ? 1_555 NC ? C HEM . ? A HEM 148 ? 1_555 91.4  ? 
5  NA  ? C HEM .  ? A HEM 148 ? 1_555 FE ? C HEM . ? A HEM 148 ? 1_555 NC ? C HEM . ? A HEM 148 ? 1_555 179.5 ? 
6  NB  ? C HEM .  ? A HEM 148 ? 1_555 FE ? C HEM . ? A HEM 148 ? 1_555 NC ? C HEM . ? A HEM 148 ? 1_555 88.9  ? 
7  NE2 ? A HIS 96 ? A HIS 95  ? 1_555 FE ? C HEM . ? A HEM 148 ? 1_555 ND ? C HEM . ? A HEM 148 ? 1_555 89.3  ? 
8  NA  ? C HEM .  ? A HEM 148 ? 1_555 FE ? C HEM . ? A HEM 148 ? 1_555 ND ? C HEM . ? A HEM 148 ? 1_555 94.1  ? 
9  NB  ? C HEM .  ? A HEM 148 ? 1_555 FE ? C HEM . ? A HEM 148 ? 1_555 ND ? C HEM . ? A HEM 148 ? 1_555 173.4 ? 
10 NC  ? C HEM .  ? A HEM 148 ? 1_555 FE ? C HEM . ? A HEM 148 ? 1_555 ND ? C HEM . ? A HEM 148 ? 1_555 86.4  ? 
11 NE2 ? A HIS 96 ? A HIS 95  ? 1_555 FE ? C HEM . ? A HEM 148 ? 1_555 C  ? B CYN . ? A CYN 147 ? 1_555 163.3 ? 
12 NA  ? C HEM .  ? A HEM 148 ? 1_555 FE ? C HEM . ? A HEM 148 ? 1_555 C  ? B CYN . ? A CYN 147 ? 1_555 90.3  ? 
13 NB  ? C HEM .  ? A HEM 148 ? 1_555 FE ? C HEM . ? A HEM 148 ? 1_555 C  ? B CYN . ? A CYN 147 ? 1_555 101.3 ? 
14 NC  ? C HEM .  ? A HEM 148 ? 1_555 FE ? C HEM . ? A HEM 148 ? 1_555 C  ? B CYN . ? A CYN 147 ? 1_555 89.9  ? 
15 ND  ? C HEM .  ? A HEM 148 ? 1_555 FE ? C HEM . ? A HEM 148 ? 1_555 C  ? B CYN . ? A CYN 147 ? 1_555 74.1  ? 
16 NE2 ? A HIS 96 ? A HIS 95  ? 1_555 FE ? C HEM . ? A HEM 148 ? 1_555 N  ? B CYN . ? A CYN 147 ? 1_555 165.5 ? 
17 NA  ? C HEM .  ? A HEM 148 ? 1_555 FE ? C HEM . ? A HEM 148 ? 1_555 N  ? B CYN . ? A CYN 147 ? 1_555 77.0  ? 
18 NB  ? C HEM .  ? A HEM 148 ? 1_555 FE ? C HEM . ? A HEM 148 ? 1_555 N  ? B CYN . ? A CYN 147 ? 1_555 85.0  ? 
19 NC  ? C HEM .  ? A HEM 148 ? 1_555 FE ? C HEM . ? A HEM 148 ? 1_555 N  ? B CYN . ? A CYN 147 ? 1_555 103.0 ? 
20 ND  ? C HEM .  ? A HEM 148 ? 1_555 FE ? C HEM . ? A HEM 148 ? 1_555 N  ? B CYN . ? A CYN 147 ? 1_555 91.6  ? 
21 C   ? B CYN .  ? A CYN 147 ? 1_555 FE ? C HEM . ? A HEM 148 ? 1_555 N  ? B CYN . ? A CYN 147 ? 1_555 21.2  ? 
# 
_pdbx_modification_feature.ordinal                            1 
_pdbx_modification_feature.label_comp_id                      ACE 
_pdbx_modification_feature.label_asym_id                      A 
_pdbx_modification_feature.label_seq_id                       1 
_pdbx_modification_feature.label_alt_id                       ? 
_pdbx_modification_feature.modified_residue_label_comp_id     SER 
_pdbx_modification_feature.modified_residue_label_asym_id     A 
_pdbx_modification_feature.modified_residue_label_seq_id      2 
_pdbx_modification_feature.modified_residue_label_alt_id      ? 
_pdbx_modification_feature.auth_comp_id                       ACE 
_pdbx_modification_feature.auth_asym_id                       A 
_pdbx_modification_feature.auth_seq_id                        0 
_pdbx_modification_feature.PDB_ins_code                       ? 
_pdbx_modification_feature.symmetry                           1_555 
_pdbx_modification_feature.modified_residue_auth_comp_id      SER 
_pdbx_modification_feature.modified_residue_auth_asym_id      A 
_pdbx_modification_feature.modified_residue_auth_seq_id       1 
_pdbx_modification_feature.modified_residue_PDB_ins_code      ? 
_pdbx_modification_feature.modified_residue_symmetry          1_555 
_pdbx_modification_feature.comp_id_linking_atom               . 
_pdbx_modification_feature.modified_residue_id_linking_atom   . 
_pdbx_modification_feature.modified_residue_id                SER 
_pdbx_modification_feature.ref_pcm_id                         6 
_pdbx_modification_feature.ref_comp_id                        ACE 
_pdbx_modification_feature.type                               None 
_pdbx_modification_feature.category                           'Terminal acetylation' 
# 
loop_
_struct_site.id 
_struct_site.pdbx_evidence_code 
_struct_site.pdbx_auth_asym_id 
_struct_site.pdbx_auth_comp_id 
_struct_site.pdbx_auth_seq_id 
_struct_site.pdbx_auth_ins_code 
_struct_site.pdbx_num_residues 
_struct_site.details 
AC1 Software A CYN 147 ? 4  'BINDING SITE FOR RESIDUE CYN A 147' 
AC2 Software A HEM 148 ? 13 'BINDING SITE FOR RESIDUE HEM A 148' 
# 
loop_
_struct_site_gen.id 
_struct_site_gen.site_id 
_struct_site_gen.pdbx_num_res 
_struct_site_gen.label_comp_id 
_struct_site_gen.label_asym_id 
_struct_site_gen.label_seq_id 
_struct_site_gen.pdbx_auth_ins_code 
_struct_site_gen.auth_comp_id 
_struct_site_gen.auth_asym_id 
_struct_site_gen.auth_seq_id 
_struct_site_gen.label_atom_id 
_struct_site_gen.label_alt_id 
_struct_site_gen.symmetry 
_struct_site_gen.details 
1  AC1 4  PHE A 44  ? PHE A 43  . ? 1_555 ? 
2  AC1 4  ARG A 67  ? ARG A 66  . ? 1_555 ? 
3  AC1 4  ILE A 68  ? ILE A 67  . ? 1_555 ? 
4  AC1 4  HEM C .   ? HEM A 148 . ? 1_555 ? 
5  AC2 13 PHE A 43  ? PHE A 42  . ? 1_555 ? 
6  AC2 13 PHE A 44  ? PHE A 43  . ? 1_555 ? 
7  AC2 13 ALA A 45  ? ALA A 44  . ? 1_555 ? 
8  AC2 13 ARG A 67  ? ARG A 66  . ? 1_555 ? 
9  AC2 13 ILE A 68  ? ILE A 67  . ? 1_555 ? 
10 AC2 13 ARG A 71  ? ARG A 70  . ? 1_555 ? 
11 AC2 13 PHE A 92  ? PHE A 91  . ? 1_555 ? 
12 AC2 13 HIS A 96  ? HIS A 95  . ? 1_555 ? 
13 AC2 13 PHE A 99  ? PHE A 98  . ? 1_555 ? 
14 AC2 13 VAL A 101 ? VAL A 100 . ? 1_555 ? 
15 AC2 13 PHE A 106 ? PHE A 105 . ? 1_555 ? 
16 AC2 13 CYN B .   ? CYN A 147 . ? 1_555 ? 
17 AC2 13 HOH D .   ? HOH A 151 . ? 1_555 ? 
# 
_pdbx_entry_details.entry_id                   2FAL 
_pdbx_entry_details.compound_details           ? 
_pdbx_entry_details.source_details             ? 
_pdbx_entry_details.nonpolymer_details         ? 
_pdbx_entry_details.sequence_details           
;BASED ON ANALYSIS OF THE ELECTRON DENSITY MAPS, SEVERAL
AMINO ACIDS HAVE BEEN REASSIGNED IN THIS ENTRY COMPARED TO
THE SEQUENCE PUBLISHED IN 1973.  THE CHANGES ARE AS
FOLLOWS:

   RESIDUE   1973   ENTRY
     26       ALA    LEU    LEU ELECTRON DENSITY SEEN
                            AFTER SEVERAL OMIT MAPS

     77       ASP    ASN    MORE APPROPRIATE AS ASN
                            OWING TO THE APOLAR
                            ENVIRONMENT (MET 84)

    129                     EXTRA ALA CONFIRMED BY SEVERAL
                            OMIT MAPS

   C-TERMINAL LYS    ALA    ELECTRON DENSITY ALWAYS
                            MISSING AFTER CB - MAY BE LYS
;
_pdbx_entry_details.has_ligand_of_interest     ? 
_pdbx_entry_details.has_protein_modification   Y 
# 
_pdbx_validate_symm_contact.id                1 
_pdbx_validate_symm_contact.PDB_model_num     1 
_pdbx_validate_symm_contact.auth_atom_id_1    CG 
_pdbx_validate_symm_contact.auth_asym_id_1    A 
_pdbx_validate_symm_contact.auth_comp_id_1    LYS 
_pdbx_validate_symm_contact.auth_seq_id_1     59 
_pdbx_validate_symm_contact.PDB_ins_code_1    ? 
_pdbx_validate_symm_contact.label_alt_id_1    ? 
_pdbx_validate_symm_contact.site_symmetry_1   1_555 
_pdbx_validate_symm_contact.auth_atom_id_2    O 
_pdbx_validate_symm_contact.auth_asym_id_2    A 
_pdbx_validate_symm_contact.auth_comp_id_2    HOH 
_pdbx_validate_symm_contact.auth_seq_id_2     159 
_pdbx_validate_symm_contact.PDB_ins_code_2    ? 
_pdbx_validate_symm_contact.label_alt_id_2    ? 
_pdbx_validate_symm_contact.site_symmetry_2   3_757 
_pdbx_validate_symm_contact.dist              1.84 
# 
_pdbx_validate_rmsd_bond.id                        1 
_pdbx_validate_rmsd_bond.PDB_model_num             1 
_pdbx_validate_rmsd_bond.auth_atom_id_1            CD 
_pdbx_validate_rmsd_bond.auth_asym_id_1            A 
_pdbx_validate_rmsd_bond.auth_comp_id_1            GLU 
_pdbx_validate_rmsd_bond.auth_seq_id_1             73 
_pdbx_validate_rmsd_bond.PDB_ins_code_1            ? 
_pdbx_validate_rmsd_bond.label_alt_id_1            ? 
_pdbx_validate_rmsd_bond.auth_atom_id_2            OE1 
_pdbx_validate_rmsd_bond.auth_asym_id_2            A 
_pdbx_validate_rmsd_bond.auth_comp_id_2            GLU 
_pdbx_validate_rmsd_bond.auth_seq_id_2             73 
_pdbx_validate_rmsd_bond.PDB_ins_code_2            ? 
_pdbx_validate_rmsd_bond.label_alt_id_2            ? 
_pdbx_validate_rmsd_bond.bond_value                1.323 
_pdbx_validate_rmsd_bond.bond_target_value         1.252 
_pdbx_validate_rmsd_bond.bond_deviation            0.071 
_pdbx_validate_rmsd_bond.bond_standard_deviation   0.011 
_pdbx_validate_rmsd_bond.linker_flag               N 
# 
loop_
_pdbx_validate_rmsd_angle.id 
_pdbx_validate_rmsd_angle.PDB_model_num 
_pdbx_validate_rmsd_angle.auth_atom_id_1 
_pdbx_validate_rmsd_angle.auth_asym_id_1 
_pdbx_validate_rmsd_angle.auth_comp_id_1 
_pdbx_validate_rmsd_angle.auth_seq_id_1 
_pdbx_validate_rmsd_angle.PDB_ins_code_1 
_pdbx_validate_rmsd_angle.label_alt_id_1 
_pdbx_validate_rmsd_angle.auth_atom_id_2 
_pdbx_validate_rmsd_angle.auth_asym_id_2 
_pdbx_validate_rmsd_angle.auth_comp_id_2 
_pdbx_validate_rmsd_angle.auth_seq_id_2 
_pdbx_validate_rmsd_angle.PDB_ins_code_2 
_pdbx_validate_rmsd_angle.label_alt_id_2 
_pdbx_validate_rmsd_angle.auth_atom_id_3 
_pdbx_validate_rmsd_angle.auth_asym_id_3 
_pdbx_validate_rmsd_angle.auth_comp_id_3 
_pdbx_validate_rmsd_angle.auth_seq_id_3 
_pdbx_validate_rmsd_angle.PDB_ins_code_3 
_pdbx_validate_rmsd_angle.label_alt_id_3 
_pdbx_validate_rmsd_angle.angle_value 
_pdbx_validate_rmsd_angle.angle_target_value 
_pdbx_validate_rmsd_angle.angle_deviation 
_pdbx_validate_rmsd_angle.angle_standard_deviation 
_pdbx_validate_rmsd_angle.linker_flag 
1 1 CB A ASP 8   ? ? CG A ASP 8   ? ? OD1 A ASP 8   ? ? 112.74 118.30 -5.56  0.90 N 
2 1 CB A ASP 27  ? ? CG A ASP 27  ? ? OD1 A ASP 27  ? ? 112.89 118.30 -5.41  0.90 N 
3 1 CB A ASP 38  ? ? CG A ASP 38  ? ? OD2 A ASP 38  ? ? 112.65 118.30 -5.65  0.90 N 
4 1 CB A ASP 53  ? ? CG A ASP 53  ? ? OD1 A ASP 53  ? ? 111.52 118.30 -6.78  0.90 N 
5 1 NE A ARG 70  ? ? CZ A ARG 70  ? ? NH1 A ARG 70  ? ? 124.18 120.30 3.88   0.50 N 
6 1 CB A ASN 72  ? ? CG A ASN 72  ? ? OD1 A ASN 72  ? ? 108.55 121.60 -13.05 2.00 N 
7 1 CB A ASP 139 ? ? CG A ASP 139 ? ? OD2 A ASP 139 ? ? 110.46 118.30 -7.84  0.90 N 
# 
loop_
_chem_comp_atom.comp_id 
_chem_comp_atom.atom_id 
_chem_comp_atom.type_symbol 
_chem_comp_atom.pdbx_aromatic_flag 
_chem_comp_atom.pdbx_stereo_config 
_chem_comp_atom.pdbx_ordinal 
ACE C    C  N N 1   
ACE O    O  N N 2   
ACE CH3  C  N N 3   
ACE H    H  N N 4   
ACE H1   H  N N 5   
ACE H2   H  N N 6   
ACE H3   H  N N 7   
ALA N    N  N N 8   
ALA CA   C  N S 9   
ALA C    C  N N 10  
ALA O    O  N N 11  
ALA CB   C  N N 12  
ALA OXT  O  N N 13  
ALA H    H  N N 14  
ALA H2   H  N N 15  
ALA HA   H  N N 16  
ALA HB1  H  N N 17  
ALA HB2  H  N N 18  
ALA HB3  H  N N 19  
ALA HXT  H  N N 20  
ARG N    N  N N 21  
ARG CA   C  N S 22  
ARG C    C  N N 23  
ARG O    O  N N 24  
ARG CB   C  N N 25  
ARG CG   C  N N 26  
ARG CD   C  N N 27  
ARG NE   N  N N 28  
ARG CZ   C  N N 29  
ARG NH1  N  N N 30  
ARG NH2  N  N N 31  
ARG OXT  O  N N 32  
ARG H    H  N N 33  
ARG H2   H  N N 34  
ARG HA   H  N N 35  
ARG HB2  H  N N 36  
ARG HB3  H  N N 37  
ARG HG2  H  N N 38  
ARG HG3  H  N N 39  
ARG HD2  H  N N 40  
ARG HD3  H  N N 41  
ARG HE   H  N N 42  
ARG HH11 H  N N 43  
ARG HH12 H  N N 44  
ARG HH21 H  N N 45  
ARG HH22 H  N N 46  
ARG HXT  H  N N 47  
ASN N    N  N N 48  
ASN CA   C  N S 49  
ASN C    C  N N 50  
ASN O    O  N N 51  
ASN CB   C  N N 52  
ASN CG   C  N N 53  
ASN OD1  O  N N 54  
ASN ND2  N  N N 55  
ASN OXT  O  N N 56  
ASN H    H  N N 57  
ASN H2   H  N N 58  
ASN HA   H  N N 59  
ASN HB2  H  N N 60  
ASN HB3  H  N N 61  
ASN HD21 H  N N 62  
ASN HD22 H  N N 63  
ASN HXT  H  N N 64  
ASP N    N  N N 65  
ASP CA   C  N S 66  
ASP C    C  N N 67  
ASP O    O  N N 68  
ASP CB   C  N N 69  
ASP CG   C  N N 70  
ASP OD1  O  N N 71  
ASP OD2  O  N N 72  
ASP OXT  O  N N 73  
ASP H    H  N N 74  
ASP H2   H  N N 75  
ASP HA   H  N N 76  
ASP HB2  H  N N 77  
ASP HB3  H  N N 78  
ASP HD2  H  N N 79  
ASP HXT  H  N N 80  
CYN C    C  N N 81  
CYN N    N  N N 82  
GLN N    N  N N 83  
GLN CA   C  N S 84  
GLN C    C  N N 85  
GLN O    O  N N 86  
GLN CB   C  N N 87  
GLN CG   C  N N 88  
GLN CD   C  N N 89  
GLN OE1  O  N N 90  
GLN NE2  N  N N 91  
GLN OXT  O  N N 92  
GLN H    H  N N 93  
GLN H2   H  N N 94  
GLN HA   H  N N 95  
GLN HB2  H  N N 96  
GLN HB3  H  N N 97  
GLN HG2  H  N N 98  
GLN HG3  H  N N 99  
GLN HE21 H  N N 100 
GLN HE22 H  N N 101 
GLN HXT  H  N N 102 
GLU N    N  N N 103 
GLU CA   C  N S 104 
GLU C    C  N N 105 
GLU O    O  N N 106 
GLU CB   C  N N 107 
GLU CG   C  N N 108 
GLU CD   C  N N 109 
GLU OE1  O  N N 110 
GLU OE2  O  N N 111 
GLU OXT  O  N N 112 
GLU H    H  N N 113 
GLU H2   H  N N 114 
GLU HA   H  N N 115 
GLU HB2  H  N N 116 
GLU HB3  H  N N 117 
GLU HG2  H  N N 118 
GLU HG3  H  N N 119 
GLU HE2  H  N N 120 
GLU HXT  H  N N 121 
GLY N    N  N N 122 
GLY CA   C  N N 123 
GLY C    C  N N 124 
GLY O    O  N N 125 
GLY OXT  O  N N 126 
GLY H    H  N N 127 
GLY H2   H  N N 128 
GLY HA2  H  N N 129 
GLY HA3  H  N N 130 
GLY HXT  H  N N 131 
HEM CHA  C  N N 132 
HEM CHB  C  N N 133 
HEM CHC  C  N N 134 
HEM CHD  C  N N 135 
HEM C1A  C  Y N 136 
HEM C2A  C  Y N 137 
HEM C3A  C  Y N 138 
HEM C4A  C  Y N 139 
HEM CMA  C  N N 140 
HEM CAA  C  N N 141 
HEM CBA  C  N N 142 
HEM CGA  C  N N 143 
HEM O1A  O  N N 144 
HEM O2A  O  N N 145 
HEM C1B  C  N N 146 
HEM C2B  C  N N 147 
HEM C3B  C  N N 148 
HEM C4B  C  N N 149 
HEM CMB  C  N N 150 
HEM CAB  C  N N 151 
HEM CBB  C  N N 152 
HEM C1C  C  Y N 153 
HEM C2C  C  Y N 154 
HEM C3C  C  Y N 155 
HEM C4C  C  Y N 156 
HEM CMC  C  N N 157 
HEM CAC  C  N N 158 
HEM CBC  C  N N 159 
HEM C1D  C  N N 160 
HEM C2D  C  N N 161 
HEM C3D  C  N N 162 
HEM C4D  C  N N 163 
HEM CMD  C  N N 164 
HEM CAD  C  N N 165 
HEM CBD  C  N N 166 
HEM CGD  C  N N 167 
HEM O1D  O  N N 168 
HEM O2D  O  N N 169 
HEM NA   N  Y N 170 
HEM NB   N  N N 171 
HEM NC   N  Y N 172 
HEM ND   N  N N 173 
HEM FE   FE N N 174 
HEM HHB  H  N N 175 
HEM HHC  H  N N 176 
HEM HHD  H  N N 177 
HEM HMA  H  N N 178 
HEM HMAA H  N N 179 
HEM HMAB H  N N 180 
HEM HAA  H  N N 181 
HEM HAAA H  N N 182 
HEM HBA  H  N N 183 
HEM HBAA H  N N 184 
HEM HMB  H  N N 185 
HEM HMBA H  N N 186 
HEM HMBB H  N N 187 
HEM HAB  H  N N 188 
HEM HBB  H  N N 189 
HEM HBBA H  N N 190 
HEM HMC  H  N N 191 
HEM HMCA H  N N 192 
HEM HMCB H  N N 193 
HEM HAC  H  N N 194 
HEM HBC  H  N N 195 
HEM HBCA H  N N 196 
HEM HMD  H  N N 197 
HEM HMDA H  N N 198 
HEM HMDB H  N N 199 
HEM HAD  H  N N 200 
HEM HADA H  N N 201 
HEM HBD  H  N N 202 
HEM HBDA H  N N 203 
HEM H2A  H  N N 204 
HEM H2D  H  N N 205 
HEM HHA  H  N N 206 
HIS N    N  N N 207 
HIS CA   C  N S 208 
HIS C    C  N N 209 
HIS O    O  N N 210 
HIS CB   C  N N 211 
HIS CG   C  Y N 212 
HIS ND1  N  Y N 213 
HIS CD2  C  Y N 214 
HIS CE1  C  Y N 215 
HIS NE2  N  Y N 216 
HIS OXT  O  N N 217 
HIS H    H  N N 218 
HIS H2   H  N N 219 
HIS HA   H  N N 220 
HIS HB2  H  N N 221 
HIS HB3  H  N N 222 
HIS HD1  H  N N 223 
HIS HD2  H  N N 224 
HIS HE1  H  N N 225 
HIS HE2  H  N N 226 
HIS HXT  H  N N 227 
HOH O    O  N N 228 
HOH H1   H  N N 229 
HOH H2   H  N N 230 
ILE N    N  N N 231 
ILE CA   C  N S 232 
ILE C    C  N N 233 
ILE O    O  N N 234 
ILE CB   C  N S 235 
ILE CG1  C  N N 236 
ILE CG2  C  N N 237 
ILE CD1  C  N N 238 
ILE OXT  O  N N 239 
ILE H    H  N N 240 
ILE H2   H  N N 241 
ILE HA   H  N N 242 
ILE HB   H  N N 243 
ILE HG12 H  N N 244 
ILE HG13 H  N N 245 
ILE HG21 H  N N 246 
ILE HG22 H  N N 247 
ILE HG23 H  N N 248 
ILE HD11 H  N N 249 
ILE HD12 H  N N 250 
ILE HD13 H  N N 251 
ILE HXT  H  N N 252 
LEU N    N  N N 253 
LEU CA   C  N S 254 
LEU C    C  N N 255 
LEU O    O  N N 256 
LEU CB   C  N N 257 
LEU CG   C  N N 258 
LEU CD1  C  N N 259 
LEU CD2  C  N N 260 
LEU OXT  O  N N 261 
LEU H    H  N N 262 
LEU H2   H  N N 263 
LEU HA   H  N N 264 
LEU HB2  H  N N 265 
LEU HB3  H  N N 266 
LEU HG   H  N N 267 
LEU HD11 H  N N 268 
LEU HD12 H  N N 269 
LEU HD13 H  N N 270 
LEU HD21 H  N N 271 
LEU HD22 H  N N 272 
LEU HD23 H  N N 273 
LEU HXT  H  N N 274 
LYS N    N  N N 275 
LYS CA   C  N S 276 
LYS C    C  N N 277 
LYS O    O  N N 278 
LYS CB   C  N N 279 
LYS CG   C  N N 280 
LYS CD   C  N N 281 
LYS CE   C  N N 282 
LYS NZ   N  N N 283 
LYS OXT  O  N N 284 
LYS H    H  N N 285 
LYS H2   H  N N 286 
LYS HA   H  N N 287 
LYS HB2  H  N N 288 
LYS HB3  H  N N 289 
LYS HG2  H  N N 290 
LYS HG3  H  N N 291 
LYS HD2  H  N N 292 
LYS HD3  H  N N 293 
LYS HE2  H  N N 294 
LYS HE3  H  N N 295 
LYS HZ1  H  N N 296 
LYS HZ2  H  N N 297 
LYS HZ3  H  N N 298 
LYS HXT  H  N N 299 
MET N    N  N N 300 
MET CA   C  N S 301 
MET C    C  N N 302 
MET O    O  N N 303 
MET CB   C  N N 304 
MET CG   C  N N 305 
MET SD   S  N N 306 
MET CE   C  N N 307 
MET OXT  O  N N 308 
MET H    H  N N 309 
MET H2   H  N N 310 
MET HA   H  N N 311 
MET HB2  H  N N 312 
MET HB3  H  N N 313 
MET HG2  H  N N 314 
MET HG3  H  N N 315 
MET HE1  H  N N 316 
MET HE2  H  N N 317 
MET HE3  H  N N 318 
MET HXT  H  N N 319 
PHE N    N  N N 320 
PHE CA   C  N S 321 
PHE C    C  N N 322 
PHE O    O  N N 323 
PHE CB   C  N N 324 
PHE CG   C  Y N 325 
PHE CD1  C  Y N 326 
PHE CD2  C  Y N 327 
PHE CE1  C  Y N 328 
PHE CE2  C  Y N 329 
PHE CZ   C  Y N 330 
PHE OXT  O  N N 331 
PHE H    H  N N 332 
PHE H2   H  N N 333 
PHE HA   H  N N 334 
PHE HB2  H  N N 335 
PHE HB3  H  N N 336 
PHE HD1  H  N N 337 
PHE HD2  H  N N 338 
PHE HE1  H  N N 339 
PHE HE2  H  N N 340 
PHE HZ   H  N N 341 
PHE HXT  H  N N 342 
PRO N    N  N N 343 
PRO CA   C  N S 344 
PRO C    C  N N 345 
PRO O    O  N N 346 
PRO CB   C  N N 347 
PRO CG   C  N N 348 
PRO CD   C  N N 349 
PRO OXT  O  N N 350 
PRO H    H  N N 351 
PRO HA   H  N N 352 
PRO HB2  H  N N 353 
PRO HB3  H  N N 354 
PRO HG2  H  N N 355 
PRO HG3  H  N N 356 
PRO HD2  H  N N 357 
PRO HD3  H  N N 358 
PRO HXT  H  N N 359 
SER N    N  N N 360 
SER CA   C  N S 361 
SER C    C  N N 362 
SER O    O  N N 363 
SER CB   C  N N 364 
SER OG   O  N N 365 
SER OXT  O  N N 366 
SER H    H  N N 367 
SER H2   H  N N 368 
SER HA   H  N N 369 
SER HB2  H  N N 370 
SER HB3  H  N N 371 
SER HG   H  N N 372 
SER HXT  H  N N 373 
THR N    N  N N 374 
THR CA   C  N S 375 
THR C    C  N N 376 
THR O    O  N N 377 
THR CB   C  N R 378 
THR OG1  O  N N 379 
THR CG2  C  N N 380 
THR OXT  O  N N 381 
THR H    H  N N 382 
THR H2   H  N N 383 
THR HA   H  N N 384 
THR HB   H  N N 385 
THR HG1  H  N N 386 
THR HG21 H  N N 387 
THR HG22 H  N N 388 
THR HG23 H  N N 389 
THR HXT  H  N N 390 
TRP N    N  N N 391 
TRP CA   C  N S 392 
TRP C    C  N N 393 
TRP O    O  N N 394 
TRP CB   C  N N 395 
TRP CG   C  Y N 396 
TRP CD1  C  Y N 397 
TRP CD2  C  Y N 398 
TRP NE1  N  Y N 399 
TRP CE2  C  Y N 400 
TRP CE3  C  Y N 401 
TRP CZ2  C  Y N 402 
TRP CZ3  C  Y N 403 
TRP CH2  C  Y N 404 
TRP OXT  O  N N 405 
TRP H    H  N N 406 
TRP H2   H  N N 407 
TRP HA   H  N N 408 
TRP HB2  H  N N 409 
TRP HB3  H  N N 410 
TRP HD1  H  N N 411 
TRP HE1  H  N N 412 
TRP HE3  H  N N 413 
TRP HZ2  H  N N 414 
TRP HZ3  H  N N 415 
TRP HH2  H  N N 416 
TRP HXT  H  N N 417 
VAL N    N  N N 418 
VAL CA   C  N S 419 
VAL C    C  N N 420 
VAL O    O  N N 421 
VAL CB   C  N N 422 
VAL CG1  C  N N 423 
VAL CG2  C  N N 424 
VAL OXT  O  N N 425 
VAL H    H  N N 426 
VAL H2   H  N N 427 
VAL HA   H  N N 428 
VAL HB   H  N N 429 
VAL HG11 H  N N 430 
VAL HG12 H  N N 431 
VAL HG13 H  N N 432 
VAL HG21 H  N N 433 
VAL HG22 H  N N 434 
VAL HG23 H  N N 435 
VAL HXT  H  N N 436 
# 
loop_
_chem_comp_bond.comp_id 
_chem_comp_bond.atom_id_1 
_chem_comp_bond.atom_id_2 
_chem_comp_bond.value_order 
_chem_comp_bond.pdbx_aromatic_flag 
_chem_comp_bond.pdbx_stereo_config 
_chem_comp_bond.pdbx_ordinal 
ACE C   O    doub N N 1   
ACE C   CH3  sing N N 2   
ACE C   H    sing N N 3   
ACE CH3 H1   sing N N 4   
ACE CH3 H2   sing N N 5   
ACE CH3 H3   sing N N 6   
ALA N   CA   sing N N 7   
ALA N   H    sing N N 8   
ALA N   H2   sing N N 9   
ALA CA  C    sing N N 10  
ALA CA  CB   sing N N 11  
ALA CA  HA   sing N N 12  
ALA C   O    doub N N 13  
ALA C   OXT  sing N N 14  
ALA CB  HB1  sing N N 15  
ALA CB  HB2  sing N N 16  
ALA CB  HB3  sing N N 17  
ALA OXT HXT  sing N N 18  
ARG N   CA   sing N N 19  
ARG N   H    sing N N 20  
ARG N   H2   sing N N 21  
ARG CA  C    sing N N 22  
ARG CA  CB   sing N N 23  
ARG CA  HA   sing N N 24  
ARG C   O    doub N N 25  
ARG C   OXT  sing N N 26  
ARG CB  CG   sing N N 27  
ARG CB  HB2  sing N N 28  
ARG CB  HB3  sing N N 29  
ARG CG  CD   sing N N 30  
ARG CG  HG2  sing N N 31  
ARG CG  HG3  sing N N 32  
ARG CD  NE   sing N N 33  
ARG CD  HD2  sing N N 34  
ARG CD  HD3  sing N N 35  
ARG NE  CZ   sing N N 36  
ARG NE  HE   sing N N 37  
ARG CZ  NH1  sing N N 38  
ARG CZ  NH2  doub N N 39  
ARG NH1 HH11 sing N N 40  
ARG NH1 HH12 sing N N 41  
ARG NH2 HH21 sing N N 42  
ARG NH2 HH22 sing N N 43  
ARG OXT HXT  sing N N 44  
ASN N   CA   sing N N 45  
ASN N   H    sing N N 46  
ASN N   H2   sing N N 47  
ASN CA  C    sing N N 48  
ASN CA  CB   sing N N 49  
ASN CA  HA   sing N N 50  
ASN C   O    doub N N 51  
ASN C   OXT  sing N N 52  
ASN CB  CG   sing N N 53  
ASN CB  HB2  sing N N 54  
ASN CB  HB3  sing N N 55  
ASN CG  OD1  doub N N 56  
ASN CG  ND2  sing N N 57  
ASN ND2 HD21 sing N N 58  
ASN ND2 HD22 sing N N 59  
ASN OXT HXT  sing N N 60  
ASP N   CA   sing N N 61  
ASP N   H    sing N N 62  
ASP N   H2   sing N N 63  
ASP CA  C    sing N N 64  
ASP CA  CB   sing N N 65  
ASP CA  HA   sing N N 66  
ASP C   O    doub N N 67  
ASP C   OXT  sing N N 68  
ASP CB  CG   sing N N 69  
ASP CB  HB2  sing N N 70  
ASP CB  HB3  sing N N 71  
ASP CG  OD1  doub N N 72  
ASP CG  OD2  sing N N 73  
ASP OD2 HD2  sing N N 74  
ASP OXT HXT  sing N N 75  
CYN C   N    trip N N 76  
GLN N   CA   sing N N 77  
GLN N   H    sing N N 78  
GLN N   H2   sing N N 79  
GLN CA  C    sing N N 80  
GLN CA  CB   sing N N 81  
GLN CA  HA   sing N N 82  
GLN C   O    doub N N 83  
GLN C   OXT  sing N N 84  
GLN CB  CG   sing N N 85  
GLN CB  HB2  sing N N 86  
GLN CB  HB3  sing N N 87  
GLN CG  CD   sing N N 88  
GLN CG  HG2  sing N N 89  
GLN CG  HG3  sing N N 90  
GLN CD  OE1  doub N N 91  
GLN CD  NE2  sing N N 92  
GLN NE2 HE21 sing N N 93  
GLN NE2 HE22 sing N N 94  
GLN OXT HXT  sing N N 95  
GLU N   CA   sing N N 96  
GLU N   H    sing N N 97  
GLU N   H2   sing N N 98  
GLU CA  C    sing N N 99  
GLU CA  CB   sing N N 100 
GLU CA  HA   sing N N 101 
GLU C   O    doub N N 102 
GLU C   OXT  sing N N 103 
GLU CB  CG   sing N N 104 
GLU CB  HB2  sing N N 105 
GLU CB  HB3  sing N N 106 
GLU CG  CD   sing N N 107 
GLU CG  HG2  sing N N 108 
GLU CG  HG3  sing N N 109 
GLU CD  OE1  doub N N 110 
GLU CD  OE2  sing N N 111 
GLU OE2 HE2  sing N N 112 
GLU OXT HXT  sing N N 113 
GLY N   CA   sing N N 114 
GLY N   H    sing N N 115 
GLY N   H2   sing N N 116 
GLY CA  C    sing N N 117 
GLY CA  HA2  sing N N 118 
GLY CA  HA3  sing N N 119 
GLY C   O    doub N N 120 
GLY C   OXT  sing N N 121 
GLY OXT HXT  sing N N 122 
HEM CHA C1A  sing N N 123 
HEM CHA C4D  doub N N 124 
HEM CHA HHA  sing N N 125 
HEM CHB C4A  sing N N 126 
HEM CHB C1B  doub N N 127 
HEM CHB HHB  sing N N 128 
HEM CHC C4B  sing N N 129 
HEM CHC C1C  doub N N 130 
HEM CHC HHC  sing N N 131 
HEM CHD C4C  doub N N 132 
HEM CHD C1D  sing N N 133 
HEM CHD HHD  sing N N 134 
HEM C1A C2A  doub Y N 135 
HEM C1A NA   sing Y N 136 
HEM C2A C3A  sing Y N 137 
HEM C2A CAA  sing N N 138 
HEM C3A C4A  doub Y N 139 
HEM C3A CMA  sing N N 140 
HEM C4A NA   sing Y N 141 
HEM CMA HMA  sing N N 142 
HEM CMA HMAA sing N N 143 
HEM CMA HMAB sing N N 144 
HEM CAA CBA  sing N N 145 
HEM CAA HAA  sing N N 146 
HEM CAA HAAA sing N N 147 
HEM CBA CGA  sing N N 148 
HEM CBA HBA  sing N N 149 
HEM CBA HBAA sing N N 150 
HEM CGA O1A  doub N N 151 
HEM CGA O2A  sing N N 152 
HEM C1B C2B  sing N N 153 
HEM C1B NB   sing N N 154 
HEM C2B C3B  doub N N 155 
HEM C2B CMB  sing N N 156 
HEM C3B C4B  sing N N 157 
HEM C3B CAB  sing N N 158 
HEM C4B NB   doub N N 159 
HEM CMB HMB  sing N N 160 
HEM CMB HMBA sing N N 161 
HEM CMB HMBB sing N N 162 
HEM CAB CBB  doub N N 163 
HEM CAB HAB  sing N N 164 
HEM CBB HBB  sing N N 165 
HEM CBB HBBA sing N N 166 
HEM C1C C2C  sing Y N 167 
HEM C1C NC   sing Y N 168 
HEM C2C C3C  doub Y N 169 
HEM C2C CMC  sing N N 170 
HEM C3C C4C  sing Y N 171 
HEM C3C CAC  sing N N 172 
HEM C4C NC   sing Y N 173 
HEM CMC HMC  sing N N 174 
HEM CMC HMCA sing N N 175 
HEM CMC HMCB sing N N 176 
HEM CAC CBC  doub N N 177 
HEM CAC HAC  sing N N 178 
HEM CBC HBC  sing N N 179 
HEM CBC HBCA sing N N 180 
HEM C1D C2D  sing N N 181 
HEM C1D ND   doub N N 182 
HEM C2D C3D  doub N N 183 
HEM C2D CMD  sing N N 184 
HEM C3D C4D  sing N N 185 
HEM C3D CAD  sing N N 186 
HEM C4D ND   sing N N 187 
HEM CMD HMD  sing N N 188 
HEM CMD HMDA sing N N 189 
HEM CMD HMDB sing N N 190 
HEM CAD CBD  sing N N 191 
HEM CAD HAD  sing N N 192 
HEM CAD HADA sing N N 193 
HEM CBD CGD  sing N N 194 
HEM CBD HBD  sing N N 195 
HEM CBD HBDA sing N N 196 
HEM CGD O1D  doub N N 197 
HEM CGD O2D  sing N N 198 
HEM O2A H2A  sing N N 199 
HEM O2D H2D  sing N N 200 
HEM FE  NA   sing N N 201 
HEM FE  NB   sing N N 202 
HEM FE  NC   sing N N 203 
HEM FE  ND   sing N N 204 
HIS N   CA   sing N N 205 
HIS N   H    sing N N 206 
HIS N   H2   sing N N 207 
HIS CA  C    sing N N 208 
HIS CA  CB   sing N N 209 
HIS CA  HA   sing N N 210 
HIS C   O    doub N N 211 
HIS C   OXT  sing N N 212 
HIS CB  CG   sing N N 213 
HIS CB  HB2  sing N N 214 
HIS CB  HB3  sing N N 215 
HIS CG  ND1  sing Y N 216 
HIS CG  CD2  doub Y N 217 
HIS ND1 CE1  doub Y N 218 
HIS ND1 HD1  sing N N 219 
HIS CD2 NE2  sing Y N 220 
HIS CD2 HD2  sing N N 221 
HIS CE1 NE2  sing Y N 222 
HIS CE1 HE1  sing N N 223 
HIS NE2 HE2  sing N N 224 
HIS OXT HXT  sing N N 225 
HOH O   H1   sing N N 226 
HOH O   H2   sing N N 227 
ILE N   CA   sing N N 228 
ILE N   H    sing N N 229 
ILE N   H2   sing N N 230 
ILE CA  C    sing N N 231 
ILE CA  CB   sing N N 232 
ILE CA  HA   sing N N 233 
ILE C   O    doub N N 234 
ILE C   OXT  sing N N 235 
ILE CB  CG1  sing N N 236 
ILE CB  CG2  sing N N 237 
ILE CB  HB   sing N N 238 
ILE CG1 CD1  sing N N 239 
ILE CG1 HG12 sing N N 240 
ILE CG1 HG13 sing N N 241 
ILE CG2 HG21 sing N N 242 
ILE CG2 HG22 sing N N 243 
ILE CG2 HG23 sing N N 244 
ILE CD1 HD11 sing N N 245 
ILE CD1 HD12 sing N N 246 
ILE CD1 HD13 sing N N 247 
ILE OXT HXT  sing N N 248 
LEU N   CA   sing N N 249 
LEU N   H    sing N N 250 
LEU N   H2   sing N N 251 
LEU CA  C    sing N N 252 
LEU CA  CB   sing N N 253 
LEU CA  HA   sing N N 254 
LEU C   O    doub N N 255 
LEU C   OXT  sing N N 256 
LEU CB  CG   sing N N 257 
LEU CB  HB2  sing N N 258 
LEU CB  HB3  sing N N 259 
LEU CG  CD1  sing N N 260 
LEU CG  CD2  sing N N 261 
LEU CG  HG   sing N N 262 
LEU CD1 HD11 sing N N 263 
LEU CD1 HD12 sing N N 264 
LEU CD1 HD13 sing N N 265 
LEU CD2 HD21 sing N N 266 
LEU CD2 HD22 sing N N 267 
LEU CD2 HD23 sing N N 268 
LEU OXT HXT  sing N N 269 
LYS N   CA   sing N N 270 
LYS N   H    sing N N 271 
LYS N   H2   sing N N 272 
LYS CA  C    sing N N 273 
LYS CA  CB   sing N N 274 
LYS CA  HA   sing N N 275 
LYS C   O    doub N N 276 
LYS C   OXT  sing N N 277 
LYS CB  CG   sing N N 278 
LYS CB  HB2  sing N N 279 
LYS CB  HB3  sing N N 280 
LYS CG  CD   sing N N 281 
LYS CG  HG2  sing N N 282 
LYS CG  HG3  sing N N 283 
LYS CD  CE   sing N N 284 
LYS CD  HD2  sing N N 285 
LYS CD  HD3  sing N N 286 
LYS CE  NZ   sing N N 287 
LYS CE  HE2  sing N N 288 
LYS CE  HE3  sing N N 289 
LYS NZ  HZ1  sing N N 290 
LYS NZ  HZ2  sing N N 291 
LYS NZ  HZ3  sing N N 292 
LYS OXT HXT  sing N N 293 
MET N   CA   sing N N 294 
MET N   H    sing N N 295 
MET N   H2   sing N N 296 
MET CA  C    sing N N 297 
MET CA  CB   sing N N 298 
MET CA  HA   sing N N 299 
MET C   O    doub N N 300 
MET C   OXT  sing N N 301 
MET CB  CG   sing N N 302 
MET CB  HB2  sing N N 303 
MET CB  HB3  sing N N 304 
MET CG  SD   sing N N 305 
MET CG  HG2  sing N N 306 
MET CG  HG3  sing N N 307 
MET SD  CE   sing N N 308 
MET CE  HE1  sing N N 309 
MET CE  HE2  sing N N 310 
MET CE  HE3  sing N N 311 
MET OXT HXT  sing N N 312 
PHE N   CA   sing N N 313 
PHE N   H    sing N N 314 
PHE N   H2   sing N N 315 
PHE CA  C    sing N N 316 
PHE CA  CB   sing N N 317 
PHE CA  HA   sing N N 318 
PHE C   O    doub N N 319 
PHE C   OXT  sing N N 320 
PHE CB  CG   sing N N 321 
PHE CB  HB2  sing N N 322 
PHE CB  HB3  sing N N 323 
PHE CG  CD1  doub Y N 324 
PHE CG  CD2  sing Y N 325 
PHE CD1 CE1  sing Y N 326 
PHE CD1 HD1  sing N N 327 
PHE CD2 CE2  doub Y N 328 
PHE CD2 HD2  sing N N 329 
PHE CE1 CZ   doub Y N 330 
PHE CE1 HE1  sing N N 331 
PHE CE2 CZ   sing Y N 332 
PHE CE2 HE2  sing N N 333 
PHE CZ  HZ   sing N N 334 
PHE OXT HXT  sing N N 335 
PRO N   CA   sing N N 336 
PRO N   CD   sing N N 337 
PRO N   H    sing N N 338 
PRO CA  C    sing N N 339 
PRO CA  CB   sing N N 340 
PRO CA  HA   sing N N 341 
PRO C   O    doub N N 342 
PRO C   OXT  sing N N 343 
PRO CB  CG   sing N N 344 
PRO CB  HB2  sing N N 345 
PRO CB  HB3  sing N N 346 
PRO CG  CD   sing N N 347 
PRO CG  HG2  sing N N 348 
PRO CG  HG3  sing N N 349 
PRO CD  HD2  sing N N 350 
PRO CD  HD3  sing N N 351 
PRO OXT HXT  sing N N 352 
SER N   CA   sing N N 353 
SER N   H    sing N N 354 
SER N   H2   sing N N 355 
SER CA  C    sing N N 356 
SER CA  CB   sing N N 357 
SER CA  HA   sing N N 358 
SER C   O    doub N N 359 
SER C   OXT  sing N N 360 
SER CB  OG   sing N N 361 
SER CB  HB2  sing N N 362 
SER CB  HB3  sing N N 363 
SER OG  HG   sing N N 364 
SER OXT HXT  sing N N 365 
THR N   CA   sing N N 366 
THR N   H    sing N N 367 
THR N   H2   sing N N 368 
THR CA  C    sing N N 369 
THR CA  CB   sing N N 370 
THR CA  HA   sing N N 371 
THR C   O    doub N N 372 
THR C   OXT  sing N N 373 
THR CB  OG1  sing N N 374 
THR CB  CG2  sing N N 375 
THR CB  HB   sing N N 376 
THR OG1 HG1  sing N N 377 
THR CG2 HG21 sing N N 378 
THR CG2 HG22 sing N N 379 
THR CG2 HG23 sing N N 380 
THR OXT HXT  sing N N 381 
TRP N   CA   sing N N 382 
TRP N   H    sing N N 383 
TRP N   H2   sing N N 384 
TRP CA  C    sing N N 385 
TRP CA  CB   sing N N 386 
TRP CA  HA   sing N N 387 
TRP C   O    doub N N 388 
TRP C   OXT  sing N N 389 
TRP CB  CG   sing N N 390 
TRP CB  HB2  sing N N 391 
TRP CB  HB3  sing N N 392 
TRP CG  CD1  doub Y N 393 
TRP CG  CD2  sing Y N 394 
TRP CD1 NE1  sing Y N 395 
TRP CD1 HD1  sing N N 396 
TRP CD2 CE2  doub Y N 397 
TRP CD2 CE3  sing Y N 398 
TRP NE1 CE2  sing Y N 399 
TRP NE1 HE1  sing N N 400 
TRP CE2 CZ2  sing Y N 401 
TRP CE3 CZ3  doub Y N 402 
TRP CE3 HE3  sing N N 403 
TRP CZ2 CH2  doub Y N 404 
TRP CZ2 HZ2  sing N N 405 
TRP CZ3 CH2  sing Y N 406 
TRP CZ3 HZ3  sing N N 407 
TRP CH2 HH2  sing N N 408 
TRP OXT HXT  sing N N 409 
VAL N   CA   sing N N 410 
VAL N   H    sing N N 411 
VAL N   H2   sing N N 412 
VAL CA  C    sing N N 413 
VAL CA  CB   sing N N 414 
VAL CA  HA   sing N N 415 
VAL C   O    doub N N 416 
VAL C   OXT  sing N N 417 
VAL CB  CG1  sing N N 418 
VAL CB  CG2  sing N N 419 
VAL CB  HB   sing N N 420 
VAL CG1 HG11 sing N N 421 
VAL CG1 HG12 sing N N 422 
VAL CG1 HG13 sing N N 423 
VAL CG2 HG21 sing N N 424 
VAL CG2 HG22 sing N N 425 
VAL CG2 HG23 sing N N 426 
VAL OXT HXT  sing N N 427 
# 
_atom_sites.entry_id                    2FAL 
_atom_sites.fract_transf_matrix[1][1]   0.01824805 
_atom_sites.fract_transf_matrix[1][2]   0.00459758 
_atom_sites.fract_transf_matrix[1][3]   -0.00146172 
_atom_sites.fract_transf_matrix[2][1]   -0.00340811 
_atom_sites.fract_transf_matrix[2][2]   0.01371457 
_atom_sites.fract_transf_matrix[2][3]   0.00059007 
_atom_sites.fract_transf_matrix[3][1]   0.00262315 
_atom_sites.fract_transf_matrix[3][2]   -0.00066685 
_atom_sites.fract_transf_matrix[3][3]   0.03064973 
_atom_sites.fract_transf_vector[1]      1.063574 
_atom_sites.fract_transf_vector[2]      -0.125154 
_atom_sites.fract_transf_vector[3]      1.371511 
# 
loop_
_atom_type.symbol 
C  
FE 
N  
O  
S  
# 
loop_
_atom_site.group_PDB 
_atom_site.id 
_atom_site.type_symbol 
_atom_site.label_atom_id 
_atom_site.label_alt_id 
_atom_site.label_comp_id 
_atom_site.label_asym_id 
_atom_site.label_entity_id 
_atom_site.label_seq_id 
_atom_site.pdbx_PDB_ins_code 
_atom_site.Cartn_x 
_atom_site.Cartn_y 
_atom_site.Cartn_z 
_atom_site.occupancy 
_atom_site.B_iso_or_equiv 
_atom_site.pdbx_formal_charge 
_atom_site.auth_seq_id 
_atom_site.auth_comp_id 
_atom_site.auth_asym_id 
_atom_site.auth_atom_id 
_atom_site.pdbx_PDB_model_num 
HETATM 1    C  C   . ACE A 1 1   ? 15.506  -3.170  -5.229  1.00 80.00 ? 0   ACE A C   1 
HETATM 2    O  O   . ACE A 1 1   ? 15.088  -1.993  -5.279  1.00 27.57 ? 0   ACE A O   1 
HETATM 3    C  CH3 . ACE A 1 1   ? 16.639  -3.635  -4.335  1.00 29.12 ? 0   ACE A CH3 1 
ATOM   4    N  N   . SER A 1 2   ? 15.022  -4.183  -5.933  1.00 23.41 ? 1   SER A N   1 
ATOM   5    C  CA  . SER A 1 2   ? 13.915  -4.049  -6.859  1.00 31.82 ? 1   SER A CA  1 
ATOM   6    C  C   . SER A 1 2   ? 13.412  -5.435  -7.190  1.00 46.36 ? 1   SER A C   1 
ATOM   7    O  O   . SER A 1 2   ? 13.899  -6.492  -6.733  1.00 23.46 ? 1   SER A O   1 
ATOM   8    C  CB  . SER A 1 2   ? 14.305  -3.324  -8.167  1.00 35.62 ? 1   SER A CB  1 
ATOM   9    O  OG  . SER A 1 2   ? 15.502  -3.950  -8.647  1.00 27.28 ? 1   SER A OG  1 
ATOM   10   N  N   . LEU A 1 3   ? 12.435  -5.397  -8.050  1.00 12.76 ? 2   LEU A N   1 
ATOM   11   C  CA  . LEU A 1 3   ? 11.853  -6.638  -8.552  1.00 9.93  ? 2   LEU A CA  1 
ATOM   12   C  C   . LEU A 1 3   ? 12.513  -6.851  -9.911  1.00 18.95 ? 2   LEU A C   1 
ATOM   13   O  O   . LEU A 1 3   ? 13.075  -5.906  -10.497 1.00 14.70 ? 2   LEU A O   1 
ATOM   14   C  CB  . LEU A 1 3   ? 10.339  -6.367  -8.868  1.00 14.91 ? 2   LEU A CB  1 
ATOM   15   C  CG  . LEU A 1 3   ? 9.445   -6.679  -7.688  1.00 24.60 ? 2   LEU A CG  1 
ATOM   16   C  CD1 . LEU A 1 3   ? 9.803   -5.740  -6.542  1.00 24.77 ? 2   LEU A CD1 1 
ATOM   17   C  CD2 . LEU A 1 3   ? 7.992   -6.463  -8.096  1.00 14.88 ? 2   LEU A CD2 1 
ATOM   18   N  N   . SER A 1 4   ? 12.395  -8.044  -10.506 1.00 17.60 ? 3   SER A N   1 
ATOM   19   C  CA  . SER A 1 4   ? 12.953  -8.243  -11.867 1.00 11.46 ? 3   SER A CA  1 
ATOM   20   C  C   . SER A 1 4   ? 11.880  -7.703  -12.780 1.00 10.10 ? 3   SER A C   1 
ATOM   21   O  O   . SER A 1 4   ? 10.726  -7.444  -12.361 1.00 14.48 ? 3   SER A O   1 
ATOM   22   C  CB  . SER A 1 4   ? 13.095  -9.725  -12.245 1.00 9.27  ? 3   SER A CB  1 
ATOM   23   O  OG  . SER A 1 4   ? 11.881  -10.400 -12.005 1.00 13.76 ? 3   SER A OG  1 
ATOM   24   N  N   . ALA A 1 5   ? 12.257  -7.539  -14.039 1.00 11.49 ? 4   ALA A N   1 
ATOM   25   C  CA  . ALA A 1 5   ? 11.280  -7.071  -14.954 1.00 16.29 ? 4   ALA A CA  1 
ATOM   26   C  C   . ALA A 1 5   ? 10.161  -8.055  -14.969 1.00 23.98 ? 4   ALA A C   1 
ATOM   27   O  O   . ALA A 1 5   ? 9.034   -7.654  -15.078 1.00 19.20 ? 4   ALA A O   1 
ATOM   28   C  CB  . ALA A 1 5   ? 11.769  -7.008  -16.369 1.00 23.81 ? 4   ALA A CB  1 
ATOM   29   N  N   . ALA A 1 6   ? 10.450  -9.328  -14.827 1.00 14.62 ? 5   ALA A N   1 
ATOM   30   C  CA  . ALA A 1 6   ? 9.354   -10.267 -14.853 1.00 14.58 ? 5   ALA A CA  1 
ATOM   31   C  C   . ALA A 1 6   ? 8.451   -10.151 -13.671 1.00 14.19 ? 5   ALA A C   1 
ATOM   32   O  O   . ALA A 1 6   ? 7.232   -10.224 -13.783 1.00 16.09 ? 5   ALA A O   1 
ATOM   33   C  CB  . ALA A 1 6   ? 9.915   -11.655 -14.783 1.00 17.49 ? 5   ALA A CB  1 
ATOM   34   N  N   . GLU A 1 7   ? 9.049   -9.994  -12.501 1.00 8.88  ? 6   GLU A N   1 
ATOM   35   C  CA  . GLU A 1 7   ? 8.120   -9.925  -11.399 1.00 10.45 ? 6   GLU A CA  1 
ATOM   36   C  C   . GLU A 1 7   ? 7.318   -8.626  -11.507 1.00 17.06 ? 6   GLU A C   1 
ATOM   37   O  O   . GLU A 1 7   ? 6.140   -8.467  -11.139 1.00 17.09 ? 6   GLU A O   1 
ATOM   38   C  CB  . GLU A 1 7   ? 8.941   -9.811  -10.106 1.00 20.15 ? 6   GLU A CB  1 
ATOM   39   C  CG  . GLU A 1 7   ? 9.798   -11.079 -9.862  1.00 21.70 ? 6   GLU A CG  1 
ATOM   40   C  CD  . GLU A 1 7   ? 10.752  -11.038 -8.678  1.00 21.25 ? 6   GLU A CD  1 
ATOM   41   O  OE1 . GLU A 1 7   ? 11.502  -9.989  -8.633  1.00 14.48 ? 6   GLU A OE1 1 
ATOM   42   O  OE2 . GLU A 1 7   ? 10.851  -11.920 -7.843  1.00 35.95 ? 6   GLU A OE2 1 
ATOM   43   N  N   . ALA A 1 8   ? 7.982   -7.587  -11.966 1.00 13.30 ? 7   ALA A N   1 
ATOM   44   C  CA  . ALA A 1 8   ? 7.242   -6.341  -11.944 1.00 17.88 ? 7   ALA A CA  1 
ATOM   45   C  C   . ALA A 1 8   ? 6.108   -6.359  -12.934 1.00 13.83 ? 7   ALA A C   1 
ATOM   46   O  O   . ALA A 1 8   ? 5.020   -5.744  -12.795 1.00 17.29 ? 7   ALA A O   1 
ATOM   47   C  CB  . ALA A 1 8   ? 8.237   -5.210  -12.126 1.00 22.83 ? 7   ALA A CB  1 
ATOM   48   N  N   . ASP A 1 9   ? 6.327   -7.134  -13.937 1.00 12.12 ? 8   ASP A N   1 
ATOM   49   C  CA  . ASP A 1 9   ? 5.265   -7.248  -14.913 1.00 12.84 ? 8   ASP A CA  1 
ATOM   50   C  C   . ASP A 1 9   ? 4.031   -7.882  -14.322 1.00 16.40 ? 8   ASP A C   1 
ATOM   51   O  O   . ASP A 1 9   ? 2.897   -7.483  -14.639 1.00 13.68 ? 8   ASP A O   1 
ATOM   52   C  CB  . ASP A 1 9   ? 5.822   -8.010  -16.153 1.00 16.70 ? 8   ASP A CB  1 
ATOM   53   C  CG  . ASP A 1 9   ? 6.303   -7.022  -17.183 0.00 80.00 ? 8   ASP A CG  1 
ATOM   54   O  OD1 . ASP A 1 9   ? 6.476   -5.819  -16.689 0.00 78.71 ? 8   ASP A OD1 1 
ATOM   55   O  OD2 . ASP A 1 9   ? 6.485   -7.306  -18.352 0.00 80.00 ? 8   ASP A OD2 1 
ATOM   56   N  N   . LEU A 1 10  ? 4.275   -8.897  -13.448 1.00 9.22  ? 9   LEU A N   1 
ATOM   57   C  CA  . LEU A 1 10  ? 3.237   -9.640  -12.808 1.00 8.35  ? 9   LEU A CA  1 
ATOM   58   C  C   . LEU A 1 10  ? 2.510   -8.762  -11.820 1.00 14.70 ? 9   LEU A C   1 
ATOM   59   O  O   . LEU A 1 10  ? 1.255   -8.697  -11.783 1.00 16.51 ? 9   LEU A O   1 
ATOM   60   C  CB  . LEU A 1 10  ? 3.728   -10.920 -12.114 1.00 15.73 ? 9   LEU A CB  1 
ATOM   61   C  CG  . LEU A 1 10  ? 4.270   -11.900 -13.143 1.00 12.25 ? 9   LEU A CG  1 
ATOM   62   C  CD1 . LEU A 1 10  ? 4.944   -13.078 -12.386 1.00 21.12 ? 9   LEU A CD1 1 
ATOM   63   C  CD2 . LEU A 1 10  ? 3.101   -12.436 -13.934 1.00 23.81 ? 9   LEU A CD2 1 
ATOM   64   N  N   . ALA A 1 11  ? 3.311   -7.995  -11.098 1.00 12.72 ? 10  ALA A N   1 
ATOM   65   C  CA  . ALA A 1 11  ? 2.623   -7.083  -10.151 1.00 14.52 ? 10  ALA A CA  1 
ATOM   66   C  C   . ALA A 1 11  ? 1.761   -6.054  -10.927 1.00 15.91 ? 10  ALA A C   1 
ATOM   67   O  O   . ALA A 1 11  ? 0.625   -5.693  -10.545 1.00 14.56 ? 10  ALA A O   1 
ATOM   68   C  CB  . ALA A 1 11  ? 3.605   -6.356  -9.227  1.00 9.80  ? 10  ALA A CB  1 
ATOM   69   N  N   . GLY A 1 12  ? 2.249   -5.580  -12.051 1.00 13.32 ? 11  GLY A N   1 
ATOM   70   C  CA  . GLY A 1 12  ? 1.498   -4.536  -12.799 1.00 14.70 ? 11  GLY A CA  1 
ATOM   71   C  C   . GLY A 1 12  ? 0.232   -5.127  -13.333 1.00 15.47 ? 11  GLY A C   1 
ATOM   72   O  O   . GLY A 1 12  ? -0.824  -4.523  -13.374 1.00 14.05 ? 11  GLY A O   1 
ATOM   73   N  N   . LYS A 1 13  ? 0.336   -6.379  -13.823 1.00 13.81 ? 12  LYS A N   1 
ATOM   74   C  CA  . LYS A 1 13  ? -0.800  -7.087  -14.314 1.00 13.49 ? 12  LYS A CA  1 
ATOM   75   C  C   . LYS A 1 13  ? -1.895  -7.273  -13.281 1.00 12.33 ? 12  LYS A C   1 
ATOM   76   O  O   . LYS A 1 13  ? -3.066  -7.152  -13.572 1.00 13.53 ? 12  LYS A O   1 
ATOM   77   C  CB  . LYS A 1 13  ? -0.372  -8.515  -14.670 1.00 22.24 ? 12  LYS A CB  1 
ATOM   78   C  CG  . LYS A 1 13  ? -0.556  -8.851  -16.116 1.00 30.22 ? 12  LYS A CG  1 
ATOM   79   C  CD  . LYS A 1 13  ? 0.590   -8.309  -16.906 1.00 32.50 ? 12  LYS A CD  1 
ATOM   80   C  CE  . LYS A 1 13  ? 0.539   -8.721  -18.373 0.00 60.26 ? 12  LYS A CE  1 
ATOM   81   N  NZ  . LYS A 1 13  ? 1.798   -9.273  -18.898 0.00 15.53 ? 12  LYS A NZ  1 
ATOM   82   N  N   . SER A 1 14  ? -1.539  -7.644  -12.045 1.00 11.95 ? 13  SER A N   1 
ATOM   83   C  CA  . SER A 1 14  ? -2.510  -7.823  -11.016 1.00 11.11 ? 13  SER A CA  1 
ATOM   84   C  C   . SER A 1 14  ? -2.997  -6.469  -10.595 1.00 10.11 ? 13  SER A C   1 
ATOM   85   O  O   . SER A 1 14  ? -4.130  -6.471  -10.197 1.00 15.77 ? 13  SER A O   1 
ATOM   86   C  CB  . SER A 1 14  ? -2.070  -8.532  -9.747  1.00 10.39 ? 13  SER A CB  1 
ATOM   87   O  OG  . SER A 1 14  ? -0.835  -7.991  -9.358  1.00 23.45 ? 13  SER A OG  1 
ATOM   88   N  N   . TRP A 1 15  ? -2.204  -5.403  -10.685 1.00 13.07 ? 14  TRP A N   1 
ATOM   89   C  CA  . TRP A 1 15  ? -2.703  -4.062  -10.221 1.00 7.85  ? 14  TRP A CA  1 
ATOM   90   C  C   . TRP A 1 15  ? -3.657  -3.374  -11.158 1.00 12.75 ? 14  TRP A C   1 
ATOM   91   O  O   . TRP A 1 15  ? -4.577  -2.682  -10.705 1.00 13.16 ? 14  TRP A O   1 
ATOM   92   C  CB  . TRP A 1 15  ? -1.487  -3.212  -10.034 1.00 9.54  ? 14  TRP A CB  1 
ATOM   93   C  CG  . TRP A 1 15  ? -1.693  -1.792  -9.640  1.00 19.36 ? 14  TRP A CG  1 
ATOM   94   C  CD1 . TRP A 1 15  ? -1.308  -0.684  -10.367 1.00 14.10 ? 14  TRP A CD1 1 
ATOM   95   C  CD2 . TRP A 1 15  ? -2.195  -1.301  -8.408  1.00 15.18 ? 14  TRP A CD2 1 
ATOM   96   N  NE1 . TRP A 1 15  ? -1.565  0.495   -9.682  1.00 7.53  ? 14  TRP A NE1 1 
ATOM   97   C  CE2 . TRP A 1 15  ? -2.103  0.156   -8.478  1.00 9.42  ? 14  TRP A CE2 1 
ATOM   98   C  CE3 . TRP A 1 15  ? -2.672  -1.928  -7.252  1.00 12.72 ? 14  TRP A CE3 1 
ATOM   99   C  CZ2 . TRP A 1 15  ? -2.459  0.953   -7.396  1.00 9.63  ? 14  TRP A CZ2 1 
ATOM   100  C  CZ3 . TRP A 1 15  ? -3.075  -1.139  -6.167  1.00 13.99 ? 14  TRP A CZ3 1 
ATOM   101  C  CH2 . TRP A 1 15  ? -2.981  0.281   -6.264  1.00 12.27 ? 14  TRP A CH2 1 
ATOM   102  N  N   . ALA A 1 16  ? -3.508  -3.657  -12.463 1.00 14.23 ? 15  ALA A N   1 
ATOM   103  C  CA  . ALA A 1 16  ? -4.376  -3.061  -13.456 1.00 19.34 ? 15  ALA A CA  1 
ATOM   104  C  C   . ALA A 1 16  ? -5.855  -3.008  -13.182 1.00 15.71 ? 15  ALA A C   1 
ATOM   105  O  O   . ALA A 1 16  ? -6.446  -1.939  -13.081 1.00 18.37 ? 15  ALA A O   1 
ATOM   106  C  CB  . ALA A 1 16  ? -3.989  -3.342  -14.868 1.00 14.94 ? 15  ALA A CB  1 
ATOM   107  N  N   . PRO A 1 17  ? -6.458  -4.162  -12.990 1.00 13.79 ? 16  PRO A N   1 
ATOM   108  C  CA  . PRO A 1 17  ? -7.862  -4.186  -12.697 1.00 8.35  ? 16  PRO A CA  1 
ATOM   109  C  C   . PRO A 1 17  ? -8.220  -3.429  -11.388 1.00 18.94 ? 16  PRO A C   1 
ATOM   110  O  O   . PRO A 1 17  ? -9.329  -2.897  -11.234 1.00 15.88 ? 16  PRO A O   1 
ATOM   111  C  CB  . PRO A 1 17  ? -8.226  -5.637  -12.444 1.00 13.45 ? 16  PRO A CB  1 
ATOM   112  C  CG  . PRO A 1 17  ? -6.946  -6.436  -12.720 1.00 20.70 ? 16  PRO A CG  1 
ATOM   113  C  CD  . PRO A 1 17  ? -5.807  -5.483  -13.062 1.00 11.53 ? 16  PRO A CD  1 
ATOM   114  N  N   . VAL A 1 18  ? -7.315  -3.370  -10.424 1.00 19.12 ? 17  VAL A N   1 
ATOM   115  C  CA  . VAL A 1 18  ? -7.551  -2.684  -9.157  1.00 9.31  ? 17  VAL A CA  1 
ATOM   116  C  C   . VAL A 1 18  ? -7.541  -1.178  -9.430  1.00 12.69 ? 17  VAL A C   1 
ATOM   117  O  O   . VAL A 1 18  ? -8.434  -0.410  -9.058  1.00 15.42 ? 17  VAL A O   1 
ATOM   118  C  CB  . VAL A 1 18  ? -6.420  -2.987  -8.128  1.00 10.64 ? 17  VAL A CB  1 
ATOM   119  C  CG1 . VAL A 1 18  ? -6.593  -2.255  -6.824  1.00 11.73 ? 17  VAL A CG1 1 
ATOM   120  C  CG2 . VAL A 1 18  ? -6.387  -4.490  -7.732  1.00 10.72 ? 17  VAL A CG2 1 
ATOM   121  N  N   . PHE A 1 19  ? -6.488  -0.781  -10.055 1.00 6.38  ? 18  PHE A N   1 
ATOM   122  C  CA  . PHE A 1 19  ? -6.333  0.672   -10.367 1.00 8.92  ? 18  PHE A CA  1 
ATOM   123  C  C   . PHE A 1 19  ? -7.387  1.169   -11.322 1.00 19.16 ? 18  PHE A C   1 
ATOM   124  O  O   . PHE A 1 19  ? -7.630  2.400   -11.321 1.00 16.33 ? 18  PHE A O   1 
ATOM   125  C  CB  . PHE A 1 19  ? -4.995  0.936   -10.993 1.00 8.10  ? 18  PHE A CB  1 
ATOM   126  C  CG  . PHE A 1 19  ? -4.522  2.349   -10.799 1.00 15.18 ? 18  PHE A CG  1 
ATOM   127  C  CD1 . PHE A 1 19  ? -4.318  2.892   -9.535  1.00 10.66 ? 18  PHE A CD1 1 
ATOM   128  C  CD2 . PHE A 1 19  ? -4.284  3.124   -11.924 1.00 17.13 ? 18  PHE A CD2 1 
ATOM   129  C  CE1 . PHE A 1 19  ? -3.870  4.207   -9.397  1.00 22.27 ? 18  PHE A CE1 1 
ATOM   130  C  CE2 . PHE A 1 19  ? -3.844  4.442   -11.787 1.00 20.70 ? 18  PHE A CE2 1 
ATOM   131  C  CZ  . PHE A 1 19  ? -3.644  4.991   -10.521 1.00 15.65 ? 18  PHE A CZ  1 
ATOM   132  N  N   . ALA A 1 20  ? -7.967  0.269   -12.134 1.00 12.35 ? 19  ALA A N   1 
ATOM   133  C  CA  . ALA A 1 20  ? -8.971  0.699   -13.116 1.00 19.28 ? 19  ALA A CA  1 
ATOM   134  C  C   . ALA A 1 20  ? -10.103 1.495   -12.492 1.00 24.81 ? 19  ALA A C   1 
ATOM   135  O  O   . ALA A 1 20  ? -10.739 2.287   -13.160 1.00 18.27 ? 19  ALA A O   1 
ATOM   136  C  CB  . ALA A 1 20  ? -9.587  -0.468  -13.891 1.00 13.87 ? 19  ALA A CB  1 
ATOM   137  N  N   . ASN A 1 21  ? -10.376 1.198   -11.234 1.00 15.97 ? 20  ASN A N   1 
ATOM   138  C  CA  . ASN A 1 21  ? -11.438 1.862   -10.481 1.00 9.86  ? 20  ASN A CA  1 
ATOM   139  C  C   . ASN A 1 21  ? -10.753 2.393   -9.281  1.00 11.89 ? 20  ASN A C   1 
ATOM   140  O  O   . ASN A 1 21  ? -10.941 1.974   -8.150  1.00 15.46 ? 20  ASN A O   1 
ATOM   141  C  CB  . ASN A 1 21  ? -12.522 0.827   -10.058 1.00 18.61 ? 20  ASN A CB  1 
ATOM   142  C  CG  . ASN A 1 21  ? -13.398 0.441   -11.267 1.00 15.45 ? 20  ASN A CG  1 
ATOM   143  O  OD1 . ASN A 1 21  ? -13.850 -0.665  -11.418 1.00 30.23 ? 20  ASN A OD1 1 
ATOM   144  N  ND2 . ASN A 1 21  ? -13.671 1.376   -12.134 1.00 30.55 ? 20  ASN A ND2 1 
ATOM   145  N  N   . LYS A 1 22  ? -9.921  3.356   -9.546  1.00 10.35 ? 21  LYS A N   1 
ATOM   146  C  CA  . LYS A 1 22  ? -9.122  3.880   -8.444  1.00 12.44 ? 21  LYS A CA  1 
ATOM   147  C  C   . LYS A 1 22  ? -9.932  4.468   -7.266  1.00 11.65 ? 21  LYS A C   1 
ATOM   148  O  O   . LYS A 1 22  ? -9.599  4.267   -6.088  1.00 14.30 ? 21  LYS A O   1 
ATOM   149  C  CB  . LYS A 1 22  ? -8.200  4.981   -8.992  1.00 15.10 ? 21  LYS A CB  1 
ATOM   150  C  CG  . LYS A 1 22  ? -7.177  5.464   -8.004  1.00 26.26 ? 21  LYS A CG  1 
ATOM   151  C  CD  . LYS A 1 22  ? -6.535  6.771   -8.454  0.00 66.59 ? 21  LYS A CD  1 
ATOM   152  C  CE  . LYS A 1 22  ? -5.797  7.527   -7.360  1.00 33.58 ? 21  LYS A CE  1 
ATOM   153  N  NZ  . LYS A 1 22  ? -5.755  8.978   -7.580  0.00 80.00 ? 21  LYS A NZ  1 
ATOM   154  N  N   . ASN A 1 23  ? -11.016 5.248   -7.530  1.00 13.46 ? 22  ASN A N   1 
ATOM   155  C  CA  . ASN A 1 23  ? -11.764 5.847   -6.385  1.00 8.96  ? 22  ASN A CA  1 
ATOM   156  C  C   . ASN A 1 23  ? -12.326 4.776   -5.461  1.00 9.98  ? 22  ASN A C   1 
ATOM   157  O  O   . ASN A 1 23  ? -12.125 4.662   -4.238  1.00 11.41 ? 22  ASN A O   1 
ATOM   158  C  CB  . ASN A 1 23  ? -12.975 6.675   -6.895  1.00 12.02 ? 22  ASN A CB  1 
ATOM   159  C  CG  . ASN A 1 23  ? -12.533 7.953   -7.586  1.00 19.70 ? 22  ASN A CG  1 
ATOM   160  O  OD1 . ASN A 1 23  ? -13.292 8.537   -8.362  1.00 42.41 ? 22  ASN A OD1 1 
ATOM   161  N  ND2 . ASN A 1 23  ? -11.252 8.290   -7.485  1.00 12.68 ? 22  ASN A ND2 1 
ATOM   162  N  N   . ALA A 1 24  ? -13.106 3.921   -6.084  1.00 7.29  ? 23  ALA A N   1 
ATOM   163  C  CA  . ALA A 1 24  ? -13.746 2.924   -5.296  1.00 8.19  ? 23  ALA A CA  1 
ATOM   164  C  C   . ALA A 1 24  ? -12.794 1.928   -4.669  1.00 11.88 ? 23  ALA A C   1 
ATOM   165  O  O   . ALA A 1 24  ? -13.023 1.580   -3.504  1.00 15.48 ? 23  ALA A O   1 
ATOM   166  C  CB  . ALA A 1 24  ? -14.682 2.190   -6.262  1.00 7.38  ? 23  ALA A CB  1 
ATOM   167  N  N   . ASN A 1 25  ? -11.813 1.406   -5.455  1.00 8.75  ? 24  ASN A N   1 
ATOM   168  C  CA  . ASN A 1 25  ? -10.918 0.398   -4.944  1.00 8.06  ? 24  ASN A CA  1 
ATOM   169  C  C   . ASN A 1 25  ? -9.992  1.008   -3.956  1.00 12.05 ? 24  ASN A C   1 
ATOM   170  O  O   . ASN A 1 25  ? -9.606  0.441   -2.958  1.00 10.93 ? 24  ASN A O   1 
ATOM   171  C  CB  . ASN A 1 25  ? -10.111 -0.324  -6.024  1.00 8.20  ? 24  ASN A CB  1 
ATOM   172  C  CG  . ASN A 1 25  ? -11.026 -1.200  -6.839  1.00 24.14 ? 24  ASN A CG  1 
ATOM   173  O  OD1 . ASN A 1 25  ? -10.912 -1.464  -8.071  1.00 19.46 ? 24  ASN A OD1 1 
ATOM   174  N  ND2 . ASN A 1 25  ? -12.044 -1.591  -6.148  1.00 10.88 ? 24  ASN A ND2 1 
ATOM   175  N  N   . GLY A 1 26  ? -9.605  2.246   -4.202  1.00 13.90 ? 25  GLY A N   1 
ATOM   176  C  CA  . GLY A 1 26  ? -8.757  2.791   -3.198  1.00 6.39  ? 25  GLY A CA  1 
ATOM   177  C  C   . GLY A 1 26  ? -9.474  3.037   -1.873  1.00 11.29 ? 25  GLY A C   1 
ATOM   178  O  O   . GLY A 1 26  ? -8.893  2.814   -0.829  1.00 8.06  ? 25  GLY A O   1 
ATOM   179  N  N   . LEU A 1 27  ? -10.731 3.513   -1.870  1.00 10.56 ? 26  LEU A N   1 
ATOM   180  C  CA  . LEU A 1 27  ? -11.425 3.664   -0.601  1.00 8.71  ? 26  LEU A CA  1 
ATOM   181  C  C   . LEU A 1 27  ? -11.572 2.263   -0.011  1.00 12.72 ? 26  LEU A C   1 
ATOM   182  O  O   . LEU A 1 27  ? -11.436 2.061   1.179   1.00 10.15 ? 26  LEU A O   1 
ATOM   183  C  CB  . LEU A 1 27  ? -12.881 4.102   -0.804  1.00 9.54  ? 26  LEU A CB  1 
ATOM   184  C  CG  . LEU A 1 27  ? -13.012 5.641   -0.782  1.00 16.71 ? 26  LEU A CG  1 
ATOM   185  C  CD1 . LEU A 1 27  ? -11.897 6.378   -1.330  1.00 4.93  ? 26  LEU A CD1 1 
ATOM   186  C  CD2 . LEU A 1 27  ? -14.117 6.145   -1.637  1.00 5.50  ? 26  LEU A CD2 1 
ATOM   187  N  N   . ASP A 1 28  ? -11.860 1.290   -0.840  1.00 9.26  ? 27  ASP A N   1 
ATOM   188  C  CA  . ASP A 1 28  ? -12.012 -0.092  -0.259  1.00 17.20 ? 27  ASP A CA  1 
ATOM   189  C  C   . ASP A 1 28  ? -10.758 -0.665  0.437   1.00 17.53 ? 27  ASP A C   1 
ATOM   190  O  O   . ASP A 1 28  ? -10.836 -1.396  1.448   1.00 11.19 ? 27  ASP A O   1 
ATOM   191  C  CB  . ASP A 1 28  ? -12.478 -1.107  -1.365  1.00 13.72 ? 27  ASP A CB  1 
ATOM   192  C  CG  . ASP A 1 28  ? -13.975 -1.195  -1.475  0.00 80.00 ? 27  ASP A CG  1 
ATOM   193  O  OD1 . ASP A 1 28  ? -14.581 -1.017  -0.327  0.00 80.00 ? 27  ASP A OD1 1 
ATOM   194  O  OD2 . ASP A 1 28  ? -14.557 -1.401  -2.524  0.00 80.00 ? 27  ASP A OD2 1 
ATOM   195  N  N   . PHE A 1 29  ? -9.614  -0.340  -0.143  1.00 10.55 ? 28  PHE A N   1 
ATOM   196  C  CA  . PHE A 1 29  ? -8.359  -0.813  0.386   1.00 7.74  ? 28  PHE A CA  1 
ATOM   197  C  C   . PHE A 1 29  ? -8.253  -0.254  1.788   1.00 13.25 ? 28  PHE A C   1 
ATOM   198  O  O   . PHE A 1 29  ? -7.942  -0.963  2.735   1.00 14.54 ? 28  PHE A O   1 
ATOM   199  C  CB  . PHE A 1 29  ? -7.171  -0.303  -0.485  1.00 11.14 ? 28  PHE A CB  1 
ATOM   200  C  CG  . PHE A 1 29  ? -5.867  -0.453  0.226   1.00 24.76 ? 28  PHE A CG  1 
ATOM   201  C  CD1 . PHE A 1 29  ? -5.317  -1.722  0.457   1.00 24.03 ? 28  PHE A CD1 1 
ATOM   202  C  CD2 . PHE A 1 29  ? -5.156  0.671   0.662   1.00 14.17 ? 28  PHE A CD2 1 
ATOM   203  C  CE1 . PHE A 1 29  ? -4.109  -1.876  1.156   1.00 16.91 ? 28  PHE A CE1 1 
ATOM   204  C  CE2 . PHE A 1 29  ? -3.944  0.526   1.334   1.00 20.73 ? 28  PHE A CE2 1 
ATOM   205  C  CZ  . PHE A 1 29  ? -3.410  -0.750  1.579   1.00 19.56 ? 28  PHE A CZ  1 
ATOM   206  N  N   . LEU A 1 30  ? -8.497  1.051   1.938   1.00 11.22 ? 29  LEU A N   1 
ATOM   207  C  CA  . LEU A 1 30  ? -8.366  1.696   3.242   1.00 13.24 ? 29  LEU A CA  1 
ATOM   208  C  C   . LEU A 1 30  ? -9.245  1.122   4.341   1.00 12.95 ? 29  LEU A C   1 
ATOM   209  O  O   . LEU A 1 30  ? -8.782  0.895   5.455   1.00 22.99 ? 29  LEU A O   1 
ATOM   210  C  CB  . LEU A 1 30  ? -8.481  3.250   3.104   1.00 13.18 ? 29  LEU A CB  1 
ATOM   211  C  CG  . LEU A 1 30  ? -7.596  4.068   4.003   1.00 38.20 ? 29  LEU A CG  1 
ATOM   212  C  CD1 . LEU A 1 30  ? -6.171  3.530   4.021   1.00 22.58 ? 29  LEU A CD1 1 
ATOM   213  C  CD2 . LEU A 1 30  ? -7.698  5.501   3.473   1.00 26.60 ? 29  LEU A CD2 1 
ATOM   214  N  N   . VAL A 1 31  ? -10.535 0.920   4.017   1.00 10.82 ? 30  VAL A N   1 
ATOM   215  C  CA  . VAL A 1 31  ? -11.489 0.356   4.877   1.00 16.70 ? 30  VAL A CA  1 
ATOM   216  C  C   . VAL A 1 31  ? -11.069 -1.067  5.285   1.00 12.51 ? 30  VAL A C   1 
ATOM   217  O  O   . VAL A 1 31  ? -11.056 -1.333  6.452   1.00 18.18 ? 30  VAL A O   1 
ATOM   218  C  CB  . VAL A 1 31  ? -12.865 0.440   4.264   1.00 29.57 ? 30  VAL A CB  1 
ATOM   219  C  CG1 . VAL A 1 31  ? -13.778 -0.560  4.955   1.00 17.16 ? 30  VAL A CG1 1 
ATOM   220  C  CG2 . VAL A 1 31  ? -13.323 1.917   4.324   1.00 15.83 ? 30  VAL A CG2 1 
ATOM   221  N  N   . ALA A 1 32  ? -10.701 -1.936  4.328   1.00 14.98 ? 31  ALA A N   1 
ATOM   222  C  CA  . ALA A 1 32  ? -10.189 -3.312  4.607   1.00 15.09 ? 31  ALA A CA  1 
ATOM   223  C  C   . ALA A 1 32  ? -9.028  -3.269  5.605   1.00 17.23 ? 31  ALA A C   1 
ATOM   224  O  O   . ALA A 1 32  ? -8.946  -4.005  6.627   1.00 19.37 ? 31  ALA A O   1 
ATOM   225  C  CB  . ALA A 1 32  ? -9.657  -3.915  3.352   1.00 14.23 ? 31  ALA A CB  1 
ATOM   226  N  N   . LEU A 1 33  ? -8.134  -2.301  5.363   1.00 14.07 ? 32  LEU A N   1 
ATOM   227  C  CA  . LEU A 1 33  ? -6.999  -2.164  6.247   1.00 12.27 ? 32  LEU A CA  1 
ATOM   228  C  C   . LEU A 1 33  ? -7.430  -1.946  7.649   1.00 15.34 ? 32  LEU A C   1 
ATOM   229  O  O   . LEU A 1 33  ? -6.966  -2.575  8.573   1.00 16.60 ? 32  LEU A O   1 
ATOM   230  C  CB  . LEU A 1 33  ? -6.051  -1.015  5.788   1.00 14.03 ? 32  LEU A CB  1 
ATOM   231  C  CG  . LEU A 1 33  ? -4.835  -0.745  6.740   1.00 20.61 ? 32  LEU A CG  1 
ATOM   232  C  CD1 . LEU A 1 33  ? -3.899  -1.958  6.861   1.00 22.00 ? 32  LEU A CD1 1 
ATOM   233  C  CD2 . LEU A 1 33  ? -4.061  0.502   6.299   1.00 16.32 ? 32  LEU A CD2 1 
ATOM   234  N  N   . PHE A 1 34  ? -8.358  -1.006  7.765   1.00 15.44 ? 33  PHE A N   1 
ATOM   235  C  CA  . PHE A 1 34  ? -8.861  -0.577  9.030   1.00 13.64 ? 33  PHE A CA  1 
ATOM   236  C  C   . PHE A 1 34  ? -9.651  -1.638  9.741   1.00 22.64 ? 33  PHE A C   1 
ATOM   237  O  O   . PHE A 1 34  ? -9.585  -1.740  10.956  1.00 17.87 ? 33  PHE A O   1 
ATOM   238  C  CB  . PHE A 1 34  ? -9.599  0.716   8.978   1.00 15.04 ? 33  PHE A CB  1 
ATOM   239  C  CG  . PHE A 1 34  ? -8.735  1.905   8.633   1.00 21.37 ? 33  PHE A CG  1 
ATOM   240  C  CD1 . PHE A 1 34  ? -7.374  1.964   8.974   1.00 27.52 ? 33  PHE A CD1 1 
ATOM   241  C  CD2 . PHE A 1 34  ? -9.343  2.982   7.974   1.00 13.94 ? 33  PHE A CD2 1 
ATOM   242  C  CE1 . PHE A 1 34  ? -6.579  3.069   8.643   1.00 24.65 ? 33  PHE A CE1 1 
ATOM   243  C  CE2 . PHE A 1 34  ? -8.575  4.107   7.644   1.00 14.94 ? 33  PHE A CE2 1 
ATOM   244  C  CZ  . PHE A 1 34  ? -7.220  4.133   7.997   1.00 23.71 ? 33  PHE A CZ  1 
ATOM   245  N  N   . GLU A 1 35  ? -10.330 -2.445  8.968   1.00 13.47 ? 34  GLU A N   1 
ATOM   246  C  CA  . GLU A 1 35  ? -11.107 -3.540  9.544   1.00 13.99 ? 34  GLU A CA  1 
ATOM   247  C  C   . GLU A 1 35  ? -10.190 -4.590  10.065  1.00 31.75 ? 34  GLU A C   1 
ATOM   248  O  O   . GLU A 1 35  ? -10.337 -5.024  11.175  1.00 22.77 ? 34  GLU A O   1 
ATOM   249  C  CB  . GLU A 1 35  ? -12.050 -4.171  8.526   1.00 21.67 ? 34  GLU A CB  1 
ATOM   250  C  CG  . GLU A 1 35  ? -12.982 -3.107  7.975   1.00 32.59 ? 34  GLU A CG  1 
ATOM   251  C  CD  . GLU A 1 35  ? -14.149 -3.794  7.354   1.00 51.56 ? 34  GLU A CD  1 
ATOM   252  O  OE1 . GLU A 1 35  ? -13.793 -4.665  6.463   1.00 33.54 ? 34  GLU A OE1 1 
ATOM   253  O  OE2 . GLU A 1 35  ? -15.291 -3.581  7.675   1.00 33.43 ? 34  GLU A OE2 1 
ATOM   254  N  N   . LYS A 1 36  ? -9.205  -4.936  9.272   1.00 16.39 ? 35  LYS A N   1 
ATOM   255  C  CA  . LYS A 1 36  ? -8.306  -5.958  9.692   1.00 15.98 ? 35  LYS A CA  1 
ATOM   256  C  C   . LYS A 1 36  ? -7.293  -5.603  10.725  1.00 26.58 ? 35  LYS A C   1 
ATOM   257  O  O   . LYS A 1 36  ? -6.876  -6.464  11.489  1.00 18.70 ? 35  LYS A O   1 
ATOM   258  C  CB  . LYS A 1 36  ? -7.595  -6.469  8.439   1.00 19.10 ? 35  LYS A CB  1 
ATOM   259  C  CG  . LYS A 1 36  ? -8.598  -7.103  7.468   1.00 25.53 ? 35  LYS A CG  1 
ATOM   260  C  CD  . LYS A 1 36  ? -7.985  -7.734  6.202   1.00 54.11 ? 35  LYS A CD  1 
ATOM   261  C  CE  . LYS A 1 36  ? -8.902  -8.593  5.357   1.00 65.56 ? 35  LYS A CE  1 
ATOM   262  N  NZ  . LYS A 1 36  ? -8.330  -8.877  4.032   0.00 80.00 ? 35  LYS A NZ  1 
ATOM   263  N  N   . PHE A 1 37  ? -6.794  -4.377  10.685  1.00 18.14 ? 36  PHE A N   1 
ATOM   264  C  CA  . PHE A 1 37  ? -5.794  -3.959  11.609  1.00 12.15 ? 36  PHE A CA  1 
ATOM   265  C  C   . PHE A 1 37  ? -6.257  -2.619  12.178  1.00 22.73 ? 36  PHE A C   1 
ATOM   266  O  O   . PHE A 1 37  ? -5.775  -1.535  11.845  1.00 20.89 ? 36  PHE A O   1 
ATOM   267  C  CB  . PHE A 1 37  ? -4.464  -3.738  10.926  1.00 11.81 ? 36  PHE A CB  1 
ATOM   268  C  CG  . PHE A 1 37  ? -4.072  -5.074  10.314  1.00 16.97 ? 36  PHE A CG  1 
ATOM   269  C  CD1 . PHE A 1 37  ? -3.422  -6.037  11.083  1.00 25.78 ? 36  PHE A CD1 1 
ATOM   270  C  CD2 . PHE A 1 37  ? -4.403  -5.351  8.991   1.00 16.13 ? 36  PHE A CD2 1 
ATOM   271  C  CE1 . PHE A 1 37  ? -3.043  -7.259  10.522  1.00 22.86 ? 36  PHE A CE1 1 
ATOM   272  C  CE2 . PHE A 1 37  ? -4.029  -6.564  8.416   1.00 25.02 ? 36  PHE A CE2 1 
ATOM   273  C  CZ  . PHE A 1 37  ? -3.332  -7.503  9.178   1.00 31.61 ? 36  PHE A CZ  1 
ATOM   274  N  N   . PRO A 1 38  ? -7.215  -2.704  13.058  1.00 21.31 ? 37  PRO A N   1 
ATOM   275  C  CA  . PRO A 1 38  ? -7.772  -1.539  13.707  1.00 24.42 ? 37  PRO A CA  1 
ATOM   276  C  C   . PRO A 1 38  ? -6.813  -0.539  14.267  1.00 21.73 ? 37  PRO A C   1 
ATOM   277  O  O   . PRO A 1 38  ? -7.125  0.631   14.259  1.00 25.29 ? 37  PRO A O   1 
ATOM   278  C  CB  . PRO A 1 38  ? -8.594  -2.037  14.860  1.00 19.90 ? 37  PRO A CB  1 
ATOM   279  C  CG  . PRO A 1 38  ? -8.249  -3.495  14.945  1.00 45.41 ? 37  PRO A CG  1 
ATOM   280  C  CD  . PRO A 1 38  ? -7.832  -3.933  13.554  1.00 19.11 ? 37  PRO A CD  1 
ATOM   281  N  N   . ASP A 1 39  ? -5.641  -0.935  14.748  1.00 13.01 ? 38  ASP A N   1 
ATOM   282  C  CA  . ASP A 1 39  ? -4.747  0.057   15.262  1.00 16.75 ? 38  ASP A CA  1 
ATOM   283  C  C   . ASP A 1 39  ? -4.233  0.996   14.191  1.00 12.80 ? 38  ASP A C   1 
ATOM   284  O  O   . ASP A 1 39  ? -3.705  2.107   14.485  1.00 18.98 ? 38  ASP A O   1 
ATOM   285  C  CB  . ASP A 1 39  ? -3.553  -0.607  15.954  1.00 21.84 ? 38  ASP A CB  1 
ATOM   286  C  CG  . ASP A 1 39  ? -2.849  -1.551  15.024  1.00 17.00 ? 38  ASP A CG  1 
ATOM   287  O  OD1 . ASP A 1 39  ? -3.406  -2.510  14.523  1.00 38.94 ? 38  ASP A OD1 1 
ATOM   288  O  OD2 . ASP A 1 39  ? -1.605  -1.283  14.899  1.00 32.81 ? 38  ASP A OD2 1 
ATOM   289  N  N   . SER A 1 40  ? -4.315  0.579   12.936  1.00 14.34 ? 39  SER A N   1 
ATOM   290  C  CA  . SER A 1 40  ? -3.756  1.478   11.909  1.00 11.99 ? 39  SER A CA  1 
ATOM   291  C  C   . SER A 1 40  ? -4.351  2.879   11.917  1.00 11.79 ? 39  SER A C   1 
ATOM   292  O  O   . SER A 1 40  ? -3.705  3.864   11.696  1.00 14.70 ? 39  SER A O   1 
ATOM   293  C  CB  . SER A 1 40  ? -4.100  0.948   10.538  1.00 27.39 ? 39  SER A CB  1 
ATOM   294  O  OG  . SER A 1 40  ? -3.558  -0.341  10.420  1.00 40.50 ? 39  SER A OG  1 
ATOM   295  N  N   . ALA A 1 41  ? -5.622  2.927   12.177  1.00 21.06 ? 40  ALA A N   1 
ATOM   296  C  CA  . ALA A 1 41  ? -6.348  4.172   12.161  1.00 22.86 ? 40  ALA A CA  1 
ATOM   297  C  C   . ALA A 1 41  ? -5.822  5.170   13.135  1.00 30.41 ? 40  ALA A C   1 
ATOM   298  O  O   . ALA A 1 41  ? -5.923  6.374   12.902  1.00 31.97 ? 40  ALA A O   1 
ATOM   299  C  CB  . ALA A 1 41  ? -7.810  3.872   12.398  1.00 22.32 ? 40  ALA A CB  1 
ATOM   300  N  N   . ASN A 1 42  ? -5.265  4.675   14.242  1.00 24.66 ? 41  ASN A N   1 
ATOM   301  C  CA  . ASN A 1 42  ? -4.818  5.655   15.168  1.00 14.84 ? 41  ASN A CA  1 
ATOM   302  C  C   . ASN A 1 42  ? -3.656  6.435   14.654  1.00 31.15 ? 41  ASN A C   1 
ATOM   303  O  O   . ASN A 1 42  ? -3.287  7.402   15.320  1.00 26.48 ? 41  ASN A O   1 
ATOM   304  C  CB  . ASN A 1 42  ? -4.395  5.149   16.531  1.00 21.59 ? 41  ASN A CB  1 
ATOM   305  C  CG  . ASN A 1 42  ? -5.502  4.569   17.350  1.00 51.76 ? 41  ASN A CG  1 
ATOM   306  O  OD1 . ASN A 1 42  ? -6.710  4.924   17.232  1.00 50.91 ? 41  ASN A OD1 1 
ATOM   307  N  ND2 . ASN A 1 42  ? -4.987  3.669   18.183  1.00 44.93 ? 41  ASN A ND2 1 
ATOM   308  N  N   . PHE A 1 43  ? -3.040  6.017   13.535  1.00 10.49 ? 42  PHE A N   1 
ATOM   309  C  CA  . PHE A 1 43  ? -1.906  6.805   13.086  1.00 10.34 ? 42  PHE A CA  1 
ATOM   310  C  C   . PHE A 1 43  ? -2.318  7.988   12.282  1.00 12.64 ? 42  PHE A C   1 
ATOM   311  O  O   . PHE A 1 43  ? -1.522  8.865   11.943  1.00 20.51 ? 42  PHE A O   1 
ATOM   312  C  CB  . PHE A 1 43  ? -1.018  5.974   12.121  1.00 15.22 ? 42  PHE A CB  1 
ATOM   313  C  CG  . PHE A 1 43  ? -0.258  4.916   12.896  1.00 15.88 ? 42  PHE A CG  1 
ATOM   314  C  CD1 . PHE A 1 43  ? -0.861  3.699   13.188  1.00 15.08 ? 42  PHE A CD1 1 
ATOM   315  C  CD2 . PHE A 1 43  ? 0.991   5.196   13.444  1.00 20.06 ? 42  PHE A CD2 1 
ATOM   316  C  CE1 . PHE A 1 43  ? -0.194  2.714   13.926  1.00 28.97 ? 42  PHE A CE1 1 
ATOM   317  C  CE2 . PHE A 1 43  ? 1.662   4.252   14.213  1.00 19.82 ? 42  PHE A CE2 1 
ATOM   318  C  CZ  . PHE A 1 43  ? 1.071   3.007   14.423  1.00 15.24 ? 42  PHE A CZ  1 
ATOM   319  N  N   . PHE A 1 44  ? -3.593  7.996   11.951  1.00 14.74 ? 43  PHE A N   1 
ATOM   320  C  CA  . PHE A 1 44  ? -4.013  9.102   11.126  1.00 24.91 ? 43  PHE A CA  1 
ATOM   321  C  C   . PHE A 1 44  ? -4.747  10.113  11.940  1.00 11.38 ? 43  PHE A C   1 
ATOM   322  O  O   . PHE A 1 44  ? -5.721  9.802   12.588  1.00 21.43 ? 43  PHE A O   1 
ATOM   323  C  CB  . PHE A 1 44  ? -5.005  8.566   10.075  1.00 17.00 ? 43  PHE A CB  1 
ATOM   324  C  CG  . PHE A 1 44  ? -4.464  7.686   8.963   1.00 15.00 ? 43  PHE A CG  1 
ATOM   325  C  CD1 . PHE A 1 44  ? -4.292  6.315   9.108   1.00 23.51 ? 43  PHE A CD1 1 
ATOM   326  C  CD2 . PHE A 1 44  ? -4.109  8.288   7.763   1.00 15.26 ? 43  PHE A CD2 1 
ATOM   327  C  CE1 . PHE A 1 44  ? -3.765  5.535   8.071   1.00 23.30 ? 43  PHE A CE1 1 
ATOM   328  C  CE2 . PHE A 1 44  ? -3.588  7.541   6.709   1.00 18.92 ? 43  PHE A CE2 1 
ATOM   329  C  CZ  . PHE A 1 44  ? -3.461  6.158   6.859   1.00 19.94 ? 43  PHE A CZ  1 
ATOM   330  N  N   . ALA A 1 45  ? -4.322  11.307  11.872  1.00 19.53 ? 44  ALA A N   1 
ATOM   331  C  CA  . ALA A 1 45  ? -4.980  12.398  12.577  1.00 52.04 ? 44  ALA A CA  1 
ATOM   332  C  C   . ALA A 1 45  ? -6.451  12.445  12.205  1.00 22.36 ? 44  ALA A C   1 
ATOM   333  O  O   . ALA A 1 45  ? -7.348  12.441  13.011  1.00 33.39 ? 44  ALA A O   1 
ATOM   334  C  CB  . ALA A 1 45  ? -4.338  13.685  12.076  1.00 40.00 ? 44  ALA A CB  1 
ATOM   335  N  N   . ASP A 1 46  ? -6.713  12.470  10.926  1.00 24.89 ? 45  ASP A N   1 
ATOM   336  C  CA  . ASP A 1 46  ? -8.070  12.488  10.473  1.00 18.82 ? 45  ASP A CA  1 
ATOM   337  C  C   . ASP A 1 46  ? -8.923  11.346  10.964  1.00 35.64 ? 45  ASP A C   1 
ATOM   338  O  O   . ASP A 1 46  ? -10.100 11.569  11.073  1.00 23.06 ? 45  ASP A O   1 
ATOM   339  C  CB  . ASP A 1 46  ? -8.061  12.399  8.937   1.00 23.92 ? 45  ASP A CB  1 
ATOM   340  C  CG  . ASP A 1 46  ? -7.432  13.602  8.231   1.00 30.30 ? 45  ASP A CG  1 
ATOM   341  O  OD1 . ASP A 1 46  ? -7.851  14.772  8.665   1.00 27.23 ? 45  ASP A OD1 1 
ATOM   342  O  OD2 . ASP A 1 46  ? -6.643  13.505  7.314   1.00 27.29 ? 45  ASP A OD2 1 
ATOM   343  N  N   . PHE A 1 47  ? -8.429  10.113  11.232  1.00 18.18 ? 46  PHE A N   1 
ATOM   344  C  CA  . PHE A 1 47  ? -9.338  9.060   11.651  1.00 14.98 ? 46  PHE A CA  1 
ATOM   345  C  C   . PHE A 1 47  ? -9.154  8.503   13.067  1.00 16.51 ? 46  PHE A C   1 
ATOM   346  O  O   . PHE A 1 47  ? -9.856  7.506   13.391  1.00 23.94 ? 46  PHE A O   1 
ATOM   347  C  CB  . PHE A 1 47  ? -9.105  7.862   10.693  1.00 10.70 ? 46  PHE A CB  1 
ATOM   348  C  CG  . PHE A 1 47  ? -9.221  8.301   9.277   1.00 25.35 ? 46  PHE A CG  1 
ATOM   349  C  CD1 . PHE A 1 47  ? -10.296 9.099   8.856   1.00 20.22 ? 46  PHE A CD1 1 
ATOM   350  C  CD2 . PHE A 1 47  ? -8.239  7.903   8.364   1.00 17.62 ? 46  PHE A CD2 1 
ATOM   351  C  CE1 . PHE A 1 47  ? -10.360 9.485   7.512   1.00 14.59 ? 46  PHE A CE1 1 
ATOM   352  C  CE2 . PHE A 1 47  ? -8.287  8.258   7.019   1.00 18.10 ? 46  PHE A CE2 1 
ATOM   353  C  CZ  . PHE A 1 47  ? -9.378  9.042   6.622   1.00 25.26 ? 46  PHE A CZ  1 
ATOM   354  N  N   . LYS A 1 48  ? -8.216  9.079   13.855  1.00 27.45 ? 47  LYS A N   1 
ATOM   355  C  CA  . LYS A 1 48  ? -7.898  8.602   15.225  1.00 26.65 ? 47  LYS A CA  1 
ATOM   356  C  C   . LYS A 1 48  ? -9.163  8.561   16.023  1.00 27.78 ? 47  LYS A C   1 
ATOM   357  O  O   . LYS A 1 48  ? -9.923  9.517   15.995  1.00 62.70 ? 47  LYS A O   1 
ATOM   358  C  CB  . LYS A 1 48  ? -6.923  9.543   15.955  1.00 25.72 ? 47  LYS A CB  1 
ATOM   359  C  CG  . LYS A 1 48  ? -6.442  8.993   17.286  0.00 80.00 ? 47  LYS A CG  1 
ATOM   360  C  CD  . LYS A 1 48  ? -5.264  9.771   17.850  0.00 80.00 ? 47  LYS A CD  1 
ATOM   361  C  CE  . LYS A 1 48  ? -4.942  9.384   19.284  0.00 80.00 ? 47  LYS A CE  1 
ATOM   362  N  NZ  . LYS A 1 48  ? -4.099  10.390  19.971  0.00 80.00 ? 47  LYS A NZ  1 
ATOM   363  N  N   . GLY A 1 49  ? -9.431  7.470   16.700  1.00 30.88 ? 48  GLY A N   1 
ATOM   364  C  CA  . GLY A 1 49  ? -10.648 7.419   17.456  1.00 23.39 ? 48  GLY A CA  1 
ATOM   365  C  C   . GLY A 1 49  ? -11.913 7.060   16.679  1.00 40.19 ? 48  GLY A C   1 
ATOM   366  O  O   . GLY A 1 49  ? -12.888 6.600   17.236  1.00 60.30 ? 48  GLY A O   1 
ATOM   367  N  N   . LYS A 1 50  ? -11.939 7.261   15.394  1.00 19.29 ? 49  LYS A N   1 
ATOM   368  C  CA  . LYS A 1 50  ? -13.137 6.939   14.637  1.00 14.34 ? 49  LYS A CA  1 
ATOM   369  C  C   . LYS A 1 50  ? -13.406 5.467   14.451  1.00 18.01 ? 49  LYS A C   1 
ATOM   370  O  O   . LYS A 1 50  ? -12.512 4.633   14.374  1.00 25.04 ? 49  LYS A O   1 
ATOM   371  C  CB  . LYS A 1 50  ? -12.923 7.549   13.266  1.00 14.26 ? 49  LYS A CB  1 
ATOM   372  C  CG  . LYS A 1 50  ? -12.875 9.061   13.494  1.00 29.73 ? 49  LYS A CG  1 
ATOM   373  C  CD  . LYS A 1 50  ? -12.977 9.868   12.219  1.00 24.57 ? 49  LYS A CD  1 
ATOM   374  C  CE  . LYS A 1 50  ? -13.730 11.180  12.362  0.00 75.60 ? 49  LYS A CE  1 
ATOM   375  N  NZ  . LYS A 1 50  ? -13.997 11.827  11.068  0.00 80.00 ? 49  LYS A NZ  1 
ATOM   376  N  N   . SER A 1 51  ? -14.670 5.112   14.237  1.00 17.36 ? 50  SER A N   1 
ATOM   377  C  CA  . SER A 1 51  ? -15.015 3.738   13.973  1.00 23.99 ? 50  SER A CA  1 
ATOM   378  C  C   . SER A 1 51  ? -14.973 3.544   12.470  1.00 27.14 ? 50  SER A C   1 
ATOM   379  O  O   . SER A 1 51  ? -14.917 4.533   11.748  1.00 11.37 ? 50  SER A O   1 
ATOM   380  C  CB  . SER A 1 51  ? -16.433 3.541   14.422  1.00 33.44 ? 50  SER A CB  1 
ATOM   381  O  OG  . SER A 1 51  ? -17.212 4.256   13.485  1.00 19.72 ? 50  SER A OG  1 
ATOM   382  N  N   . VAL A 1 52  ? -14.974 2.288   11.992  1.00 18.84 ? 51  VAL A N   1 
ATOM   383  C  CA  . VAL A 1 52  ? -14.961 2.099   10.542  1.00 13.22 ? 51  VAL A CA  1 
ATOM   384  C  C   . VAL A 1 52  ? -16.114 2.857   9.888   1.00 12.35 ? 51  VAL A C   1 
ATOM   385  O  O   . VAL A 1 52  ? -15.932 3.454   8.790   1.00 18.73 ? 51  VAL A O   1 
ATOM   386  C  CB  . VAL A 1 52  ? -14.860 0.624   10.129  1.00 20.47 ? 51  VAL A CB  1 
ATOM   387  C  CG1 . VAL A 1 52  ? -15.018 0.424   8.626   1.00 28.11 ? 51  VAL A CG1 1 
ATOM   388  C  CG2 . VAL A 1 52  ? -13.451 0.153   10.501  1.00 20.08 ? 51  VAL A CG2 1 
ATOM   389  N  N   . ALA A 1 53  ? -17.299 2.827   10.548  1.00 8.78  ? 52  ALA A N   1 
ATOM   390  C  CA  . ALA A 1 53  ? -18.526 3.502   9.993   1.00 14.80 ? 52  ALA A CA  1 
ATOM   391  C  C   . ALA A 1 53  ? -18.228 4.991   9.774   1.00 11.21 ? 52  ALA A C   1 
ATOM   392  O  O   . ALA A 1 53  ? -18.550 5.580   8.707   1.00 13.55 ? 52  ALA A O   1 
ATOM   393  C  CB  . ALA A 1 53  ? -19.882 3.256   10.726  1.00 11.96 ? 52  ALA A CB  1 
ATOM   394  N  N   . ASP A 1 54  ? -17.620 5.574   10.820  1.00 17.52 ? 53  ASP A N   1 
ATOM   395  C  CA  . ASP A 1 54  ? -17.255 6.981   10.767  1.00 12.93 ? 53  ASP A CA  1 
ATOM   396  C  C   . ASP A 1 54  ? -16.332 7.263   9.614   1.00 21.29 ? 53  ASP A C   1 
ATOM   397  O  O   . ASP A 1 54  ? -16.494 8.265   8.948   1.00 13.51 ? 53  ASP A O   1 
ATOM   398  C  CB  . ASP A 1 54  ? -16.538 7.453   12.034  1.00 12.27 ? 53  ASP A CB  1 
ATOM   399  C  CG  . ASP A 1 54  ? -17.324 7.481   13.305  1.00 28.96 ? 53  ASP A CG  1 
ATOM   400  O  OD1 . ASP A 1 54  ? -18.511 7.989   13.123  1.00 21.34 ? 53  ASP A OD1 1 
ATOM   401  O  OD2 . ASP A 1 54  ? -16.891 7.016   14.355  1.00 39.78 ? 53  ASP A OD2 1 
ATOM   402  N  N   . ILE A 1 55  ? -15.314 6.383   9.453   1.00 14.83 ? 54  ILE A N   1 
ATOM   403  C  CA  . ILE A 1 55  ? -14.321 6.500   8.399   1.00 12.40 ? 54  ILE A CA  1 
ATOM   404  C  C   . ILE A 1 55  ? -14.942 6.437   7.022   1.00 15.90 ? 54  ILE A C   1 
ATOM   405  O  O   . ILE A 1 55  ? -14.723 7.274   6.158   1.00 12.11 ? 54  ILE A O   1 
ATOM   406  C  CB  . ILE A 1 55  ? -13.092 5.605   8.667   1.00 8.53  ? 54  ILE A CB  1 
ATOM   407  C  CG1 . ILE A 1 55  ? -12.376 6.072   9.949   1.00 13.42 ? 54  ILE A CG1 1 
ATOM   408  C  CG2 . ILE A 1 55  ? -12.082 5.643   7.559   1.00 11.35 ? 54  ILE A CG2 1 
ATOM   409  C  CD1 . ILE A 1 55  ? -11.615 4.847   10.509  1.00 26.24 ? 54  ILE A CD1 1 
ATOM   410  N  N   . LYS A 1 56  ? -15.797 5.492   6.850   1.00 8.20  ? 55  LYS A N   1 
ATOM   411  C  CA  . LYS A 1 56  ? -16.513 5.333   5.577   1.00 12.14 ? 55  LYS A CA  1 
ATOM   412  C  C   . LYS A 1 56  ? -17.371 6.573   5.302   1.00 12.45 ? 55  LYS A C   1 
ATOM   413  O  O   . LYS A 1 56  ? -17.536 6.966   4.159   1.00 24.73 ? 55  LYS A O   1 
ATOM   414  C  CB  . LYS A 1 56  ? -17.502 4.149   5.619   1.00 15.47 ? 55  LYS A CB  1 
ATOM   415  C  CG  . LYS A 1 56  ? -16.915 2.778   5.595   1.00 26.52 ? 55  LYS A CG  1 
ATOM   416  C  CD  . LYS A 1 56  ? -17.933 1.684   5.180   1.00 17.69 ? 55  LYS A CD  1 
ATOM   417  C  CE  . LYS A 1 56  ? -18.224 0.521   6.090   0.00 80.00 ? 55  LYS A CE  1 
ATOM   418  N  NZ  . LYS A 1 56  ? -19.117 -0.389  5.363   1.00 46.85 ? 55  LYS A NZ  1 
ATOM   419  N  N   . ALA A 1 57  ? -17.883 7.231   6.321   1.00 16.14 ? 56  ALA A N   1 
ATOM   420  C  CA  . ALA A 1 57  ? -18.710 8.400   6.058   1.00 10.00 ? 56  ALA A CA  1 
ATOM   421  C  C   . ALA A 1 57  ? -17.940 9.683   6.104   1.00 14.20 ? 56  ALA A C   1 
ATOM   422  O  O   . ALA A 1 57  ? -18.530 10.710  5.969   1.00 23.23 ? 56  ALA A O   1 
ATOM   423  C  CB  . ALA A 1 57  ? -19.707 8.559   7.146   1.00 18.60 ? 56  ALA A CB  1 
ATOM   424  N  N   . SER A 1 58  ? -16.651 9.693   6.272   1.00 14.35 ? 57  SER A N   1 
ATOM   425  C  CA  . SER A 1 58  ? -15.888 10.945  6.331   1.00 12.44 ? 57  SER A CA  1 
ATOM   426  C  C   . SER A 1 58  ? -15.603 11.536  4.962   1.00 21.25 ? 57  SER A C   1 
ATOM   427  O  O   . SER A 1 58  ? -15.269 10.863  3.978   1.00 17.70 ? 57  SER A O   1 
ATOM   428  C  CB  . SER A 1 58  ? -14.543 10.554  6.929   1.00 15.00 ? 57  SER A CB  1 
ATOM   429  O  OG  . SER A 1 58  ? -13.685 11.688  6.879   1.00 20.94 ? 57  SER A OG  1 
ATOM   430  N  N   . PRO A 1 59  ? -15.670 12.843  4.872   1.00 21.83 ? 58  PRO A N   1 
ATOM   431  C  CA  . PRO A 1 59  ? -15.405 13.439  3.593   1.00 10.65 ? 58  PRO A CA  1 
ATOM   432  C  C   . PRO A 1 59  ? -13.934 13.481  3.362   1.00 16.42 ? 58  PRO A C   1 
ATOM   433  O  O   . PRO A 1 59  ? -13.529 13.972  2.323   1.00 21.43 ? 58  PRO A O   1 
ATOM   434  C  CB  . PRO A 1 59  ? -15.718 14.934  3.725   1.00 16.99 ? 58  PRO A CB  1 
ATOM   435  C  CG  . PRO A 1 59  ? -16.501 15.078  5.011   1.00 17.04 ? 58  PRO A CG  1 
ATOM   436  C  CD  . PRO A 1 59  ? -16.154 13.880  5.846   1.00 22.32 ? 58  PRO A CD  1 
ATOM   437  N  N   . LYS A 1 60  ? -13.167 12.998  4.319   1.00 11.95 ? 59  LYS A N   1 
ATOM   438  C  CA  . LYS A 1 60  ? -11.747 13.004  4.129   1.00 5.65  ? 59  LYS A CA  1 
ATOM   439  C  C   . LYS A 1 60  ? -11.213 11.724  3.523   1.00 17.35 ? 59  LYS A C   1 
ATOM   440  O  O   . LYS A 1 60  ? -10.062 11.608  3.158   1.00 17.85 ? 59  LYS A O   1 
ATOM   441  C  CB  . LYS A 1 60  ? -11.018 13.154  5.478   1.00 19.83 ? 59  LYS A CB  1 
ATOM   442  C  CG  . LYS A 1 60  ? -11.562 14.343  6.256   1.00 20.95 ? 59  LYS A CG  1 
ATOM   443  C  CD  . LYS A 1 60  ? -10.678 14.622  7.458   1.00 25.66 ? 59  LYS A CD  1 
ATOM   444  C  CE  . LYS A 1 60  ? -10.513 16.089  7.797   1.00 48.23 ? 59  LYS A CE  1 
ATOM   445  N  NZ  . LYS A 1 60  ? -10.220 16.236  9.229   1.00 42.75 ? 59  LYS A NZ  1 
ATOM   446  N  N   . LEU A 1 61  ? -12.012 10.707  3.488   1.00 11.48 ? 60  LEU A N   1 
ATOM   447  C  CA  . LEU A 1 61  ? -11.500 9.404   3.054   1.00 9.16  ? 60  LEU A CA  1 
ATOM   448  C  C   . LEU A 1 61  ? -10.890 9.396   1.657   1.00 11.51 ? 60  LEU A C   1 
ATOM   449  O  O   . LEU A 1 61  ? -9.839  8.782   1.418   1.00 12.99 ? 60  LEU A O   1 
ATOM   450  C  CB  . LEU A 1 61  ? -12.659 8.386   3.219   1.00 9.16  ? 60  LEU A CB  1 
ATOM   451  C  CG  . LEU A 1 61  ? -12.249 6.973   2.756   1.00 13.19 ? 60  LEU A CG  1 
ATOM   452  C  CD1 . LEU A 1 61  ? -11.307 6.365   3.810   1.00 9.37  ? 60  LEU A CD1 1 
ATOM   453  C  CD2 . LEU A 1 61  ? -13.542 6.205   2.810   1.00 17.14 ? 60  LEU A CD2 1 
ATOM   454  N  N   . ARG A 1 62  ? -11.570 10.077  0.747   1.00 8.05  ? 61  ARG A N   1 
ATOM   455  C  CA  . ARG A 1 62  ? -11.130 10.042  -0.606  1.00 13.54 ? 61  ARG A CA  1 
ATOM   456  C  C   . ARG A 1 62  ? -9.765  10.616  -0.814  1.00 19.83 ? 61  ARG A C   1 
ATOM   457  O  O   . ARG A 1 62  ? -8.981  10.161  -1.644  1.00 12.66 ? 61  ARG A O   1 
ATOM   458  C  CB  . ARG A 1 62  ? -12.194 10.495  -1.629  1.00 9.63  ? 61  ARG A CB  1 
ATOM   459  C  CG  . ARG A 1 62  ? -11.663 10.686  -3.048  1.00 15.89 ? 61  ARG A CG  1 
ATOM   460  C  CD  . ARG A 1 62  ? -11.557 9.356   -3.814  1.00 15.12 ? 61  ARG A CD  1 
ATOM   461  N  NE  . ARG A 1 62  ? -12.661 8.483   -3.392  1.00 11.64 ? 61  ARG A NE  1 
ATOM   462  C  CZ  . ARG A 1 62  ? -13.908 8.561   -3.921  1.00 19.61 ? 61  ARG A CZ  1 
ATOM   463  N  NH1 . ARG A 1 62  ? -14.209 9.391   -4.925  1.00 16.37 ? 61  ARG A NH1 1 
ATOM   464  N  NH2 . ARG A 1 62  ? -14.884 7.768   -3.514  1.00 14.32 ? 61  ARG A NH2 1 
ATOM   465  N  N   . ASP A 1 63  ? -9.467  11.672  -0.072  1.00 14.80 ? 62  ASP A N   1 
ATOM   466  C  CA  . ASP A 1 63  ? -8.165  12.269  -0.255  1.00 16.45 ? 62  ASP A CA  1 
ATOM   467  C  C   . ASP A 1 63  ? -7.077  11.304  0.210   1.00 12.42 ? 62  ASP A C   1 
ATOM   468  O  O   . ASP A 1 63  ? -5.996  11.245  -0.361  1.00 13.65 ? 62  ASP A O   1 
ATOM   469  C  CB  . ASP A 1 63  ? -8.054  13.525  0.653   1.00 18.61 ? 62  ASP A CB  1 
ATOM   470  C  CG  . ASP A 1 63  ? -8.502  14.859  0.083   1.00 37.27 ? 62  ASP A CG  1 
ATOM   471  O  OD1 . ASP A 1 63  ? -8.990  14.861  -1.123  1.00 39.74 ? 62  ASP A OD1 1 
ATOM   472  O  OD2 . ASP A 1 63  ? -8.420  15.869  0.740   1.00 34.07 ? 62  ASP A OD2 1 
ATOM   473  N  N   . VAL A 1 64  ? -7.378  10.596  1.322   1.00 9.92  ? 63  VAL A N   1 
ATOM   474  C  CA  . VAL A 1 64  ? -6.343  9.684   1.851   1.00 10.07 ? 63  VAL A CA  1 
ATOM   475  C  C   . VAL A 1 64  ? -6.174  8.443   0.934   1.00 16.63 ? 63  VAL A C   1 
ATOM   476  O  O   . VAL A 1 64  ? -5.090  8.028   0.546   1.00 13.67 ? 63  VAL A O   1 
ATOM   477  C  CB  . VAL A 1 64  ? -6.799  9.331   3.271   1.00 10.22 ? 63  VAL A CB  1 
ATOM   478  C  CG1 . VAL A 1 64  ? -5.727  8.429   3.924   1.00 14.09 ? 63  VAL A CG1 1 
ATOM   479  C  CG2 . VAL A 1 64  ? -6.778  10.675  4.009   1.00 16.13 ? 63  VAL A CG2 1 
ATOM   480  N  N   . SER A 1 65  ? -7.255  7.802   0.555   1.00 9.30  ? 64  SER A N   1 
ATOM   481  C  CA  . SER A 1 65  ? -7.107  6.634   -0.322  1.00 7.96  ? 64  SER A CA  1 
ATOM   482  C  C   . SER A 1 65  ? -6.453  7.002   -1.659  1.00 13.65 ? 64  SER A C   1 
ATOM   483  O  O   . SER A 1 65  ? -5.653  6.251   -2.251  1.00 12.63 ? 64  SER A O   1 
ATOM   484  C  CB  . SER A 1 65  ? -8.491  5.950   -0.499  1.00 15.16 ? 64  SER A CB  1 
ATOM   485  O  OG  . SER A 1 65  ? -9.332  6.684   -1.422  1.00 12.56 ? 64  SER A OG  1 
ATOM   486  N  N   . SER A 1 66  ? -6.851  8.186   -2.237  1.00 10.03 ? 65  SER A N   1 
ATOM   487  C  CA  . SER A 1 66  ? -6.312  8.581   -3.510  1.00 7.99  ? 65  SER A CA  1 
ATOM   488  C  C   . SER A 1 66  ? -4.828  8.785   -3.402  1.00 16.81 ? 65  SER A C   1 
ATOM   489  O  O   . SER A 1 66  ? -4.120  8.355   -4.329  1.00 19.42 ? 65  SER A O   1 
ATOM   490  C  CB  . SER A 1 66  ? -6.940  9.763   -4.251  1.00 16.92 ? 65  SER A CB  1 
ATOM   491  O  OG  . SER A 1 66  ? -6.931  10.773  -3.308  1.00 37.05 ? 65  SER A OG  1 
ATOM   492  N  N   . ARG A 1 67  ? -4.341  9.460   -2.362  1.00 11.95 ? 66  ARG A N   1 
ATOM   493  C  CA  . ARG A 1 67  ? -2.884  9.646   -2.318  1.00 10.40 ? 66  ARG A CA  1 
ATOM   494  C  C   . ARG A 1 67  ? -2.126  8.293   -2.205  1.00 15.04 ? 66  ARG A C   1 
ATOM   495  O  O   . ARG A 1 67  ? -1.096  8.103   -2.808  1.00 9.37  ? 66  ARG A O   1 
ATOM   496  C  CB  . ARG A 1 67  ? -2.425  10.579  -1.211  1.00 15.83 ? 66  ARG A CB  1 
ATOM   497  C  CG  . ARG A 1 67  ? -2.814  10.035  0.141   1.00 12.56 ? 66  ARG A CG  1 
ATOM   498  C  CD  . ARG A 1 67  ? -2.439  11.019  1.284   1.00 13.71 ? 66  ARG A CD  1 
ATOM   499  N  NE  . ARG A 1 67  ? -2.450  10.381  2.625   1.00 20.66 ? 66  ARG A NE  1 
ATOM   500  C  CZ  . ARG A 1 67  ? -2.567  11.056  3.786   1.00 29.39 ? 66  ARG A CZ  1 
ATOM   501  N  NH1 . ARG A 1 67  ? -2.719  12.355  3.812   1.00 24.50 ? 66  ARG A NH1 1 
ATOM   502  N  NH2 . ARG A 1 67  ? -2.583  10.447  4.979   1.00 25.90 ? 66  ARG A NH2 1 
ATOM   503  N  N   . ILE A 1 68  ? -2.634  7.316   -1.453  1.00 13.01 ? 67  ILE A N   1 
ATOM   504  C  CA  . ILE A 1 68  ? -2.017  5.990   -1.365  1.00 10.76 ? 67  ILE A CA  1 
ATOM   505  C  C   . ILE A 1 68  ? -2.043  5.354   -2.761  1.00 8.45  ? 67  ILE A C   1 
ATOM   506  O  O   . ILE A 1 68  ? -1.058  4.867   -3.319  1.00 16.36 ? 67  ILE A O   1 
ATOM   507  C  CB  . ILE A 1 68  ? -2.830  5.114   -0.396  1.00 14.91 ? 67  ILE A CB  1 
ATOM   508  C  CG1 . ILE A 1 68  ? -2.560  5.607   1.013   1.00 12.45 ? 67  ILE A CG1 1 
ATOM   509  C  CG2 . ILE A 1 68  ? -2.456  3.570   -0.509  1.00 9.93  ? 67  ILE A CG2 1 
ATOM   510  C  CD1 . ILE A 1 68  ? -3.494  4.933   2.042   1.00 12.35 ? 67  ILE A CD1 1 
ATOM   511  N  N   . PHE A 1 69  ? -3.202  5.332   -3.390  1.00 10.39 ? 68  PHE A N   1 
ATOM   512  C  CA  . PHE A 1 69  ? -3.231  4.712   -4.710  1.00 6.59  ? 68  PHE A CA  1 
ATOM   513  C  C   . PHE A 1 69  ? -2.344  5.397   -5.722  1.00 22.45 ? 68  PHE A C   1 
ATOM   514  O  O   . PHE A 1 69  ? -1.773  4.741   -6.560  1.00 9.64  ? 68  PHE A O   1 
ATOM   515  C  CB  . PHE A 1 69  ? -4.658  4.479   -5.287  1.00 6.16  ? 68  PHE A CB  1 
ATOM   516  C  CG  . PHE A 1 69  ? -5.253  3.100   -4.913  1.00 9.63  ? 68  PHE A CG  1 
ATOM   517  C  CD1 . PHE A 1 69  ? -4.863  2.488   -3.711  1.00 11.92 ? 68  PHE A CD1 1 
ATOM   518  C  CD2 . PHE A 1 69  ? -6.106  2.438   -5.796  1.00 19.22 ? 68  PHE A CD2 1 
ATOM   519  C  CE1 . PHE A 1 69  ? -5.344  1.243   -3.316  1.00 11.54 ? 68  PHE A CE1 1 
ATOM   520  C  CE2 . PHE A 1 69  ? -6.623  1.188   -5.432  1.00 13.04 ? 68  PHE A CE2 1 
ATOM   521  C  CZ  . PHE A 1 69  ? -6.233  0.645   -4.204  1.00 10.45 ? 68  PHE A CZ  1 
ATOM   522  N  N   . THR A 1 70  ? -2.271  6.720   -5.685  1.00 13.19 ? 69  THR A N   1 
ATOM   523  C  CA  . THR A 1 70  ? -1.463  7.423   -6.660  1.00 7.63  ? 69  THR A CA  1 
ATOM   524  C  C   . THR A 1 70  ? -0.030  7.028   -6.467  1.00 14.61 ? 69  THR A C   1 
ATOM   525  O  O   . THR A 1 70  ? 0.680   6.727   -7.436  1.00 15.89 ? 69  THR A O   1 
ATOM   526  C  CB  . THR A 1 70  ? -1.651  8.955   -6.494  1.00 12.24 ? 69  THR A CB  1 
ATOM   527  O  OG1 . THR A 1 70  ? -2.962  9.252   -6.936  1.00 15.89 ? 69  THR A OG1 1 
ATOM   528  C  CG2 . THR A 1 70  ? -0.694  9.687   -7.439  1.00 16.24 ? 69  THR A CG2 1 
ATOM   529  N  N   . ARG A 1 71  ? 0.412   7.006   -5.199  1.00 10.32 ? 70  ARG A N   1 
ATOM   530  C  CA  . ARG A 1 71  ? 1.811   6.678   -4.929  1.00 7.49  ? 70  ARG A CA  1 
ATOM   531  C  C   . ARG A 1 71  ? 2.127   5.197   -5.205  1.00 20.91 ? 70  ARG A C   1 
ATOM   532  O  O   . ARG A 1 71  ? 3.191   4.853   -5.753  1.00 14.21 ? 70  ARG A O   1 
ATOM   533  C  CB  . ARG A 1 71  ? 2.187   7.102   -3.492  1.00 8.13  ? 70  ARG A CB  1 
ATOM   534  C  CG  . ARG A 1 71  ? 3.612   6.784   -3.097  1.00 8.93  ? 70  ARG A CG  1 
ATOM   535  C  CD  . ARG A 1 71  ? 4.628   7.622   -3.862  1.00 19.64 ? 70  ARG A CD  1 
ATOM   536  N  NE  . ARG A 1 71  ? 4.339   9.012   -3.536  1.00 28.85 ? 70  ARG A NE  1 
ATOM   537  C  CZ  . ARG A 1 71  ? 4.925   9.661   -2.528  1.00 21.35 ? 70  ARG A CZ  1 
ATOM   538  N  NH1 . ARG A 1 71  ? 5.895   9.138   -1.753  1.00 20.26 ? 70  ARG A NH1 1 
ATOM   539  N  NH2 . ARG A 1 71  ? 4.539   10.907  -2.299  1.00 24.17 ? 70  ARG A NH2 1 
ATOM   540  N  N   . LEU A 1 72  ? 1.195   4.312   -4.858  1.00 12.86 ? 71  LEU A N   1 
ATOM   541  C  CA  . LEU A 1 72  ? 1.408   2.875   -5.091  1.00 17.26 ? 71  LEU A CA  1 
ATOM   542  C  C   . LEU A 1 72  ? 1.540   2.600   -6.562  1.00 19.05 ? 71  LEU A C   1 
ATOM   543  O  O   . LEU A 1 72  ? 2.388   1.812   -7.026  1.00 12.04 ? 71  LEU A O   1 
ATOM   544  C  CB  . LEU A 1 72  ? 0.203   2.095   -4.543  1.00 18.20 ? 71  LEU A CB  1 
ATOM   545  C  CG  . LEU A 1 72  ? 0.398   1.135   -3.377  1.00 28.81 ? 71  LEU A CG  1 
ATOM   546  C  CD1 . LEU A 1 72  ? -0.777  0.157   -3.427  1.00 29.62 ? 71  LEU A CD1 1 
ATOM   547  C  CD2 . LEU A 1 72  ? 1.766   0.418   -3.339  1.00 20.28 ? 71  LEU A CD2 1 
ATOM   548  N  N   . ASN A 1 73  ? 0.712   3.312   -7.305  1.00 11.82 ? 72  ASN A N   1 
ATOM   549  C  CA  . ASN A 1 73  ? 0.828   3.151   -8.735  1.00 10.95 ? 72  ASN A CA  1 
ATOM   550  C  C   . ASN A 1 73  ? 2.206   3.448   -9.243  1.00 14.08 ? 72  ASN A C   1 
ATOM   551  O  O   . ASN A 1 73  ? 2.696   2.754   -10.127 1.00 16.76 ? 72  ASN A O   1 
ATOM   552  C  CB  . ASN A 1 73  ? -0.276  3.885   -9.538  1.00 6.91  ? 72  ASN A CB  1 
ATOM   553  C  CG  . ASN A 1 73  ? -0.351  3.519   -11.018 1.00 16.95 ? 72  ASN A CG  1 
ATOM   554  O  OD1 . ASN A 1 73  ? 0.024   4.561   -11.725 1.00 24.29 ? 72  ASN A OD1 1 
ATOM   555  N  ND2 . ASN A 1 73  ? -0.787  2.345   -11.434 1.00 10.60 ? 72  ASN A ND2 1 
ATOM   556  N  N   . GLU A 1 74  ? 2.852   4.526   -8.741  1.00 10.14 ? 73  GLU A N   1 
ATOM   557  C  CA  . GLU A 1 74  ? 4.181   4.882   -9.174  1.00 12.26 ? 73  GLU A CA  1 
ATOM   558  C  C   . GLU A 1 74  ? 5.180   3.837   -8.665  1.00 18.88 ? 73  GLU A C   1 
ATOM   559  O  O   . GLU A 1 74  ? 6.148   3.558   -9.336  1.00 15.56 ? 73  GLU A O   1 
ATOM   560  C  CB  . GLU A 1 74  ? 4.619   6.324   -8.775  1.00 16.41 ? 73  GLU A CB  1 
ATOM   561  C  CG  . GLU A 1 74  ? 3.830   7.489   -9.437  1.00 12.05 ? 73  GLU A CG  1 
ATOM   562  C  CD  . GLU A 1 74  ? 3.619   7.301   -10.908 1.00 16.32 ? 73  GLU A CD  1 
ATOM   563  O  OE1 . GLU A 1 74  ? 4.682   6.868   -11.567 1.00 20.15 ? 73  GLU A OE1 1 
ATOM   564  O  OE2 . GLU A 1 74  ? 2.520   7.367   -11.356 1.00 24.72 ? 73  GLU A OE2 1 
ATOM   565  N  N   . PHE A 1 75  ? 4.948   3.200   -7.513  1.00 10.73 ? 74  PHE A N   1 
ATOM   566  C  CA  . PHE A 1 75  ? 5.912   2.164   -7.128  1.00 14.44 ? 74  PHE A CA  1 
ATOM   567  C  C   . PHE A 1 75  ? 5.885   0.953   -8.110  1.00 13.38 ? 74  PHE A C   1 
ATOM   568  O  O   . PHE A 1 75  ? 6.934   0.422   -8.494  1.00 18.17 ? 74  PHE A O   1 
ATOM   569  C  CB  . PHE A 1 75  ? 5.505   1.602   -5.731  1.00 7.39  ? 74  PHE A CB  1 
ATOM   570  C  CG  . PHE A 1 75  ? 6.212   2.325   -4.577  1.00 21.49 ? 74  PHE A CG  1 
ATOM   571  C  CD1 . PHE A 1 75  ? 7.602   2.246   -4.426  1.00 18.95 ? 74  PHE A CD1 1 
ATOM   572  C  CD2 . PHE A 1 75  ? 5.483   3.070   -3.639  1.00 21.24 ? 74  PHE A CD2 1 
ATOM   573  C  CE1 . PHE A 1 75  ? 8.249   2.865   -3.354  1.00 25.65 ? 74  PHE A CE1 1 
ATOM   574  C  CE2 . PHE A 1 75  ? 6.132   3.746   -2.606  1.00 20.89 ? 74  PHE A CE2 1 
ATOM   575  C  CZ  . PHE A 1 75  ? 7.508   3.618   -2.440  1.00 25.64 ? 74  PHE A CZ  1 
ATOM   576  N  N   . VAL A 1 76  ? 4.661   0.591   -8.519  1.00 14.79 ? 75  VAL A N   1 
ATOM   577  C  CA  . VAL A 1 76  ? 4.407   -0.547  -9.398  1.00 13.17 ? 75  VAL A CA  1 
ATOM   578  C  C   . VAL A 1 76  ? 5.104   -0.287  -10.694 1.00 20.96 ? 75  VAL A C   1 
ATOM   579  O  O   . VAL A 1 76  ? 5.826   -1.124  -11.260 1.00 18.03 ? 75  VAL A O   1 
ATOM   580  C  CB  . VAL A 1 76  ? 2.960   -0.784  -9.710  1.00 17.84 ? 75  VAL A CB  1 
ATOM   581  C  CG1 . VAL A 1 76  ? 2.861   -1.760  -10.875 1.00 23.56 ? 75  VAL A CG1 1 
ATOM   582  C  CG2 . VAL A 1 76  ? 2.130   -1.305  -8.526  1.00 18.93 ? 75  VAL A CG2 1 
ATOM   583  N  N   . ASN A 1 77  ? 4.913   0.933   -11.148 1.00 15.27 ? 76  ASN A N   1 
ATOM   584  C  CA  . ASN A 1 77  ? 5.527   1.306   -12.401 1.00 22.55 ? 76  ASN A CA  1 
ATOM   585  C  C   . ASN A 1 77  ? 7.032   1.301   -12.347 1.00 19.36 ? 76  ASN A C   1 
ATOM   586  O  O   . ASN A 1 77  ? 7.665   1.166   -13.364 1.00 19.81 ? 76  ASN A O   1 
ATOM   587  C  CB  . ASN A 1 77  ? 5.265   2.782   -12.772 1.00 22.78 ? 76  ASN A CB  1 
ATOM   588  C  CG  . ASN A 1 77  ? 4.020   3.005   -13.599 1.00 49.02 ? 76  ASN A CG  1 
ATOM   589  O  OD1 . ASN A 1 77  ? 3.337   2.031   -13.920 1.00 28.49 ? 76  ASN A OD1 1 
ATOM   590  N  ND2 . ASN A 1 77  ? 3.611   4.272   -13.723 0.00 80.00 ? 76  ASN A ND2 1 
ATOM   591  N  N   . ASN A 1 78  ? 7.639   1.612   -11.213 1.00 12.86 ? 77  ASN A N   1 
ATOM   592  C  CA  . ASN A 1 78  ? 9.092   1.693   -11.209 1.00 16.79 ? 77  ASN A CA  1 
ATOM   593  C  C   . ASN A 1 78  ? 9.793   0.533   -10.550 1.00 13.88 ? 77  ASN A C   1 
ATOM   594  O  O   . ASN A 1 78  ? 10.999  0.552   -10.313 1.00 18.16 ? 77  ASN A O   1 
ATOM   595  C  CB  . ASN A 1 78  ? 9.408   2.952   -10.348 1.00 17.43 ? 77  ASN A CB  1 
ATOM   596  C  CG  . ASN A 1 78  ? 9.050   4.218   -11.134 1.00 30.90 ? 77  ASN A CG  1 
ATOM   597  O  OD1 . ASN A 1 78  ? 9.336   4.276   -12.315 1.00 26.18 ? 77  ASN A OD1 1 
ATOM   598  N  ND2 . ASN A 1 78  ? 8.191   5.080   -10.591 1.00 26.61 ? 77  ASN A ND2 1 
ATOM   599  N  N   . ALA A 1 79  ? 8.998   -0.428  -10.148 1.00 14.37 ? 78  ALA A N   1 
ATOM   600  C  CA  . ALA A 1 79  ? 9.490   -1.512  -9.344  1.00 15.04 ? 78  ALA A CA  1 
ATOM   601  C  C   . ALA A 1 79  ? 10.707  -2.227  -9.888  1.00 10.15 ? 78  ALA A C   1 
ATOM   602  O  O   . ALA A 1 79  ? 11.460  -2.748  -9.079  1.00 20.36 ? 78  ALA A O   1 
ATOM   603  C  CB  . ALA A 1 79  ? 8.348   -2.521  -9.160  1.00 14.74 ? 78  ALA A CB  1 
ATOM   604  N  N   . ALA A 1 80  ? 10.883  -2.253  -11.222 1.00 12.58 ? 79  ALA A N   1 
ATOM   605  C  CA  . ALA A 1 80  ? 12.045  -3.001  -11.734 1.00 16.65 ? 79  ALA A CA  1 
ATOM   606  C  C   . ALA A 1 80  ? 13.292  -2.181  -11.925 1.00 26.94 ? 79  ALA A C   1 
ATOM   607  O  O   . ALA A 1 80  ? 14.282  -2.567  -12.504 1.00 14.07 ? 79  ALA A O   1 
ATOM   608  C  CB  . ALA A 1 80  ? 11.644  -3.605  -13.045 1.00 10.67 ? 79  ALA A CB  1 
ATOM   609  N  N   . ASN A 1 81  ? 13.246  -0.981  -11.467 1.00 19.38 ? 80  ASN A N   1 
ATOM   610  C  CA  . ASN A 1 81  ? 14.383  -0.076  -11.645 1.00 19.71 ? 80  ASN A CA  1 
ATOM   611  C  C   . ASN A 1 81  ? 14.890  0.222   -10.237 1.00 27.75 ? 80  ASN A C   1 
ATOM   612  O  O   . ASN A 1 81  ? 14.329  1.021   -9.512  1.00 20.98 ? 80  ASN A O   1 
ATOM   613  C  CB  . ASN A 1 81  ? 13.793  1.164   -12.334 1.00 15.31 ? 80  ASN A CB  1 
ATOM   614  C  CG  . ASN A 1 81  ? 14.880  2.203   -12.546 1.00 19.47 ? 80  ASN A CG  1 
ATOM   615  O  OD1 . ASN A 1 81  ? 15.820  2.292   -11.724 1.00 25.37 ? 80  ASN A OD1 1 
ATOM   616  N  ND2 . ASN A 1 81  ? 14.780  2.867   -13.696 1.00 17.48 ? 80  ASN A ND2 1 
ATOM   617  N  N   . ALA A 1 82  ? 15.899  -0.507  -9.808  1.00 23.91 ? 81  ALA A N   1 
ATOM   618  C  CA  . ALA A 1 82  ? 16.406  -0.405  -8.479  1.00 21.77 ? 81  ALA A CA  1 
ATOM   619  C  C   . ALA A 1 82  ? 16.770  1.038   -8.189  1.00 56.01 ? 81  ALA A C   1 
ATOM   620  O  O   . ALA A 1 82  ? 16.754  1.458   -7.021  1.00 24.54 ? 81  ALA A O   1 
ATOM   621  C  CB  . ALA A 1 82  ? 17.602  -1.397  -8.326  1.00 16.21 ? 81  ALA A CB  1 
ATOM   622  N  N   . GLY A 1 83  ? 17.078  1.755   -9.275  1.00 26.77 ? 82  GLY A N   1 
ATOM   623  C  CA  . GLY A 1 83  ? 17.508  3.148   -9.209  1.00 39.26 ? 82  GLY A CA  1 
ATOM   624  C  C   . GLY A 1 83  ? 16.436  4.042   -8.620  1.00 42.02 ? 82  GLY A C   1 
ATOM   625  O  O   . GLY A 1 83  ? 16.569  4.644   -7.572  1.00 36.34 ? 82  GLY A O   1 
ATOM   626  N  N   . LYS A 1 84  ? 15.359  4.113   -9.323  1.00 24.33 ? 83  LYS A N   1 
ATOM   627  C  CA  . LYS A 1 84  ? 14.237  4.880   -8.894  1.00 26.27 ? 83  LYS A CA  1 
ATOM   628  C  C   . LYS A 1 84  ? 13.686  4.343   -7.594  1.00 23.66 ? 83  LYS A C   1 
ATOM   629  O  O   . LYS A 1 84  ? 13.069  5.105   -6.834  1.00 17.91 ? 83  LYS A O   1 
ATOM   630  C  CB  . LYS A 1 84  ? 13.129  4.711   -9.909  1.00 22.05 ? 83  LYS A CB  1 
ATOM   631  C  CG  . LYS A 1 84  ? 13.246  5.747   -10.990 1.00 37.11 ? 83  LYS A CG  1 
ATOM   632  C  CD  . LYS A 1 84  ? 12.497  5.426   -12.264 1.00 21.26 ? 83  LYS A CD  1 
ATOM   633  C  CE  . LYS A 1 84  ? 13.443  5.662   -13.420 1.00 42.08 ? 83  LYS A CE  1 
ATOM   634  N  NZ  . LYS A 1 84  ? 12.790  5.430   -14.715 0.00 80.00 ? 83  LYS A NZ  1 
ATOM   635  N  N   . MET A 1 85  ? 13.802  3.018   -7.393  1.00 17.82 ? 84  MET A N   1 
ATOM   636  C  CA  . MET A 1 85  ? 13.225  2.411   -6.204  1.00 25.77 ? 84  MET A CA  1 
ATOM   637  C  C   . MET A 1 85  ? 13.914  2.961   -5.001  1.00 24.83 ? 84  MET A C   1 
ATOM   638  O  O   . MET A 1 85  ? 13.262  3.296   -4.028  1.00 27.28 ? 84  MET A O   1 
ATOM   639  C  CB  . MET A 1 85  ? 13.180  0.864   -6.143  1.00 14.97 ? 84  MET A CB  1 
ATOM   640  C  CG  . MET A 1 85  ? 12.136  0.321   -7.050  1.00 20.83 ? 84  MET A CG  1 
ATOM   641  S  SD  . MET A 1 85  ? 10.434  0.635   -6.504  1.00 25.09 ? 84  MET A SD  1 
ATOM   642  C  CE  . MET A 1 85  ? 10.384  -0.287  -4.954  1.00 27.96 ? 84  MET A CE  1 
ATOM   643  N  N   . SER A 1 86  ? 15.215  3.043   -5.068  1.00 23.36 ? 85  SER A N   1 
ATOM   644  C  CA  . SER A 1 86  ? 16.037  3.598   -3.994  1.00 42.93 ? 85  SER A CA  1 
ATOM   645  C  C   . SER A 1 86  ? 15.521  4.981   -3.592  1.00 17.97 ? 85  SER A C   1 
ATOM   646  O  O   . SER A 1 86  ? 15.285  5.238   -2.429  1.00 48.73 ? 85  SER A O   1 
ATOM   647  C  CB  . SER A 1 86  ? 17.473  3.799   -4.433  1.00 31.25 ? 85  SER A CB  1 
ATOM   648  O  OG  . SER A 1 86  ? 18.337  2.938   -3.721  1.00 80.00 ? 85  SER A OG  1 
ATOM   649  N  N   . ALA A 1 87  ? 15.363  5.868   -4.547  1.00 27.44 ? 86  ALA A N   1 
ATOM   650  C  CA  . ALA A 1 87  ? 14.897  7.219   -4.334  1.00 28.75 ? 86  ALA A CA  1 
ATOM   651  C  C   . ALA A 1 87  ? 13.530  7.174   -3.745  1.00 53.32 ? 86  ALA A C   1 
ATOM   652  O  O   . ALA A 1 87  ? 13.302  7.755   -2.706  1.00 27.57 ? 86  ALA A O   1 
ATOM   653  C  CB  . ALA A 1 87  ? 14.789  7.991   -5.650  1.00 39.35 ? 86  ALA A CB  1 
ATOM   654  N  N   . MET A 1 88  ? 12.620  6.486   -4.433  1.00 17.03 ? 87  MET A N   1 
ATOM   655  C  CA  . MET A 1 88  ? 11.263  6.390   -3.951  1.00 14.14 ? 87  MET A CA  1 
ATOM   656  C  C   . MET A 1 88  ? 11.146  5.845   -2.558  1.00 14.10 ? 87  MET A C   1 
ATOM   657  O  O   . MET A 1 88  ? 10.314  6.353   -1.796  1.00 16.66 ? 87  MET A O   1 
ATOM   658  C  CB  . MET A 1 88  ? 10.308  5.579   -4.822  1.00 16.44 ? 87  MET A CB  1 
ATOM   659  C  CG  . MET A 1 88  ? 9.834   6.339   -6.007  1.00 13.86 ? 87  MET A CG  1 
ATOM   660  S  SD  . MET A 1 88  ? 8.744   5.287   -6.934  1.00 26.39 ? 87  MET A SD  1 
ATOM   661  C  CE  . MET A 1 88  ? 7.147   6.027   -6.493  1.00 25.05 ? 87  MET A CE  1 
ATOM   662  N  N   . LEU A 1 89  ? 11.903  4.799   -2.239  1.00 10.26 ? 88  LEU A N   1 
ATOM   663  C  CA  . LEU A 1 89  ? 11.732  4.178   -0.940  1.00 13.98 ? 88  LEU A CA  1 
ATOM   664  C  C   . LEU A 1 89  ? 12.255  5.056   0.195   1.00 19.93 ? 88  LEU A C   1 
ATOM   665  O  O   . LEU A 1 89  ? 11.707  5.097   1.317   1.00 23.72 ? 88  LEU A O   1 
ATOM   666  C  CB  . LEU A 1 89  ? 12.496  2.845   -0.943  1.00 14.60 ? 88  LEU A CB  1 
ATOM   667  C  CG  . LEU A 1 89  ? 11.842  1.767   -1.813  1.00 16.13 ? 88  LEU A CG  1 
ATOM   668  C  CD1 . LEU A 1 89  ? 12.835  0.609   -1.915  1.00 16.61 ? 88  LEU A CD1 1 
ATOM   669  C  CD2 . LEU A 1 89  ? 10.544  1.269   -1.220  1.00 22.44 ? 88  LEU A CD2 1 
ATOM   670  N  N   . SER A 1 90  ? 13.336  5.765   -0.094  1.00 19.78 ? 89  SER A N   1 
ATOM   671  C  CA  . SER A 1 90  ? 13.938  6.622   0.925   1.00 18.29 ? 89  SER A CA  1 
ATOM   672  C  C   . SER A 1 90  ? 12.945  7.717   1.349   1.00 8.19  ? 89  SER A C   1 
ATOM   673  O  O   . SER A 1 90  ? 12.664  7.925   2.500   1.00 20.75 ? 89  SER A O   1 
ATOM   674  C  CB  . SER A 1 90  ? 15.323  7.151   0.451   1.00 22.37 ? 89  SER A CB  1 
ATOM   675  O  OG  . SER A 1 90  ? 16.222  7.187   1.541   1.00 80.00 ? 89  SER A OG  1 
ATOM   676  N  N   . GLN A 1 91  ? 12.381  8.357   0.391   1.00 15.95 ? 90  GLN A N   1 
ATOM   677  C  CA  . GLN A 1 91  ? 11.439  9.415   0.564   1.00 13.38 ? 90  GLN A CA  1 
ATOM   678  C  C   . GLN A 1 91  ? 10.223  8.892   1.236   1.00 21.65 ? 90  GLN A C   1 
ATOM   679  O  O   . GLN A 1 91  ? 9.772   9.407   2.266   1.00 17.39 ? 90  GLN A O   1 
ATOM   680  C  CB  . GLN A 1 91  ? 11.125  10.035  -0.833  1.00 17.40 ? 90  GLN A CB  1 
ATOM   681  C  CG  . GLN A 1 91  ? 9.935   10.997  -0.941  1.00 20.19 ? 90  GLN A CG  1 
ATOM   682  C  CD  . GLN A 1 91  ? 10.229  12.283  -0.180  1.00 25.93 ? 90  GLN A CD  1 
ATOM   683  O  OE1 . GLN A 1 91  ? 9.286   12.928  0.327   1.00 42.19 ? 90  GLN A OE1 1 
ATOM   684  N  NE2 . GLN A 1 91  ? 11.525  12.435  0.086   1.00 26.76 ? 90  GLN A NE2 1 
ATOM   685  N  N   . PHE A 1 92  ? 9.709   7.831   0.661   1.00 12.30 ? 91  PHE A N   1 
ATOM   686  C  CA  . PHE A 1 92  ? 8.528   7.231   1.254   1.00 10.79 ? 91  PHE A CA  1 
ATOM   687  C  C   . PHE A 1 92  ? 8.764   6.919   2.713   1.00 12.99 ? 91  PHE A C   1 
ATOM   688  O  O   . PHE A 1 92  ? 7.946   7.218   3.571   1.00 12.84 ? 91  PHE A O   1 
ATOM   689  C  CB  . PHE A 1 92  ? 8.238   5.937   0.495   1.00 9.95  ? 91  PHE A CB  1 
ATOM   690  C  CG  . PHE A 1 92  ? 6.965   5.344   0.936   1.00 15.88 ? 91  PHE A CG  1 
ATOM   691  C  CD1 . PHE A 1 92  ? 5.758   5.840   0.450   1.00 15.02 ? 91  PHE A CD1 1 
ATOM   692  C  CD2 . PHE A 1 92  ? 6.957   4.336   1.899   1.00 17.55 ? 91  PHE A CD2 1 
ATOM   693  C  CE1 . PHE A 1 92  ? 4.551   5.269   0.855   1.00 15.47 ? 91  PHE A CE1 1 
ATOM   694  C  CE2 . PHE A 1 92  ? 5.756   3.746   2.311   1.00 19.88 ? 91  PHE A CE2 1 
ATOM   695  C  CZ  . PHE A 1 92  ? 4.556   4.234   1.796   1.00 16.84 ? 91  PHE A CZ  1 
ATOM   696  N  N   . ALA A 1 93  ? 9.886   6.271   3.037   1.00 13.77 ? 92  ALA A N   1 
ATOM   697  C  CA  . ALA A 1 93  ? 10.127  5.970   4.456   1.00 14.16 ? 92  ALA A CA  1 
ATOM   698  C  C   . ALA A 1 93  ? 10.324  7.227   5.311   1.00 18.10 ? 92  ALA A C   1 
ATOM   699  O  O   . ALA A 1 93  ? 9.795   7.352   6.414   1.00 15.47 ? 92  ALA A O   1 
ATOM   700  C  CB  . ALA A 1 93  ? 11.339  5.015   4.629   1.00 17.16 ? 92  ALA A CB  1 
ATOM   701  N  N   . LYS A 1 94  ? 11.079  8.197   4.794   1.00 12.62 ? 93  LYS A N   1 
ATOM   702  C  CA  . LYS A 1 94  ? 11.293  9.413   5.581   1.00 28.23 ? 93  LYS A CA  1 
ATOM   703  C  C   . LYS A 1 94  ? 9.981   10.114  5.988   1.00 26.95 ? 93  LYS A C   1 
ATOM   704  O  O   . LYS A 1 94  ? 9.780   10.573  7.123   1.00 21.50 ? 93  LYS A O   1 
ATOM   705  C  CB  . LYS A 1 94  ? 12.206  10.454  4.927   1.00 20.39 ? 93  LYS A CB  1 
ATOM   706  C  CG  . LYS A 1 94  ? 13.513  9.954   4.441   1.00 26.66 ? 93  LYS A CG  1 
ATOM   707  C  CD  . LYS A 1 94  ? 14.374  11.143  4.019   1.00 32.95 ? 93  LYS A CD  1 
ATOM   708  C  CE  . LYS A 1 94  ? 14.421  11.531  2.556   1.00 52.30 ? 93  LYS A CE  1 
ATOM   709  N  NZ  . LYS A 1 94  ? 15.717  11.191  1.941   1.00 69.41 ? 93  LYS A NZ  1 
ATOM   710  N  N   . GLU A 1 95  ? 9.097   10.214  5.004   1.00 15.16 ? 94  GLU A N   1 
ATOM   711  C  CA  . GLU A 1 95  ? 7.801   10.792  5.146   1.00 15.09 ? 94  GLU A CA  1 
ATOM   712  C  C   . GLU A 1 95  ? 7.079   10.052  6.288   1.00 28.14 ? 94  GLU A C   1 
ATOM   713  O  O   . GLU A 1 95  ? 6.728   10.644  7.305   1.00 29.30 ? 94  GLU A O   1 
ATOM   714  C  CB  . GLU A 1 95  ? 7.016   10.528  3.842   1.00 10.14 ? 94  GLU A CB  1 
ATOM   715  C  CG  . GLU A 1 95  ? 7.453   11.452  2.719   1.00 33.23 ? 94  GLU A CG  1 
ATOM   716  C  CD  . GLU A 1 95  ? 6.510   11.290  1.575   1.00 24.46 ? 94  GLU A CD  1 
ATOM   717  O  OE1 . GLU A 1 95  ? 6.096   10.178  1.217   1.00 36.74 ? 94  GLU A OE1 1 
ATOM   718  O  OE2 . GLU A 1 95  ? 6.153   12.426  1.030   0.00 77.14 ? 94  GLU A OE2 1 
ATOM   719  N  N   . HIS A 1 96  ? 6.876   8.733   6.152   1.00 15.33 ? 95  HIS A N   1 
ATOM   720  C  CA  . HIS A 1 96  ? 6.138   7.912   7.126   1.00 10.34 ? 95  HIS A CA  1 
ATOM   721  C  C   . HIS A 1 96  ? 6.633   7.921   8.577   1.00 13.17 ? 95  HIS A C   1 
ATOM   722  O  O   . HIS A 1 96  ? 5.884   8.046   9.524   1.00 15.24 ? 95  HIS A O   1 
ATOM   723  C  CB  . HIS A 1 96  ? 5.954   6.437   6.593   1.00 13.75 ? 95  HIS A CB  1 
ATOM   724  C  CG  . HIS A 1 96  ? 4.827   6.529   5.573   1.00 5.93  ? 95  HIS A CG  1 
ATOM   725  N  ND1 . HIS A 1 96  ? 5.009   6.803   4.234   1.00 14.56 ? 95  HIS A ND1 1 
ATOM   726  C  CD2 . HIS A 1 96  ? 3.479   6.471   5.816   1.00 7.91  ? 95  HIS A CD2 1 
ATOM   727  C  CE1 . HIS A 1 96  ? 3.791   6.970   3.687   1.00 15.15 ? 95  HIS A CE1 1 
ATOM   728  N  NE2 . HIS A 1 96  ? 2.840   6.740   4.599   1.00 12.12 ? 95  HIS A NE2 1 
ATOM   729  N  N   . VAL A 1 97  ? 7.917   7.728   8.731   1.00 14.89 ? 96  VAL A N   1 
ATOM   730  C  CA  . VAL A 1 97  ? 8.506   7.672   10.039  1.00 10.40 ? 96  VAL A CA  1 
ATOM   731  C  C   . VAL A 1 97  ? 8.254   8.953   10.829  1.00 7.54  ? 96  VAL A C   1 
ATOM   732  O  O   . VAL A 1 97  ? 8.066   8.918   11.992  1.00 16.65 ? 96  VAL A O   1 
ATOM   733  C  CB  . VAL A 1 97  ? 9.993   7.358   9.842   1.00 17.20 ? 96  VAL A CB  1 
ATOM   734  C  CG1 . VAL A 1 97  ? 10.680  7.613   11.125  1.00 23.37 ? 96  VAL A CG1 1 
ATOM   735  C  CG2 . VAL A 1 97  ? 10.072  5.854   9.597   1.00 16.67 ? 96  VAL A CG2 1 
ATOM   736  N  N   . GLY A 1 98  ? 8.298   10.071  10.171  1.00 19.03 ? 97  GLY A N   1 
ATOM   737  C  CA  . GLY A 1 98  ? 8.061   11.378  10.781  1.00 26.39 ? 97  GLY A CA  1 
ATOM   738  C  C   . GLY A 1 98  ? 6.638   11.449  11.304  1.00 20.58 ? 97  GLY A C   1 
ATOM   739  O  O   . GLY A 1 98  ? 6.306   12.176  12.284  1.00 19.63 ? 97  GLY A O   1 
ATOM   740  N  N   . PHE A 1 99  ? 5.781   10.608  10.697  1.00 23.85 ? 98  PHE A N   1 
ATOM   741  C  CA  . PHE A 1 99  ? 4.424   10.624  11.190  1.00 22.65 ? 98  PHE A CA  1 
ATOM   742  C  C   . PHE A 1 99  ? 4.204   9.572   12.226  1.00 24.15 ? 98  PHE A C   1 
ATOM   743  O  O   . PHE A 1 99  ? 3.144   9.372   12.713  1.00 37.22 ? 98  PHE A O   1 
ATOM   744  C  CB  . PHE A 1 99  ? 3.415   10.522  10.055  1.00 25.02 ? 98  PHE A CB  1 
ATOM   745  C  CG  . PHE A 1 99  ? 3.638   11.554  8.971   1.00 19.36 ? 98  PHE A CG  1 
ATOM   746  C  CD1 . PHE A 1 99  ? 3.472   12.899  9.280   1.00 48.06 ? 98  PHE A CD1 1 
ATOM   747  C  CD2 . PHE A 1 99  ? 3.953   11.189  7.659   1.00 78.07 ? 98  PHE A CD2 1 
ATOM   748  C  CE1 . PHE A 1 99  ? 3.704   13.862  8.304   1.00 36.12 ? 98  PHE A CE1 1 
ATOM   749  C  CE2 . PHE A 1 99  ? 4.159   12.136  6.655   1.00 52.40 ? 98  PHE A CE2 1 
ATOM   750  C  CZ  . PHE A 1 99  ? 4.048   13.481  7.006   1.00 24.97 ? 98  PHE A CZ  1 
ATOM   751  N  N   . GLY A 1 100 ? 5.225   8.848   12.566  1.00 16.55 ? 99  GLY A N   1 
ATOM   752  C  CA  . GLY A 1 100 ? 5.097   7.828   13.583  1.00 14.37 ? 99  GLY A CA  1 
ATOM   753  C  C   . GLY A 1 100 ? 4.754   6.412   13.099  1.00 23.51 ? 99  GLY A C   1 
ATOM   754  O  O   . GLY A 1 100 ? 4.571   5.477   13.840  1.00 26.43 ? 99  GLY A O   1 
ATOM   755  N  N   . VAL A 1 101 ? 4.743   6.259   11.822  1.00 16.64 ? 100 VAL A N   1 
ATOM   756  C  CA  . VAL A 1 101 ? 4.363   5.009   11.223  1.00 10.93 ? 100 VAL A CA  1 
ATOM   757  C  C   . VAL A 1 101 ? 5.622   4.165   11.058  1.00 20.79 ? 100 VAL A C   1 
ATOM   758  O  O   . VAL A 1 101 ? 6.655   4.698   10.683  1.00 19.42 ? 100 VAL A O   1 
ATOM   759  C  CB  . VAL A 1 101 ? 3.727   5.302   9.853   1.00 12.80 ? 100 VAL A CB  1 
ATOM   760  C  CG1 . VAL A 1 101 ? 3.293   3.950   9.321   1.00 12.55 ? 100 VAL A CG1 1 
ATOM   761  C  CG2 . VAL A 1 101 ? 2.416   6.093   9.993   1.00 7.76  ? 100 VAL A CG2 1 
ATOM   762  N  N   . GLY A 1 102 ? 5.523   2.868   11.329  1.00 19.45 ? 101 GLY A N   1 
ATOM   763  C  CA  . GLY A 1 102 ? 6.705   2.041   11.243  1.00 23.84 ? 101 GLY A CA  1 
ATOM   764  C  C   . GLY A 1 102 ? 6.543   0.803   10.395  1.00 29.92 ? 101 GLY A C   1 
ATOM   765  O  O   . GLY A 1 102 ? 5.519   0.576   9.814   1.00 12.39 ? 101 GLY A O   1 
ATOM   766  N  N   . SER A 1 103 ? 7.577   -0.004  10.328  1.00 12.75 ? 102 SER A N   1 
ATOM   767  C  CA  . SER A 1 103 ? 7.522   -1.181  9.482   1.00 9.92  ? 102 SER A CA  1 
ATOM   768  C  C   . SER A 1 103 ? 6.442   -2.142  9.889   1.00 9.38  ? 102 SER A C   1 
ATOM   769  O  O   . SER A 1 103 ? 5.896   -2.869  9.094   1.00 17.67 ? 102 SER A O   1 
ATOM   770  C  CB  . SER A 1 103 ? 8.893   -1.885  9.503   1.00 21.92 ? 102 SER A CB  1 
ATOM   771  O  OG  . SER A 1 103 ? 9.248   -2.178  10.843  1.00 26.02 ? 102 SER A OG  1 
ATOM   772  N  N   . ALA A 1 104 ? 6.141   -2.237  11.163  1.00 13.39 ? 103 ALA A N   1 
ATOM   773  C  CA  . ALA A 1 104 ? 5.121   -3.166  11.500  1.00 18.29 ? 103 ALA A CA  1 
ATOM   774  C  C   . ALA A 1 104 ? 3.784   -2.874  10.778  1.00 26.63 ? 103 ALA A C   1 
ATOM   775  O  O   . ALA A 1 104 ? 2.964   -3.753  10.484  1.00 14.42 ? 103 ALA A O   1 
ATOM   776  C  CB  . ALA A 1 104 ? 4.923   -3.031  13.000  1.00 22.20 ? 103 ALA A CB  1 
ATOM   777  N  N   . GLN A 1 105 ? 3.516   -1.614  10.516  1.00 17.21 ? 104 GLN A N   1 
ATOM   778  C  CA  . GLN A 1 105 ? 2.251   -1.289  9.918   1.00 11.24 ? 104 GLN A CA  1 
ATOM   779  C  C   . GLN A 1 105 ? 2.293   -1.704  8.466   1.00 13.99 ? 104 GLN A C   1 
ATOM   780  O  O   . GLN A 1 105 ? 1.278   -1.965  7.819   1.00 16.07 ? 104 GLN A O   1 
ATOM   781  C  CB  . GLN A 1 105 ? 2.088   0.257   9.933   1.00 12.24 ? 104 GLN A CB  1 
ATOM   782  C  CG  . GLN A 1 105 ? 1.522   0.810   11.275  1.00 16.18 ? 104 GLN A CG  1 
ATOM   783  C  CD  . GLN A 1 105 ? 2.347   0.385   12.485  1.00 18.72 ? 104 GLN A CD  1 
ATOM   784  O  OE1 . GLN A 1 105 ? 1.931   -0.485  13.283  1.00 40.99 ? 104 GLN A OE1 1 
ATOM   785  N  NE2 . GLN A 1 105 ? 3.504   1.006   12.649  1.00 18.89 ? 104 GLN A NE2 1 
ATOM   786  N  N   . PHE A 1 106 ? 3.497   -1.730  7.935   1.00 11.83 ? 105 PHE A N   1 
ATOM   787  C  CA  . PHE A 1 106 ? 3.649   -2.138  6.554   1.00 12.03 ? 105 PHE A CA  1 
ATOM   788  C  C   . PHE A 1 106 ? 3.657   -3.687  6.493   1.00 24.90 ? 105 PHE A C   1 
ATOM   789  O  O   . PHE A 1 106 ? 3.300   -4.239  5.472   1.00 14.79 ? 105 PHE A O   1 
ATOM   790  C  CB  . PHE A 1 106 ? 4.860   -1.505  5.897   1.00 18.41 ? 105 PHE A CB  1 
ATOM   791  C  CG  . PHE A 1 106 ? 4.419   -0.108  5.519   1.00 21.02 ? 105 PHE A CG  1 
ATOM   792  C  CD1 . PHE A 1 106 ? 3.689   0.048   4.345   1.00 12.61 ? 105 PHE A CD1 1 
ATOM   793  C  CD2 . PHE A 1 106 ? 4.686   0.999   6.327   1.00 23.50 ? 105 PHE A CD2 1 
ATOM   794  C  CE1 . PHE A 1 106 ? 3.235   1.312   3.992   1.00 19.04 ? 105 PHE A CE1 1 
ATOM   795  C  CE2 . PHE A 1 106 ? 4.237   2.278   5.990   1.00 24.95 ? 105 PHE A CE2 1 
ATOM   796  C  CZ  . PHE A 1 106 ? 3.512   2.403   4.806   1.00 12.47 ? 105 PHE A CZ  1 
ATOM   797  N  N   . GLU A 1 107 ? 4.010   -4.403  7.588   1.00 14.94 ? 106 GLU A N   1 
ATOM   798  C  CA  . GLU A 1 107 ? 3.907   -5.862  7.602   1.00 9.35  ? 106 GLU A CA  1 
ATOM   799  C  C   . GLU A 1 107 ? 2.417   -6.198  7.476   1.00 19.76 ? 106 GLU A C   1 
ATOM   800  O  O   . GLU A 1 107 ? 1.922   -7.102  6.730   1.00 14.19 ? 106 GLU A O   1 
ATOM   801  C  CB  . GLU A 1 107 ? 4.475   -6.473  8.903   1.00 13.96 ? 106 GLU A CB  1 
ATOM   802  C  CG  . GLU A 1 107 ? 6.001   -6.576  8.927   1.00 33.39 ? 106 GLU A CG  1 
ATOM   803  C  CD  . GLU A 1 107 ? 6.637   -6.824  10.282  1.00 34.08 ? 106 GLU A CD  1 
ATOM   804  O  OE1 . GLU A 1 107 ? 6.058   -7.324  11.227  0.00 68.98 ? 106 GLU A OE1 1 
ATOM   805  O  OE2 . GLU A 1 107 ? 7.900   -6.466  10.309  0.00 80.00 ? 106 GLU A OE2 1 
ATOM   806  N  N   . ASN A 1 108 ? 1.650   -5.438  8.233   1.00 15.24 ? 107 ASN A N   1 
ATOM   807  C  CA  . ASN A 1 108 ? 0.225   -5.597  8.185   1.00 18.06 ? 107 ASN A CA  1 
ATOM   808  C  C   . ASN A 1 108 ? -0.322  -5.374  6.788   1.00 15.81 ? 107 ASN A C   1 
ATOM   809  O  O   . ASN A 1 108 ? -1.110  -6.147  6.270   1.00 18.42 ? 107 ASN A O   1 
ATOM   810  C  CB  . ASN A 1 108 ? -0.537  -4.667  9.159   1.00 11.51 ? 107 ASN A CB  1 
ATOM   811  C  CG  . ASN A 1 108 ? -0.219  -4.930  10.601  1.00 19.83 ? 107 ASN A CG  1 
ATOM   812  O  OD1 . ASN A 1 108 ? -0.380  -3.995  11.447  1.00 24.72 ? 107 ASN A OD1 1 
ATOM   813  N  ND2 . ASN A 1 108 ? 0.166   -6.185  10.884  1.00 21.06 ? 107 ASN A ND2 1 
ATOM   814  N  N   . VAL A 1 109 ? 0.058   -4.320  6.120   1.00 10.67 ? 108 VAL A N   1 
ATOM   815  C  CA  . VAL A 1 109 ? -0.410  -4.149  4.745   1.00 5.60  ? 108 VAL A CA  1 
ATOM   816  C  C   . VAL A 1 109 ? -0.031  -5.337  3.832   1.00 6.45  ? 108 VAL A C   1 
ATOM   817  O  O   . VAL A 1 109 ? -0.812  -5.850  2.990   1.00 13.97 ? 108 VAL A O   1 
ATOM   818  C  CB  . VAL A 1 109 ? 0.252   -2.907  4.120   1.00 9.99  ? 108 VAL A CB  1 
ATOM   819  C  CG1 . VAL A 1 109 ? -0.208  -2.870  2.646   1.00 12.26 ? 108 VAL A CG1 1 
ATOM   820  C  CG2 . VAL A 1 109 ? -0.392  -1.708  4.818   1.00 11.69 ? 108 VAL A CG2 1 
ATOM   821  N  N   . ARG A 1 110 ? 1.171   -5.765  3.981   1.00 12.98 ? 109 ARG A N   1 
ATOM   822  C  CA  . ARG A 1 110 ? 1.654   -6.879  3.142   1.00 11.59 ? 109 ARG A CA  1 
ATOM   823  C  C   . ARG A 1 110 ? 0.794   -8.111  3.343   1.00 14.24 ? 109 ARG A C   1 
ATOM   824  O  O   . ARG A 1 110 ? 0.485   -8.894  2.436   1.00 21.52 ? 109 ARG A O   1 
ATOM   825  C  CB  . ARG A 1 110 ? 3.136   -7.138  3.450   1.00 13.65 ? 109 ARG A CB  1 
ATOM   826  C  CG  . ARG A 1 110 ? 3.717   -8.238  2.593   1.00 18.25 ? 109 ARG A CG  1 
ATOM   827  C  CD  . ARG A 1 110 ? 5.172   -8.499  2.871   1.00 20.96 ? 109 ARG A CD  1 
ATOM   828  N  NE  . ARG A 1 110 ? 5.459   -8.709  4.266   1.00 30.19 ? 109 ARG A NE  1 
ATOM   829  C  CZ  . ARG A 1 110 ? 6.706   -8.900  4.649   1.00 65.78 ? 109 ARG A CZ  1 
ATOM   830  N  NH1 . ARG A 1 110 ? 7.656   -8.957  3.708   1.00 54.28 ? 109 ARG A NH1 1 
ATOM   831  N  NH2 . ARG A 1 110 ? 6.984   -9.045  5.957   1.00 31.40 ? 109 ARG A NH2 1 
ATOM   832  N  N   . SER A 1 111 ? 0.407   -8.288  4.584   1.00 12.46 ? 110 SER A N   1 
ATOM   833  C  CA  . SER A 1 111 ? -0.372  -9.482  4.872   1.00 17.03 ? 110 SER A CA  1 
ATOM   834  C  C   . SER A 1 111 ? -1.661  -9.494  4.144   1.00 23.89 ? 110 SER A C   1 
ATOM   835  O  O   . SER A 1 111 ? -2.150  -10.529 3.745   1.00 23.70 ? 110 SER A O   1 
ATOM   836  C  CB  . SER A 1 111 ? -0.724  -9.610  6.365   1.00 25.24 ? 110 SER A CB  1 
ATOM   837  O  OG  . SER A 1 111 ? -1.505  -8.508  6.780   0.00 80.00 ? 110 SER A OG  1 
ATOM   838  N  N   . MET A 1 112 ? -2.276  -8.350  4.056   1.00 13.32 ? 111 MET A N   1 
ATOM   839  C  CA  . MET A 1 112 ? -3.609  -8.336  3.493   1.00 11.01 ? 111 MET A CA  1 
ATOM   840  C  C   . MET A 1 112 ? -3.741  -7.938  2.063   1.00 16.48 ? 111 MET A C   1 
ATOM   841  O  O   . MET A 1 112 ? -4.835  -8.136  1.535   1.00 22.91 ? 111 MET A O   1 
ATOM   842  C  CB  . MET A 1 112 ? -4.630  -7.471  4.253   1.00 17.76 ? 111 MET A CB  1 
ATOM   843  C  CG  . MET A 1 112 ? -4.017  -6.140  4.682   1.00 15.83 ? 111 MET A CG  1 
ATOM   844  S  SD  . MET A 1 112 ? -5.113  -4.839  4.288   1.00 60.04 ? 111 MET A SD  1 
ATOM   845  C  CE  . MET A 1 112 ? -4.637  -4.472  2.722   1.00 9.19  ? 111 MET A CE  1 
ATOM   846  N  N   . PHE A 1 113 ? -2.650  -7.445  1.491   1.00 15.53 ? 112 PHE A N   1 
ATOM   847  C  CA  . PHE A 1 113 ? -2.737  -7.018  0.125   1.00 14.38 ? 112 PHE A CA  1 
ATOM   848  C  C   . PHE A 1 113 ? -3.126  -8.084  -0.918  1.00 13.43 ? 112 PHE A C   1 
ATOM   849  O  O   . PHE A 1 113 ? -4.066  -7.908  -1.677  1.00 11.75 ? 112 PHE A O   1 
ATOM   850  C  CB  . PHE A 1 113 ? -1.416  -6.345  -0.206  1.00 21.76 ? 112 PHE A CB  1 
ATOM   851  C  CG  . PHE A 1 113 ? -1.623  -5.382  -1.329  1.00 14.89 ? 112 PHE A CG  1 
ATOM   852  C  CD1 . PHE A 1 113 ? -2.199  -4.149  -1.038  1.00 19.86 ? 112 PHE A CD1 1 
ATOM   853  C  CD2 . PHE A 1 113 ? -1.311  -5.739  -2.637  1.00 21.52 ? 112 PHE A CD2 1 
ATOM   854  C  CE1 . PHE A 1 113 ? -2.400  -3.218  -2.048  1.00 25.85 ? 112 PHE A CE1 1 
ATOM   855  C  CE2 . PHE A 1 113 ? -1.516  -4.818  -3.658  1.00 24.12 ? 112 PHE A CE2 1 
ATOM   856  C  CZ  . PHE A 1 113 ? -2.041  -3.565  -3.345  1.00 17.39 ? 112 PHE A CZ  1 
ATOM   857  N  N   . PRO A 1 114 ? -2.443  -9.209  -0.963  1.00 22.98 ? 113 PRO A N   1 
ATOM   858  C  CA  . PRO A 1 114 ? -2.818  -10.208 -1.960  1.00 9.71  ? 113 PRO A CA  1 
ATOM   859  C  C   . PRO A 1 114 ? -4.239  -10.549 -1.796  1.00 9.45  ? 113 PRO A C   1 
ATOM   860  O  O   . PRO A 1 114 ? -4.950  -10.717 -2.796  1.00 24.49 ? 113 PRO A O   1 
ATOM   861  C  CB  . PRO A 1 114 ? -1.941  -11.448 -1.687  1.00 25.90 ? 113 PRO A CB  1 
ATOM   862  C  CG  . PRO A 1 114 ? -0.818  -10.978 -0.763  1.00 24.17 ? 113 PRO A CG  1 
ATOM   863  C  CD  . PRO A 1 114 ? -1.320  -9.712  -0.089  1.00 25.25 ? 113 PRO A CD  1 
ATOM   864  N  N   . GLY A 1 115 ? -4.752  -10.672 -0.582  1.00 15.86 ? 114 GLY A N   1 
ATOM   865  C  CA  . GLY A 1 115 ? -6.148  -10.961 -0.497  1.00 9.43  ? 114 GLY A CA  1 
ATOM   866  C  C   . GLY A 1 115 ? -7.065  -9.860  -1.079  1.00 17.27 ? 114 GLY A C   1 
ATOM   867  O  O   . GLY A 1 115 ? -8.188  -10.041 -1.586  1.00 17.81 ? 114 GLY A O   1 
ATOM   868  N  N   . PHE A 1 116 ? -6.587  -8.644  -0.952  1.00 20.21 ? 115 PHE A N   1 
ATOM   869  C  CA  . PHE A 1 116 ? -7.366  -7.508  -1.435  1.00 9.42  ? 115 PHE A CA  1 
ATOM   870  C  C   . PHE A 1 116 ? -7.405  -7.471  -2.980  1.00 11.95 ? 115 PHE A C   1 
ATOM   871  O  O   . PHE A 1 116 ? -8.445  -7.342  -3.612  1.00 13.93 ? 115 PHE A O   1 
ATOM   872  C  CB  . PHE A 1 116 ? -6.689  -6.223  -0.857  1.00 8.98  ? 115 PHE A CB  1 
ATOM   873  C  CG  . PHE A 1 116 ? -7.379  -5.015  -1.485  1.00 14.34 ? 115 PHE A CG  1 
ATOM   874  C  CD1 . PHE A 1 116 ? -8.656  -4.603  -1.074  1.00 14.50 ? 115 PHE A CD1 1 
ATOM   875  C  CD2 . PHE A 1 116 ? -6.745  -4.330  -2.526  1.00 20.38 ? 115 PHE A CD2 1 
ATOM   876  C  CE1 . PHE A 1 116 ? -9.278  -3.500  -1.679  1.00 30.10 ? 115 PHE A CE1 1 
ATOM   877  C  CE2 . PHE A 1 116 ? -7.349  -3.222  -3.133  1.00 30.80 ? 115 PHE A CE2 1 
ATOM   878  C  CZ  . PHE A 1 116 ? -8.607  -2.808  -2.694  1.00 30.82 ? 115 PHE A CZ  1 
ATOM   879  N  N   . VAL A 1 117 ? -6.246  -7.646  -3.616  1.00 10.32 ? 116 VAL A N   1 
ATOM   880  C  CA  . VAL A 1 117 ? -6.180  -7.656  -5.083  1.00 14.51 ? 116 VAL A CA  1 
ATOM   881  C  C   . VAL A 1 117 ? -7.119  -8.747  -5.633  1.00 21.67 ? 116 VAL A C   1 
ATOM   882  O  O   . VAL A 1 117 ? -7.948  -8.554  -6.540  1.00 16.86 ? 116 VAL A O   1 
ATOM   883  C  CB  . VAL A 1 117 ? -4.718  -7.879  -5.522  1.00 20.22 ? 116 VAL A CB  1 
ATOM   884  C  CG1 . VAL A 1 117 ? -4.595  -8.066  -7.056  1.00 21.27 ? 116 VAL A CG1 1 
ATOM   885  C  CG2 . VAL A 1 117 ? -3.816  -6.703  -5.105  1.00 17.90 ? 116 VAL A CG2 1 
ATOM   886  N  N   . ALA A 1 118 ? -7.008  -9.940  -5.039  1.00 21.82 ? 117 ALA A N   1 
ATOM   887  C  CA  . ALA A 1 118 ? -7.829  -11.071 -5.477  1.00 26.09 ? 117 ALA A CA  1 
ATOM   888  C  C   . ALA A 1 118 ? -9.287  -10.748 -5.298  1.00 26.10 ? 117 ALA A C   1 
ATOM   889  O  O   . ALA A 1 118 ? -10.136 -11.242 -6.010  1.00 26.18 ? 117 ALA A O   1 
ATOM   890  C  CB  . ALA A 1 118 ? -7.454  -12.344 -4.748  1.00 21.86 ? 117 ALA A CB  1 
ATOM   891  N  N   . SER A 1 119 ? -9.614  -9.860  -4.371  1.00 24.82 ? 118 SER A N   1 
ATOM   892  C  CA  . SER A 1 119 ? -11.023 -9.516  -4.251  1.00 14.28 ? 118 SER A CA  1 
ATOM   893  C  C   . SER A 1 119 ? -11.548 -8.802  -5.497  1.00 12.12 ? 118 SER A C   1 
ATOM   894  O  O   . SER A 1 119 ? -12.713 -8.623  -5.716  1.00 17.78 ? 118 SER A O   1 
ATOM   895  C  CB  . SER A 1 119 ? -11.296 -8.708  -2.963  1.00 23.82 ? 118 SER A CB  1 
ATOM   896  O  OG  . SER A 1 119 ? -10.916 -7.342  -3.146  1.00 27.41 ? 118 SER A OG  1 
ATOM   897  N  N   . VAL A 1 120 ? -10.663 -8.267  -6.290  1.00 15.73 ? 119 VAL A N   1 
ATOM   898  C  CA  . VAL A 1 120 ? -11.081 -7.570  -7.475  1.00 13.07 ? 119 VAL A CA  1 
ATOM   899  C  C   . VAL A 1 120 ? -11.038 -8.476  -8.671  1.00 17.23 ? 119 VAL A C   1 
ATOM   900  O  O   . VAL A 1 120 ? -11.975 -8.484  -9.469  1.00 14.15 ? 119 VAL A O   1 
ATOM   901  C  CB  . VAL A 1 120 ? -10.236 -6.297  -7.729  1.00 25.98 ? 119 VAL A CB  1 
ATOM   902  C  CG1 . VAL A 1 120 ? -10.666 -5.560  -8.990  1.00 22.35 ? 119 VAL A CG1 1 
ATOM   903  C  CG2 . VAL A 1 120 ? -10.456 -5.325  -6.566  1.00 30.85 ? 119 VAL A CG2 1 
ATOM   904  N  N   . ALA A 1 121 ? -9.930  -9.178  -8.821  1.00 13.85 ? 120 ALA A N   1 
ATOM   905  C  CA  . ALA A 1 121 ? -9.762  -10.100 -9.957  1.00 17.54 ? 120 ALA A CA  1 
ATOM   906  C  C   . ALA A 1 121 ? -8.659  -11.015 -9.550  1.00 17.50 ? 120 ALA A C   1 
ATOM   907  O  O   . ALA A 1 121 ? -7.782  -10.556 -8.849  1.00 14.46 ? 120 ALA A O   1 
ATOM   908  C  CB  . ALA A 1 121 ? -9.445  -9.449  -11.306 1.00 17.72 ? 120 ALA A CB  1 
ATOM   909  N  N   . ALA A 1 122 ? -8.737  -12.294 -9.957  1.00 20.46 ? 121 ALA A N   1 
ATOM   910  C  CA  . ALA A 1 122 ? -7.745  -13.339 -9.662  1.00 31.49 ? 121 ALA A CA  1 
ATOM   911  C  C   . ALA A 1 122 ? -6.458  -12.910 -10.276 1.00 17.50 ? 121 ALA A C   1 
ATOM   912  O  O   . ALA A 1 122 ? -6.422  -12.615 -11.444 1.00 17.88 ? 121 ALA A O   1 
ATOM   913  C  CB  . ALA A 1 122 ? -8.124  -14.695 -10.301 1.00 21.95 ? 121 ALA A CB  1 
ATOM   914  N  N   . PRO A 1 123 ? -5.420  -12.877 -9.498  1.00 21.04 ? 122 PRO A N   1 
ATOM   915  C  CA  . PRO A 1 123 ? -4.116  -12.448 -10.011 1.00 24.07 ? 122 PRO A CA  1 
ATOM   916  C  C   . PRO A 1 123 ? -3.454  -13.612 -10.719 1.00 27.77 ? 122 PRO A C   1 
ATOM   917  O  O   . PRO A 1 123 ? -3.725  -14.772 -10.415 1.00 15.63 ? 122 PRO A O   1 
ATOM   918  C  CB  . PRO A 1 123 ? -3.260  -12.199 -8.765  1.00 24.44 ? 122 PRO A CB  1 
ATOM   919  C  CG  . PRO A 1 123 ? -3.946  -12.973 -7.661  1.00 23.61 ? 122 PRO A CG  1 
ATOM   920  C  CD  . PRO A 1 123 ? -5.427  -13.154 -8.037  1.00 18.86 ? 122 PRO A CD  1 
ATOM   921  N  N   . PRO A 1 124 ? -2.601  -13.296 -11.650 1.00 24.90 ? 123 PRO A N   1 
ATOM   922  C  CA  . PRO A 1 124 ? -1.820  -14.312 -12.361 1.00 28.57 ? 123 PRO A CA  1 
ATOM   923  C  C   . PRO A 1 124 ? -0.849  -14.969 -11.396 1.00 14.86 ? 123 PRO A C   1 
ATOM   924  O  O   . PRO A 1 124 ? -0.473  -14.417 -10.352 1.00 15.17 ? 123 PRO A O   1 
ATOM   925  C  CB  . PRO A 1 124 ? -0.898  -13.591 -13.354 1.00 35.14 ? 123 PRO A CB  1 
ATOM   926  C  CG  . PRO A 1 124 ? -1.106  -12.118 -13.160 1.00 24.25 ? 123 PRO A CG  1 
ATOM   927  C  CD  . PRO A 1 124 ? -2.271  -11.959 -12.184 1.00 22.14 ? 123 PRO A CD  1 
ATOM   928  N  N   . ALA A 1 125 ? -0.453  -16.201 -11.752 1.00 17.71 ? 124 ALA A N   1 
ATOM   929  C  CA  . ALA A 1 125 ? 0.542   -16.924 -10.960 1.00 16.30 ? 124 ALA A CA  1 
ATOM   930  C  C   . ALA A 1 125 ? 1.757   -16.058 -10.816 1.00 11.12 ? 124 ALA A C   1 
ATOM   931  O  O   . ALA A 1 125 ? 2.157   -15.339 -11.752 1.00 17.12 ? 124 ALA A O   1 
ATOM   932  C  CB  . ALA A 1 125 ? 1.014   -18.216 -11.707 1.00 13.20 ? 124 ALA A CB  1 
ATOM   933  N  N   . GLY A 1 126 ? 2.376   -16.142 -9.641  1.00 12.89 ? 125 GLY A N   1 
ATOM   934  C  CA  . GLY A 1 126 ? 3.599   -15.378 -9.409  1.00 12.03 ? 125 GLY A CA  1 
ATOM   935  C  C   . GLY A 1 126 ? 3.291   -13.931 -8.936  1.00 20.09 ? 125 GLY A C   1 
ATOM   936  O  O   . GLY A 1 126 ? 4.147   -13.283 -8.366  1.00 16.18 ? 125 GLY A O   1 
ATOM   937  N  N   . ALA A 1 127 ? 2.068   -13.399 -9.145  1.00 18.19 ? 126 ALA A N   1 
ATOM   938  C  CA  . ALA A 1 127 ? 1.801   -12.038 -8.701  1.00 15.71 ? 126 ALA A CA  1 
ATOM   939  C  C   . ALA A 1 127 ? 1.872   -11.860 -7.214  1.00 27.04 ? 126 ALA A C   1 
ATOM   940  O  O   . ALA A 1 127 ? 2.467   -10.874 -6.763  1.00 21.66 ? 126 ALA A O   1 
ATOM   941  C  CB  . ALA A 1 127 ? 0.411   -11.517 -9.190  1.00 13.32 ? 126 ALA A CB  1 
ATOM   942  N  N   . ASP A 1 128 ? 1.237   -12.739 -6.431  1.00 15.96 ? 127 ASP A N   1 
ATOM   943  C  CA  . ASP A 1 128 ? 1.292   -12.482 -4.981  1.00 16.79 ? 127 ASP A CA  1 
ATOM   944  C  C   . ASP A 1 128 ? 2.688   -12.388 -4.419  1.00 27.19 ? 127 ASP A C   1 
ATOM   945  O  O   . ASP A 1 128 ? 3.032   -11.648 -3.509  1.00 17.05 ? 127 ASP A O   1 
ATOM   946  C  CB  . ASP A 1 128 ? 0.561   -13.608 -4.252  1.00 20.27 ? 127 ASP A CB  1 
ATOM   947  C  CG  . ASP A 1 128 ? -0.952  -13.625 -4.441  1.00 42.55 ? 127 ASP A CG  1 
ATOM   948  O  OD1 . ASP A 1 128 ? -1.506  -12.476 -4.868  1.00 33.38 ? 127 ASP A OD1 1 
ATOM   949  O  OD2 . ASP A 1 128 ? -1.608  -14.610 -4.125  1.00 60.52 ? 127 ASP A OD2 1 
ATOM   950  N  N   . ALA A 1 129 ? 3.545   -13.231 -4.954  1.00 13.05 ? 128 ALA A N   1 
ATOM   951  C  CA  . ALA A 1 129 ? 4.867   -13.179 -4.460  1.00 10.02 ? 128 ALA A CA  1 
ATOM   952  C  C   . ALA A 1 129 ? 5.544   -11.858 -4.885  1.00 12.95 ? 128 ALA A C   1 
ATOM   953  O  O   . ALA A 1 129 ? 6.363   -11.308 -4.160  1.00 18.80 ? 128 ALA A O   1 
ATOM   954  C  CB  . ALA A 1 129 ? 5.717   -14.398 -4.884  1.00 14.01 ? 128 ALA A CB  1 
ATOM   955  N  N   . ALA A 1 130 ? 5.269   -11.360 -6.060  1.00 10.52 ? 129 ALA A N   1 
ATOM   956  C  CA  . ALA A 1 130 ? 5.917   -10.112 -6.417  1.00 11.17 ? 129 ALA A CA  1 
ATOM   957  C  C   . ALA A 1 130 ? 5.496   -9.013  -5.462  1.00 10.51 ? 129 ALA A C   1 
ATOM   958  O  O   . ALA A 1 130 ? 6.290   -8.136  -5.098  1.00 15.52 ? 129 ALA A O   1 
ATOM   959  C  CB  . ALA A 1 130 ? 5.578   -9.745  -7.840  1.00 11.26 ? 129 ALA A CB  1 
ATOM   960  N  N   . TRP A 1 131 ? 4.195   -9.018  -5.104  1.00 14.57 ? 130 TRP A N   1 
ATOM   961  C  CA  . TRP A 1 131 ? 3.698   -7.985  -4.190  1.00 9.45  ? 130 TRP A CA  1 
ATOM   962  C  C   . TRP A 1 131 ? 4.299   -8.176  -2.854  1.00 17.32 ? 130 TRP A C   1 
ATOM   963  O  O   . TRP A 1 131 ? 4.608   -7.228  -2.112  1.00 15.02 ? 130 TRP A O   1 
ATOM   964  C  CB  . TRP A 1 131 ? 2.194   -8.025  -3.978  1.00 13.97 ? 130 TRP A CB  1 
ATOM   965  C  CG  . TRP A 1 131 ? 1.487   -7.443  -5.142  1.00 22.86 ? 130 TRP A CG  1 
ATOM   966  C  CD1 . TRP A 1 131 ? 0.727   -8.085  -6.060  1.00 18.98 ? 130 TRP A CD1 1 
ATOM   967  C  CD2 . TRP A 1 131 ? 1.417   -6.056  -5.435  1.00 18.55 ? 130 TRP A CD2 1 
ATOM   968  N  NE1 . TRP A 1 131 ? 0.256   -7.197  -6.981  1.00 30.36 ? 130 TRP A NE1 1 
ATOM   969  C  CE2 . TRP A 1 131 ? 0.628   -5.937  -6.599  1.00 26.33 ? 130 TRP A CE2 1 
ATOM   970  C  CE3 . TRP A 1 131 ? 1.918   -4.939  -4.775  1.00 17.60 ? 130 TRP A CE3 1 
ATOM   971  C  CZ2 . TRP A 1 131 ? 0.314   -4.716  -7.110  1.00 24.68 ? 130 TRP A CZ2 1 
ATOM   972  C  CZ3 . TRP A 1 131 ? 1.630   -3.709  -5.339  1.00 28.40 ? 130 TRP A CZ3 1 
ATOM   973  C  CH2 . TRP A 1 131 ? 0.873   -3.622  -6.507  1.00 16.11 ? 130 TRP A CH2 1 
ATOM   974  N  N   . THR A 1 132 ? 4.445   -9.429  -2.482  1.00 12.47 ? 131 THR A N   1 
ATOM   975  C  CA  . THR A 1 132 ? 5.064   -9.519  -1.186  1.00 10.77 ? 131 THR A CA  1 
ATOM   976  C  C   . THR A 1 132 ? 6.505   -9.081  -1.293  1.00 12.41 ? 131 THR A C   1 
ATOM   977  O  O   . THR A 1 132 ? 7.024   -8.519  -0.330  1.00 19.98 ? 131 THR A O   1 
ATOM   978  C  CB  . THR A 1 132 ? 5.001   -10.868 -0.422  1.00 17.87 ? 131 THR A CB  1 
ATOM   979  O  OG1 . THR A 1 132 ? 5.896   -11.726 -1.047  1.00 50.76 ? 131 THR A OG1 1 
ATOM   980  C  CG2 . THR A 1 132 ? 3.576   -11.415 -0.412  1.00 20.80 ? 131 THR A CG2 1 
ATOM   981  N  N   . LYS A 1 133 ? 7.225   -9.285  -2.385  1.00 10.36 ? 132 LYS A N   1 
ATOM   982  C  CA  . LYS A 1 133 ? 8.578   -8.808  -2.305  1.00 12.22 ? 132 LYS A CA  1 
ATOM   983  C  C   . LYS A 1 133 ? 8.638   -7.251  -2.396  1.00 23.19 ? 132 LYS A C   1 
ATOM   984  O  O   . LYS A 1 133 ? 9.513   -6.554  -1.804  1.00 16.31 ? 132 LYS A O   1 
ATOM   985  C  CB  . LYS A 1 133 ? 9.330   -9.461  -3.438  1.00 18.96 ? 132 LYS A CB  1 
ATOM   986  C  CG  . LYS A 1 133 ? 10.721  -9.007  -3.773  1.00 17.89 ? 132 LYS A CG  1 
ATOM   987  C  CD  . LYS A 1 133 ? 11.106  -9.833  -4.981  1.00 28.58 ? 132 LYS A CD  1 
ATOM   988  C  CE  . LYS A 1 133 ? 12.560  -9.639  -5.332  1.00 29.35 ? 132 LYS A CE  1 
ATOM   989  N  NZ  . LYS A 1 133 ? 13.058  -10.909 -5.812  1.00 36.59 ? 132 LYS A NZ  1 
ATOM   990  N  N   . LEU A 1 134 ? 7.666   -6.694  -3.129  1.00 12.38 ? 133 LEU A N   1 
ATOM   991  C  CA  . LEU A 1 134 ? 7.637   -5.226  -3.225  1.00 18.07 ? 133 LEU A CA  1 
ATOM   992  C  C   . LEU A 1 134 ? 7.389   -4.630  -1.853  1.00 18.03 ? 133 LEU A C   1 
ATOM   993  O  O   . LEU A 1 134 ? 8.052   -3.662  -1.420  1.00 14.36 ? 133 LEU A O   1 
ATOM   994  C  CB  . LEU A 1 134 ? 6.520   -4.747  -4.188  1.00 21.97 ? 133 LEU A CB  1 
ATOM   995  C  CG  . LEU A 1 134 ? 6.416   -3.231  -4.278  1.00 27.53 ? 133 LEU A CG  1 
ATOM   996  C  CD1 . LEU A 1 134 ? 7.689   -2.706  -4.925  1.00 25.20 ? 133 LEU A CD1 1 
ATOM   997  C  CD2 . LEU A 1 134 ? 5.146   -2.836  -5.019  1.00 19.83 ? 133 LEU A CD2 1 
ATOM   998  N  N   . PHE A 1 135 ? 6.420   -5.186  -1.145  1.00 13.32 ? 134 PHE A N   1 
ATOM   999  C  CA  . PHE A 1 135 ? 6.175   -4.642  0.192   1.00 16.03 ? 134 PHE A CA  1 
ATOM   1000 C  C   . PHE A 1 135 ? 7.339   -4.944  1.123   1.00 38.61 ? 134 PHE A C   1 
ATOM   1001 O  O   . PHE A 1 135 ? 7.614   -4.241  2.081   1.00 14.40 ? 134 PHE A O   1 
ATOM   1002 C  CB  . PHE A 1 135 ? 4.907   -5.227  0.781   1.00 12.32 ? 134 PHE A CB  1 
ATOM   1003 C  CG  . PHE A 1 135 ? 3.735   -4.407  0.371   1.00 13.81 ? 134 PHE A CG  1 
ATOM   1004 C  CD1 . PHE A 1 135 ? 3.598   -3.095  0.834   1.00 16.95 ? 134 PHE A CD1 1 
ATOM   1005 C  CD2 . PHE A 1 135 ? 2.785   -4.965  -0.482  1.00 28.48 ? 134 PHE A CD2 1 
ATOM   1006 C  CE1 . PHE A 1 135 ? 2.490   -2.356  0.425   1.00 19.66 ? 134 PHE A CE1 1 
ATOM   1007 C  CE2 . PHE A 1 135 ? 1.671   -4.228  -0.882  1.00 34.45 ? 134 PHE A CE2 1 
ATOM   1008 C  CZ  . PHE A 1 135 ? 1.543   -2.913  -0.430  1.00 29.63 ? 134 PHE A CZ  1 
ATOM   1009 N  N   . GLY A 1 136 ? 8.051   -6.018  0.866   1.00 13.66 ? 135 GLY A N   1 
ATOM   1010 C  CA  . GLY A 1 136 ? 9.205   -6.325  1.710   1.00 14.65 ? 135 GLY A CA  1 
ATOM   1011 C  C   . GLY A 1 136 ? 10.261  -5.211  1.564   1.00 12.06 ? 135 GLY A C   1 
ATOM   1012 O  O   . GLY A 1 136 ? 10.999  -4.829  2.500   1.00 15.25 ? 135 GLY A O   1 
ATOM   1013 N  N   . LEU A 1 137 ? 10.364  -4.683  0.338   1.00 9.43  ? 136 LEU A N   1 
ATOM   1014 C  CA  . LEU A 1 137 ? 11.306  -3.612  0.123   1.00 13.27 ? 136 LEU A CA  1 
ATOM   1015 C  C   . LEU A 1 137 ? 10.929  -2.336  0.947   1.00 16.95 ? 136 LEU A C   1 
ATOM   1016 O  O   . LEU A 1 137 ? 11.757  -1.583  1.434   1.00 10.49 ? 136 LEU A O   1 
ATOM   1017 C  CB  . LEU A 1 137 ? 11.327  -3.259  -1.385  1.00 13.46 ? 136 LEU A CB  1 
ATOM   1018 C  CG  . LEU A 1 137 ? 12.049  -4.259  -2.292  1.00 25.28 ? 136 LEU A CG  1 
ATOM   1019 C  CD1 . LEU A 1 137 ? 11.810  -3.794  -3.722  1.00 25.24 ? 136 LEU A CD1 1 
ATOM   1020 C  CD2 . LEU A 1 137 ? 13.567  -4.263  -2.022  1.00 18.13 ? 136 LEU A CD2 1 
ATOM   1021 N  N   . ILE A 1 138 ? 9.653   -2.062  1.064   1.00 23.01 ? 137 ILE A N   1 
ATOM   1022 C  CA  . ILE A 1 138 ? 9.182   -0.867  1.801   1.00 9.26  ? 137 ILE A CA  1 
ATOM   1023 C  C   . ILE A 1 138 ? 9.454   -1.064  3.280   1.00 13.41 ? 137 ILE A C   1 
ATOM   1024 O  O   . ILE A 1 138 ? 9.928   -0.194  3.991   1.00 19.49 ? 137 ILE A O   1 
ATOM   1025 C  CB  . ILE A 1 138 ? 7.704   -0.693  1.531   1.00 9.81  ? 137 ILE A CB  1 
ATOM   1026 C  CG1 . ILE A 1 138 ? 7.496   -0.026  0.155   1.00 15.32 ? 137 ILE A CG1 1 
ATOM   1027 C  CG2 . ILE A 1 138 ? 7.109   0.227   2.572   1.00 20.79 ? 137 ILE A CG2 1 
ATOM   1028 C  CD1 . ILE A 1 138 ? 6.079   -0.100  -0.408  1.00 23.49 ? 137 ILE A CD1 1 
ATOM   1029 N  N   . ILE A 1 139 ? 9.181   -2.273  3.732   1.00 9.21  ? 138 ILE A N   1 
ATOM   1030 C  CA  . ILE A 1 139 ? 9.370   -2.654  5.115   1.00 13.68 ? 138 ILE A CA  1 
ATOM   1031 C  C   . ILE A 1 139 ? 10.803  -2.448  5.438   1.00 18.62 ? 138 ILE A C   1 
ATOM   1032 O  O   . ILE A 1 139 ? 11.164  -1.883  6.496   1.00 20.81 ? 138 ILE A O   1 
ATOM   1033 C  CB  . ILE A 1 139 ? 8.946   -4.118  5.316   1.00 13.02 ? 138 ILE A CB  1 
ATOM   1034 C  CG1 . ILE A 1 139 ? 7.437   -4.145  5.093   1.00 20.62 ? 138 ILE A CG1 1 
ATOM   1035 C  CG2 . ILE A 1 139 ? 9.293   -4.561  6.725   1.00 15.46 ? 138 ILE A CG2 1 
ATOM   1036 C  CD1 . ILE A 1 139 ? 6.821   -5.537  5.050   1.00 19.50 ? 138 ILE A CD1 1 
ATOM   1037 N  N   . ASP A 1 140 ? 11.667  -2.923  4.510   1.00 21.72 ? 139 ASP A N   1 
ATOM   1038 C  CA  . ASP A 1 140 ? 13.087  -2.701  4.760   1.00 24.13 ? 139 ASP A CA  1 
ATOM   1039 C  C   . ASP A 1 140 ? 13.446  -1.205  4.780   1.00 38.65 ? 139 ASP A C   1 
ATOM   1040 O  O   . ASP A 1 140 ? 14.270  -0.771  5.585   1.00 22.94 ? 139 ASP A O   1 
ATOM   1041 C  CB  . ASP A 1 140 ? 14.004  -3.335  3.711   1.00 24.75 ? 139 ASP A CB  1 
ATOM   1042 C  CG  . ASP A 1 140 ? 14.050  -4.801  3.982   1.00 34.62 ? 139 ASP A CG  1 
ATOM   1043 O  OD1 . ASP A 1 140 ? 13.665  -5.285  5.066   1.00 44.13 ? 139 ASP A OD1 1 
ATOM   1044 O  OD2 . ASP A 1 140 ? 14.358  -5.464  2.883   1.00 27.63 ? 139 ASP A OD2 1 
ATOM   1045 N  N   . ALA A 1 141 ? 12.867  -0.401  3.891   1.00 16.34 ? 140 ALA A N   1 
ATOM   1046 C  CA  . ALA A 1 141 ? 13.259  1.019   3.930   1.00 14.81 ? 140 ALA A CA  1 
ATOM   1047 C  C   . ALA A 1 141 ? 12.836  1.686   5.244   1.00 14.94 ? 140 ALA A C   1 
ATOM   1048 O  O   . ALA A 1 141 ? 13.481  2.612   5.759   1.00 22.72 ? 140 ALA A O   1 
ATOM   1049 C  CB  . ALA A 1 141 ? 12.716  1.788   2.741   1.00 17.10 ? 140 ALA A CB  1 
ATOM   1050 N  N   . LEU A 1 142 ? 11.703  1.252   5.771   1.00 20.89 ? 141 LEU A N   1 
ATOM   1051 C  CA  . LEU A 1 142 ? 11.201  1.804   7.006   1.00 16.65 ? 141 LEU A CA  1 
ATOM   1052 C  C   . LEU A 1 142 ? 12.120  1.388   8.155   1.00 23.09 ? 141 LEU A C   1 
ATOM   1053 O  O   . LEU A 1 142 ? 12.452  2.159   9.067   1.00 24.73 ? 141 LEU A O   1 
ATOM   1054 C  CB  . LEU A 1 142 ? 9.726   1.417   7.301   1.00 21.56 ? 141 LEU A CB  1 
ATOM   1055 C  CG  . LEU A 1 142 ? 8.787   2.226   6.419   1.00 27.65 ? 141 LEU A CG  1 
ATOM   1056 C  CD1 . LEU A 1 142 ? 7.616   1.355   6.029   1.00 36.22 ? 141 LEU A CD1 1 
ATOM   1057 C  CD2 . LEU A 1 142 ? 8.323   3.449   7.206   1.00 30.31 ? 141 LEU A CD2 1 
ATOM   1058 N  N   . LYS A 1 143 ? 12.562  0.152   8.128   1.00 15.49 ? 142 LYS A N   1 
ATOM   1059 C  CA  . LYS A 1 143 ? 13.457  -0.176  9.208   1.00 21.27 ? 142 LYS A CA  1 
ATOM   1060 C  C   . LYS A 1 143 ? 14.694  0.736   9.133   1.00 25.73 ? 142 LYS A C   1 
ATOM   1061 O  O   . LYS A 1 143 ? 15.120  1.317   10.140  1.00 35.37 ? 142 LYS A O   1 
ATOM   1062 C  CB  . LYS A 1 143 ? 13.854  -1.630  9.233   1.00 28.08 ? 142 LYS A CB  1 
ATOM   1063 C  CG  . LYS A 1 143 ? 12.740  -2.546  8.776   1.00 71.91 ? 142 LYS A CG  1 
ATOM   1064 C  CD  . LYS A 1 143 ? 12.816  -3.869  9.501   1.00 25.60 ? 142 LYS A CD  1 
ATOM   1065 C  CE  . LYS A 1 143 ? 11.567  -4.719  9.412   0.00 80.00 ? 142 LYS A CE  1 
ATOM   1066 N  NZ  . LYS A 1 143 ? 11.156  -5.259  10.716  0.00 80.00 ? 142 LYS A NZ  1 
ATOM   1067 N  N   . ALA A 1 144 ? 15.207  0.913   7.911   1.00 31.07 ? 143 ALA A N   1 
ATOM   1068 C  CA  . ALA A 1 144 ? 16.380  1.765   7.688   1.00 34.15 ? 143 ALA A CA  1 
ATOM   1069 C  C   . ALA A 1 144 ? 16.202  3.195   8.170   1.00 43.63 ? 143 ALA A C   1 
ATOM   1070 O  O   . ALA A 1 144 ? 17.146  3.858   8.603   1.00 34.18 ? 143 ALA A O   1 
ATOM   1071 C  CB  . ALA A 1 144 ? 16.791  1.776   6.235   1.00 22.18 ? 143 ALA A CB  1 
ATOM   1072 N  N   . ALA A 1 145 ? 14.971  3.675   8.040   1.00 20.43 ? 144 ALA A N   1 
ATOM   1073 C  CA  . ALA A 1 145 ? 14.652  5.011   8.462   1.00 18.72 ? 144 ALA A CA  1 
ATOM   1074 C  C   . ALA A 1 145 ? 14.440  5.151   9.966   1.00 37.80 ? 144 ALA A C   1 
ATOM   1075 O  O   . ALA A 1 145 ? 14.172  6.242   10.406  1.00 36.97 ? 144 ALA A O   1 
ATOM   1076 C  CB  . ALA A 1 145 ? 13.668  5.727   7.563   1.00 35.78 ? 144 ALA A CB  1 
ATOM   1077 N  N   . GLY A 1 146 ? 14.593  4.091   10.786  1.00 33.45 ? 145 GLY A N   1 
ATOM   1078 C  CA  . GLY A 1 146 ? 14.518  4.256   12.222  0.00 80.00 ? 145 GLY A CA  1 
ATOM   1079 C  C   . GLY A 1 146 ? 13.261  3.763   12.874  0.00 80.00 ? 145 GLY A C   1 
ATOM   1080 O  O   . GLY A 1 146 ? 12.849  4.239   13.928  0.00 80.00 ? 145 GLY A O   1 
ATOM   1081 N  N   . ALA A 1 147 ? 12.669  2.792   12.233  1.00 41.55 ? 146 ALA A N   1 
ATOM   1082 C  CA  . ALA A 1 147 ? 11.435  2.228   12.712  1.00 21.00 ? 146 ALA A CA  1 
ATOM   1083 C  C   . ALA A 1 147 ? 11.183  0.884   12.018  1.00 42.14 ? 146 ALA A C   1 
ATOM   1084 O  O   . ALA A 1 147 ? 10.145  0.234   12.207  1.00 38.13 ? 146 ALA A O   1 
ATOM   1085 C  CB  . ALA A 1 147 ? 10.329  3.224   12.369  1.00 31.89 ? 146 ALA A CB  1 
ATOM   1086 O  OXT . ALA A 1 147 ? 11.939  0.524   11.110  0.00 80.00 ? 146 ALA A OXT 1 
HETATM 1087 C  C   . CYN B 2 .   ? -1.289  7.466   4.067   1.00 20.00 ? 147 CYN A C   1 
HETATM 1088 N  N   . CYN B 2 .   ? -1.755  7.585   3.027   1.00 20.00 ? 147 CYN A N   1 
HETATM 1089 C  CHA . HEM C 3 .   ? 0.983   10.164  4.356   1.00 12.09 ? 148 HEM A CHA 1 
HETATM 1090 C  CHB . HEM C 3 .   ? 1.354   6.970   0.740   1.00 13.70 ? 148 HEM A CHB 1 
HETATM 1091 C  CHC . HEM C 3 .   ? 0.469   3.471   3.898   1.00 11.86 ? 148 HEM A CHC 1 
HETATM 1092 C  CHD . HEM C 3 .   ? -0.033  6.745   7.469   1.00 18.39 ? 148 HEM A CHD 1 
HETATM 1093 C  C1A . HEM C 3 .   ? 1.470   9.609   3.178   1.00 14.26 ? 148 HEM A C1A 1 
HETATM 1094 C  C2A . HEM C 3 .   ? 1.519   10.364  1.918   1.00 26.93 ? 148 HEM A C2A 1 
HETATM 1095 C  C3A . HEM C 3 .   ? 1.713   9.470   0.942   1.00 10.03 ? 148 HEM A C3A 1 
HETATM 1096 C  C4A . HEM C 3 .   ? 1.355   8.169   1.488   1.00 12.64 ? 148 HEM A C4A 1 
HETATM 1097 C  CMA . HEM C 3 .   ? 1.706   9.707   -0.580  1.00 11.91 ? 148 HEM A CMA 1 
HETATM 1098 C  CAA . HEM C 3 .   ? 1.414   11.909  1.707   1.00 31.09 ? 148 HEM A CAA 1 
HETATM 1099 C  CBA . HEM C 3 .   ? 2.829   12.430  1.971   1.00 43.03 ? 148 HEM A CBA 1 
HETATM 1100 C  CGA . HEM C 3 .   ? 3.017   13.908  1.867   0.00 80.00 ? 148 HEM A CGA 1 
HETATM 1101 O  O1A . HEM C 3 .   ? 3.425   14.511  2.883   0.00 80.00 ? 148 HEM A O1A 1 
HETATM 1102 O  O2A . HEM C 3 .   ? 2.779   14.458  0.772   0.00 80.00 ? 148 HEM A O2A 1 
HETATM 1103 C  C1B . HEM C 3 .   ? 1.156   5.752   1.338   1.00 10.89 ? 148 HEM A C1B 1 
HETATM 1104 C  C2B . HEM C 3 .   ? 1.205   4.481   0.625   1.00 9.59  ? 148 HEM A C2B 1 
HETATM 1105 C  C3B . HEM C 3 .   ? 0.880   3.487   1.436   1.00 11.52 ? 148 HEM A C3B 1 
HETATM 1106 C  C4B . HEM C 3 .   ? 0.813   4.119   2.752   1.00 10.57 ? 148 HEM A C4B 1 
HETATM 1107 C  CMB . HEM C 3 .   ? 1.470   4.327   -0.872  1.00 11.68 ? 148 HEM A CMB 1 
HETATM 1108 C  CAB . HEM C 3 .   ? 0.668   2.018   0.905   1.00 12.11 ? 148 HEM A CAB 1 
HETATM 1109 C  CBB . HEM C 3 .   ? 0.056   1.005   1.486   1.00 32.85 ? 148 HEM A CBB 1 
HETATM 1110 C  C1C . HEM C 3 .   ? 0.386   4.095   5.130   1.00 11.90 ? 148 HEM A C1C 1 
HETATM 1111 C  C2C . HEM C 3 .   ? -0.010  3.369   6.333   1.00 13.02 ? 148 HEM A C2C 1 
HETATM 1112 C  C3C . HEM C 3 .   ? -0.151  4.288   7.293   1.00 11.29 ? 148 HEM A C3C 1 
HETATM 1113 C  C4C . HEM C 3 .   ? 0.177   5.591   6.704   1.00 8.46  ? 148 HEM A C4C 1 
HETATM 1114 C  CMC . HEM C 3 .   ? -0.146  1.822   6.519   1.00 17.70 ? 148 HEM A CMC 1 
HETATM 1115 C  CAC . HEM C 3 .   ? -0.767  4.202   8.693   1.00 14.56 ? 148 HEM A CAC 1 
HETATM 1116 C  CBC . HEM C 3 .   ? -0.775  3.020   9.309   1.00 30.45 ? 148 HEM A CBC 1 
HETATM 1117 C  C1D . HEM C 3 .   ? 0.316   7.994   7.003   1.00 14.77 ? 148 HEM A C1D 1 
HETATM 1118 C  C2D . HEM C 3 .   ? 0.309   9.262   7.729   1.00 10.07 ? 148 HEM A C2D 1 
HETATM 1119 C  C3D . HEM C 3 .   ? 0.682   10.202  6.868   1.00 14.56 ? 148 HEM A C3D 1 
HETATM 1120 C  C4D . HEM C 3 .   ? 0.776   9.502   5.567   1.00 15.27 ? 148 HEM A C4D 1 
HETATM 1121 C  CMD . HEM C 3 .   ? -0.237  9.257   9.161   1.00 13.41 ? 148 HEM A CMD 1 
HETATM 1122 C  CAD . HEM C 3 .   ? 0.502   11.770  6.828   1.00 20.24 ? 148 HEM A CAD 1 
HETATM 1123 C  CBD . HEM C 3 .   ? -0.307  12.482  7.908   1.00 33.77 ? 148 HEM A CBD 1 
HETATM 1124 C  CGD . HEM C 3 .   ? -1.722  12.042  8.145   1.00 45.66 ? 148 HEM A CGD 1 
HETATM 1125 O  O1D . HEM C 3 .   ? -2.101  11.870  9.347   1.00 33.92 ? 148 HEM A O1D 1 
HETATM 1126 O  O2D . HEM C 3 .   ? -2.458  12.029  7.134   1.00 33.60 ? 148 HEM A O2D 1 
HETATM 1127 N  NA  . HEM C 3 .   ? 1.219   8.280   2.872   1.00 10.62 ? 148 HEM A NA  1 
HETATM 1128 N  NB  . HEM C 3 .   ? 0.844   5.512   2.631   1.00 12.29 ? 148 HEM A NB  1 
HETATM 1129 N  NC  . HEM C 3 .   ? 0.355   5.488   5.329   1.00 12.76 ? 148 HEM A NC  1 
HETATM 1130 N  ND  . HEM C 3 .   ? 0.528   8.143   5.676   1.00 9.70  ? 148 HEM A ND  1 
HETATM 1131 FE FE  . HEM C 3 .   ? 0.783   6.879   4.117   1.00 13.15 ? 148 HEM A FE  1 
HETATM 1132 O  O   . HOH D 4 .   ? -4.714  13.981  5.878   0.96 25.17 ? 150 HOH A O   1 
HETATM 1133 O  O   . HOH D 4 .   ? -4.855  11.950  8.836   1.00 31.29 ? 151 HOH A O   1 
HETATM 1134 O  O   . HOH D 4 .   ? -6.480  17.309  7.319   1.00 36.54 ? 152 HOH A O   1 
HETATM 1135 O  O   . HOH D 4 .   ? 18.434  -6.342  -4.416  0.99 33.80 ? 153 HOH A O   1 
HETATM 1136 O  O   . HOH D 4 .   ? -0.234  -14.815 -7.674  1.00 22.83 ? 154 HOH A O   1 
HETATM 1137 O  O   . HOH D 4 .   ? -13.069 -2.812  1.704   0.92 20.83 ? 155 HOH A O   1 
HETATM 1138 O  O   . HOH D 4 .   ? -20.138 0.550   16.250  0.96 31.64 ? 156 HOH A O   1 
HETATM 1139 O  O   . HOH D 4 .   ? -18.865 -0.857  10.354  1.00 31.02 ? 157 HOH A O   1 
HETATM 1140 O  O   . HOH D 4 .   ? 19.476  -4.427  -2.360  1.00 42.06 ? 158 HOH A O   1 
HETATM 1141 O  O   . HOH D 4 .   ? 4.991   -15.413 -13.969 1.00 49.23 ? 159 HOH A O   1 
HETATM 1142 O  O   . HOH D 4 .   ? 13.164  -10.428 -15.597 0.92 17.20 ? 160 HOH A O   1 
HETATM 1143 O  O   . HOH D 4 .   ? 11.993  -12.901 -12.066 0.92 20.78 ? 161 HOH A O   1 
HETATM 1144 O  O   . HOH D 4 .   ? 12.488  -14.613 -14.485 1.00 35.04 ? 162 HOH A O   1 
HETATM 1145 O  O   . HOH D 4 .   ? -8.480  -13.759 0.493   0.86 42.95 ? 163 HOH A O   1 
HETATM 1146 O  O   . HOH D 4 .   ? -19.834 7.368   17.697  0.97 26.78 ? 164 HOH A O   1 
HETATM 1147 O  O   . HOH D 4 .   ? -9.223  5.298   22.017  1.00 19.67 ? 165 HOH A O   1 
HETATM 1148 O  O   . HOH D 4 .   ? -1.559  -1.280  11.912  0.91 32.55 ? 166 HOH A O   1 
HETATM 1149 O  O   . HOH D 4 .   ? 3.060   -6.291  12.392  0.71 31.06 ? 167 HOH A O   1 
HETATM 1150 O  O   . HOH D 4 .   ? -9.957  -7.541  1.207   1.00 34.10 ? 168 HOH A O   1 
HETATM 1151 O  O   . HOH D 4 .   ? -3.618  12.058  -5.504  1.00 32.29 ? 169 HOH A O   1 
HETATM 1152 O  O   . HOH D 4 .   ? 9.734   -1.052  -13.294 1.00 29.47 ? 170 HOH A O   1 
HETATM 1153 O  O   . HOH D 4 .   ? 0.357   10.495  -3.509  0.81 21.02 ? 171 HOH A O   1 
HETATM 1154 O  O   . HOH D 4 .   ? 5.428   -2.560  -13.591 0.77 31.26 ? 172 HOH A O   1 
HETATM 1155 O  O   . HOH D 4 .   ? 14.557  -12.729 -14.293 0.46 36.52 ? 173 HOH A O   1 
HETATM 1156 O  O   . HOH D 4 .   ? 0.826   -11.886 2.525   0.75 38.93 ? 174 HOH A O   1 
HETATM 1157 O  O   . HOH D 4 .   ? 4.313   -0.093  -18.892 0.98 40.98 ? 175 HOH A O   1 
HETATM 1158 O  O   . HOH D 4 .   ? 2.859   -15.779 -6.581  1.00 30.81 ? 176 HOH A O   1 
HETATM 1159 O  O   . HOH D 4 .   ? 8.109   -12.723 -2.336  0.92 26.45 ? 177 HOH A O   1 
HETATM 1160 O  O   . HOH D 4 .   ? -11.676 13.811  0.131   0.72 28.49 ? 178 HOH A O   1 
HETATM 1161 O  O   . HOH D 4 .   ? -17.533 -0.281  13.301  1.00 35.90 ? 179 HOH A O   1 
HETATM 1162 O  O   . HOH D 4 .   ? 14.559  -1.426  0.801   0.96 32.21 ? 180 HOH A O   1 
HETATM 1163 O  O   . HOH D 4 .   ? -14.546 10.902  1.093   0.99 19.79 ? 181 HOH A O   1 
HETATM 1164 O  O   . HOH D 4 .   ? -16.300 4.609   -9.287  0.88 22.12 ? 182 HOH A O   1 
HETATM 1165 O  O   . HOH D 4 .   ? 0.239   7.472   -10.152 0.94 16.03 ? 183 HOH A O   1 
HETATM 1166 O  O   . HOH D 4 .   ? 8.485   15.644  2.681   0.98 39.99 ? 184 HOH A O   1 
HETATM 1167 O  O   . HOH D 4 .   ? 5.127   -18.002 -4.973  0.96 30.11 ? 185 HOH A O   1 
HETATM 1168 O  O   . HOH D 4 .   ? -17.316 10.656  9.554   0.74 17.55 ? 186 HOH A O   1 
HETATM 1169 O  O   . HOH D 4 .   ? 6.262   -11.920 -16.185 0.89 18.43 ? 187 HOH A O   1 
HETATM 1170 O  O   . HOH D 4 .   ? -8.889  8.421   -6.104  0.88 32.02 ? 188 HOH A O   1 
HETATM 1171 O  O   . HOH D 4 .   ? -9.001  6.613   -4.254  1.00 15.02 ? 189 HOH A O   1 
HETATM 1172 O  O   . HOH D 4 .   ? -16.032 4.237   -1.819  0.67 14.45 ? 190 HOH A O   1 
HETATM 1173 O  O   . HOH D 4 .   ? -15.214 1.632   -1.729  0.90 18.65 ? 191 HOH A O   1 
HETATM 1174 O  O   . HOH D 4 .   ? -3.966  -11.439 1.857   0.92 23.93 ? 192 HOH A O   1 
HETATM 1175 O  O   . HOH D 4 .   ? -17.304 -2.407  3.557   0.87 28.45 ? 193 HOH A O   1 
HETATM 1176 O  O   . HOH D 4 .   ? 14.980  4.280   4.024   0.92 20.76 ? 194 HOH A O   1 
HETATM 1177 O  O   . HOH D 4 .   ? 11.532  -7.544  -0.598  0.63 34.90 ? 195 HOH A O   1 
HETATM 1178 O  O   . HOH D 4 .   ? -10.533 -13.636 -7.635  0.79 29.90 ? 196 HOH A O   1 
HETATM 1179 O  O   . HOH D 4 .   ? -6.686  -11.519 4.637   0.93 51.34 ? 197 HOH A O   1 
HETATM 1180 O  O   . HOH D 4 .   ? 3.653   -9.188  6.768   0.95 38.62 ? 198 HOH A O   1 
HETATM 1181 O  O   . HOH D 4 .   ? -18.412 -4.815  -2.621  0.89 47.67 ? 199 HOH A O   1 
HETATM 1182 O  O   . HOH D 4 .   ? 7.025   7.637   -11.523 0.95 30.50 ? 200 HOH A O   1 
HETATM 1183 O  O   . HOH D 4 .   ? -0.561  -4.577  -17.094 0.90 42.36 ? 201 HOH A O   1 
HETATM 1184 O  O   . HOH D 4 .   ? -13.922 15.673  13.255  1.00 53.19 ? 202 HOH A O   1 
HETATM 1185 O  O   . HOH D 4 .   ? -5.340  -14.419 -13.541 0.79 38.18 ? 203 HOH A O   1 
HETATM 1186 O  O   . HOH D 4 .   ? -5.472  -9.174  -10.271 0.78 21.49 ? 204 HOH A O   1 
HETATM 1187 O  O   . HOH D 4 .   ? -3.443  -6.004  -17.019 0.77 37.21 ? 205 HOH A O   1 
HETATM 1188 O  O   . HOH D 4 .   ? -7.971  -12.418 -13.543 0.91 26.20 ? 206 HOH A O   1 
HETATM 1189 O  O   . HOH D 4 .   ? 1.703   11.215  15.080  0.78 40.40 ? 207 HOH A O   1 
HETATM 1190 O  O   . HOH D 4 .   ? 0.288   -0.552  16.783  0.87 32.83 ? 208 HOH A O   1 
HETATM 1191 O  O   . HOH D 4 .   ? 14.735  8.918   9.144   0.77 30.25 ? 209 HOH A O   1 
HETATM 1192 O  O   . HOH D 4 .   ? -2.029  3.044   16.849  1.00 49.44 ? 210 HOH A O   1 
HETATM 1193 O  O   . HOH D 4 .   ? -13.612 4.016   -9.183  1.00 17.73 ? 211 HOH A O   1 
HETATM 1194 O  O   . HOH D 4 .   ? -6.874  -9.041  2.076   0.66 35.12 ? 212 HOH A O   1 
HETATM 1195 O  O   . HOH D 4 .   ? -0.498  -1.535  -14.060 0.69 24.14 ? 300 HOH A O   1 
HETATM 1196 O  O   . HOH D 4 .   ? -12.451 11.590  -5.889  1.00 38.67 ? 301 HOH A O   1 
HETATM 1197 O  O   . HOH D 4 .   ? 8.567   -12.716 -6.409  1.00 50.50 ? 302 HOH A O   1 
HETATM 1198 O  O   . HOH D 4 .   ? -12.451 -2.590  -10.330 0.62 25.62 ? 303 HOH A O   1 
HETATM 1199 O  O   . HOH D 4 .   ? -5.078  13.185  -1.747  0.68 21.01 ? 304 HOH A O   1 
HETATM 1200 O  O   . HOH D 4 .   ? -15.919 7.578   -8.919  0.52 16.04 ? 305 HOH A O   1 
HETATM 1201 O  O   . HOH D 4 .   ? -1.397  -9.685  -6.228  1.00 54.35 ? 306 HOH A O   1 
HETATM 1202 O  O   . HOH D 4 .   ? -13.151 -5.209  -2.441  0.88 41.76 ? 307 HOH A O   1 
HETATM 1203 O  O   . HOH D 4 .   ? -5.467  -9.867  -12.872 0.96 38.28 ? 308 HOH A O   1 
HETATM 1204 O  O   . HOH D 4 .   ? 3.441   -2.872  -15.382 1.00 39.72 ? 309 HOH A O   1 
HETATM 1205 O  O   . HOH D 4 .   ? 6.761   -14.172 -8.170  0.61 25.76 ? 310 HOH A O   1 
HETATM 1206 O  O   . HOH D 4 .   ? -4.086  -13.085 -4.348  0.70 33.27 ? 311 HOH A O   1 
HETATM 1207 O  O   . HOH D 4 .   ? 4.067   -8.707  -19.089 0.88 52.69 ? 312 HOH A O   1 
HETATM 1208 O  O   . HOH D 4 .   ? 2.094   -8.657  -0.183  0.71 22.38 ? 313 HOH A O   1 
HETATM 1209 O  O   . HOH D 4 .   ? -13.838 -0.400  -15.506 1.00 75.48 ? 314 HOH A O   1 
HETATM 1210 O  O   . HOH D 4 .   ? -5.974  16.955  11.046  0.90 62.79 ? 315 HOH A O   1 
HETATM 1211 O  O   . HOH D 4 .   ? 16.779  -4.455  9.302   0.91 35.07 ? 316 HOH A O   1 
HETATM 1212 O  O   . HOH D 4 .   ? 18.751  -0.524  -1.146  0.81 63.57 ? 317 HOH A O   1 
HETATM 1213 O  O   . HOH D 4 .   ? 7.863   13.903  13.731  1.00 20.60 ? 318 HOH A O   1 
HETATM 1214 O  O   . HOH D 4 .   ? 8.046   -17.137 -6.551  1.00 62.59 ? 319 HOH A O   1 
HETATM 1215 O  O   . HOH D 4 .   ? -3.352  14.713  -0.077  0.79 43.60 ? 320 HOH A O   1 
HETATM 1216 O  O   . HOH D 4 .   ? -1.261  12.115  15.367  1.00 60.58 ? 321 HOH A O   1 
HETATM 1217 O  O   . HOH D 4 .   ? 16.208  -0.003  -3.740  0.89 30.47 ? 322 HOH A O   1 
HETATM 1218 O  O   . HOH D 4 .   ? -1.100  13.814  -7.861  0.96 34.37 ? 323 HOH A O   1 
HETATM 1219 O  O   . HOH D 4 .   ? 8.262   8.695   1.999   0.77 26.98 ? 324 HOH A O   1 
# 
